data_8GF6
#
_entry.id   8GF6
#
_cell.length_a   1.00
_cell.length_b   1.00
_cell.length_c   1.00
_cell.angle_alpha   90.00
_cell.angle_beta   90.00
_cell.angle_gamma   90.00
#
_symmetry.space_group_name_H-M   'P 1'
#
loop_
_entity.id
_entity.type
_entity.pdbx_description
1 polymer 'Methyl-coenzyme M reductase subunit alpha'
2 polymer 'Methyl-coenzyme M reductase subunit beta'
3 polymer 'Methyl-coenzyme M reductase subunit gamma'
4 polymer 'Methyl coenzyme M reductase, subunit D'
#
loop_
_entity_poly.entity_id
_entity_poly.type
_entity_poly.pdbx_seq_one_letter_code
_entity_poly.pdbx_strand_id
1 'polypeptide(L)'
;MAADIFAKFKKSMEVKFTQEYGSNKQAGGDITGKTEKFLRLGPEQDARKQEMIKAGKEIAEKRGIAFYNPMMHMGAPLGQ
RAITPYTISGTDIVAEPDDLHYVNNAAMQQMWDDIRRTCIVGLDMAHETLEKRLGKEVTPETINHYLETLNHAMPGAAVV
QEMMVETHPALVDDCYVKIFTGDDELADEIDKQYVINVNKMFSEEQAAQIKASIGKTTWQAIHIPTIVSRTTDGAQTSRW
AAMQIGMSFISAYAMCAGEAAVADLSFAAK(MHS)AALVSMGEMLPAR(AGM)ARGPNEPGGLSFGHLSDIVQTSRVSKD
PAKIALEVVGAGCMLYDQIWLGSYMSGGVGFTQYATAAYTDDILDNNTYYDVDYINDKYNGAANLGTDNKVKATLDVVKD
IATESTLYGIETYEKFPTALEDHFGGSQRATVLAAASGVACALATGNANAGLSGWYLSMYVHKEAWGRLGFFGFDLQDQ
(SMC)GATNVLSYQGDEGLPDELRGPNYPNYAMNVGHQGGYAGIAQAAHSGRGDAFTVNPLLKVCFADELMPFNFAEPRR
EFGRGAIREFMPAGERSLVIPAK
;
A,B
2 'polypeptide(L)'
;MSDTVDIYDDRGKLLESNVDIMSLAPTRNAAIKKIILDTKRSVAVSLAGIQGALASGKMGGKGRQILGRGLNYDLVGNAD
AIAENVKNLVQVDEGDDTSVKVIKGGKSLLIQAPSSRIAAGADYMSATTVGAAAVTQTIIDMFGTDMYDAPIAKSAVWGS
YPQTMDLMGGNVQGVLSIPQNNEGLGFSLRNIMANHIAAITSRGAMNAAALSSIYEQSGIFEMGGAVGMFERHQLLGLAC
QGLNANNVVYDIVKENGKDGTIGTVIESIVGRAVEDGVISVDKTAPSGYKFYKANDVPMWNAYAAAGTLAATFVNCGAGR
AAQNVSSTLLYFNDILEKETGLPGCDYGKVQGVAVGFSFFSHSIYGGGGPGVFNGNHVVTRHSRGFAIPCVCAAVALDAG
TQMFTIESTSGLIGDVFGSIEEFRQPIKAVAGAL
;
C,D
3 'polypeptide(L)'
;MAYEAQYYPGATSVGANRRKHMSGKLEKLREISDEDLTAVLGHRAPGSDYPSTHPPLAEMGEPACSIREAVAATPGAAAG
DRVRYVQFADSMYNAPATPYFRSYFAAINFRGVDPGTLSGRQIVEARERDMEQCAKVQMETEMTDPALAGMRGATVHGHS
VRLQEDGVMFDMLDRRRLEGGVIIMDKDQVAIPLDRKVNLGKPMSSEEAAKRTTIYRVDNVAFRDDAEVIEWVHRVFDQR
TSYGFQPK
;
E,F
4 'polypeptide(L)'
;MDYKDDDDKGGGWSHPQFEKGGGMSDSASNTEDSIQIEIFPSRILSPETAQKLISELYQVDGIIRVMVQGPRLPERVSAG
PGTGEKVEHPLRKPIQIGDQVIELKISVGRIRLEIENAETKEKVRSVCDKMLPFSFEFREGHFLRRKPTVTDYAKLGPET
DPRLLGMVDPKAKVNQLVFIEKREKEDDTDKDE
;
X
#
# COMPACT_ATOMS: atom_id res chain seq x y z
N ASP A 92 40.64 -10.22 8.85
CA ASP A 92 40.96 -11.27 9.80
C ASP A 92 40.39 -12.63 9.36
N ILE A 93 39.09 -12.67 9.08
CA ILE A 93 38.43 -13.87 8.58
C ILE A 93 37.85 -13.56 7.22
N VAL A 94 38.40 -12.53 6.55
CA VAL A 94 37.79 -11.97 5.35
C VAL A 94 37.88 -12.97 4.21
N ALA A 95 36.82 -13.01 3.40
CA ALA A 95 36.68 -14.00 2.34
C ALA A 95 36.37 -13.34 1.02
N GLU A 96 35.94 -14.13 0.04
CA GLU A 96 35.62 -13.63 -1.28
C GLU A 96 34.38 -12.72 -1.25
N PRO A 97 34.28 -11.74 -2.14
CA PRO A 97 33.01 -11.01 -2.27
C PRO A 97 31.88 -11.84 -2.81
N ASP A 98 32.19 -13.00 -3.43
CA ASP A 98 31.16 -13.85 -4.01
C ASP A 98 30.22 -14.40 -2.94
N ASP A 99 30.75 -14.83 -1.81
CA ASP A 99 29.92 -15.40 -0.76
C ASP A 99 29.57 -14.39 0.31
N LEU A 100 29.47 -13.12 -0.09
CA LEU A 100 29.10 -12.05 0.82
C LEU A 100 27.83 -11.38 0.31
N HIS A 101 27.48 -11.58 -0.98
CA HIS A 101 26.22 -11.09 -1.52
C HIS A 101 25.07 -11.58 -0.66
N TYR A 102 24.02 -10.76 -0.56
CA TYR A 102 23.08 -10.89 0.57
C TYR A 102 22.26 -12.17 0.47
N VAL A 103 22.04 -12.68 -0.73
CA VAL A 103 21.34 -13.95 -0.86
C VAL A 103 22.28 -15.10 -0.54
N ASN A 104 23.58 -14.87 -0.59
CA ASN A 104 24.58 -15.92 -0.47
C ASN A 104 25.17 -15.97 0.92
N ASN A 105 24.57 -15.26 1.86
CA ASN A 105 25.15 -14.98 3.17
C ASN A 105 24.03 -15.04 4.18
N ALA A 106 24.19 -15.86 5.22
CA ALA A 106 23.07 -16.10 6.13
C ALA A 106 22.79 -14.88 7.01
N ALA A 107 23.84 -14.27 7.58
CA ALA A 107 23.66 -13.25 8.61
C ALA A 107 23.08 -11.96 8.07
N MET A 108 23.39 -11.62 6.82
CA MET A 108 22.66 -10.60 6.07
C MET A 108 21.16 -10.78 6.23
N GLN A 109 20.70 -11.97 5.84
CA GLN A 109 19.29 -12.30 5.85
C GLN A 109 18.74 -12.35 7.26
N GLN A 110 19.53 -12.83 8.22
CA GLN A 110 18.96 -12.98 9.55
C GLN A 110 18.87 -11.66 10.27
N MET A 111 19.79 -10.71 10.03
CA MET A 111 19.59 -9.43 10.68
C MET A 111 18.47 -8.65 10.02
N TRP A 112 18.27 -8.81 8.70
CA TRP A 112 17.11 -8.14 8.15
C TRP A 112 15.83 -8.81 8.58
N ASP A 113 15.86 -10.12 8.82
CA ASP A 113 14.67 -10.79 9.33
C ASP A 113 14.38 -10.37 10.76
N ASP A 114 15.43 -10.19 11.57
CA ASP A 114 15.25 -9.75 12.95
C ASP A 114 14.71 -8.33 13.03
N ILE A 115 15.16 -7.47 12.11
CA ILE A 115 14.64 -6.11 12.07
C ILE A 115 13.22 -6.10 11.55
N ARG A 116 12.90 -6.97 10.60
CA ARG A 116 11.57 -6.94 10.01
C ARG A 116 10.53 -7.72 10.80
N ARG A 117 10.93 -8.50 11.80
CA ARG A 117 9.95 -9.25 12.58
C ARG A 117 9.63 -8.63 13.93
N THR A 118 10.33 -7.57 14.33
CA THR A 118 10.18 -7.00 15.66
C THR A 118 9.25 -5.80 15.63
N CYS A 119 8.33 -5.74 16.58
CA CYS A 119 7.52 -4.54 16.80
C CYS A 119 7.45 -4.26 18.30
N ILE A 120 7.23 -3.00 18.62
CA ILE A 120 7.19 -2.51 20.00
C ILE A 120 5.80 -1.95 20.26
N VAL A 121 5.16 -2.41 21.32
CA VAL A 121 3.77 -2.07 21.59
C VAL A 121 3.70 -1.41 22.97
N GLY A 122 3.02 -0.27 23.04
CA GLY A 122 2.82 0.37 24.33
C GLY A 122 1.84 -0.40 25.20
N LEU A 123 2.09 -0.37 26.50
CA LEU A 123 1.38 -1.28 27.40
C LEU A 123 0.69 -0.53 28.52
N ASP A 124 1.08 0.72 28.77
CA ASP A 124 0.63 1.38 29.98
C ASP A 124 -0.80 1.88 29.89
N MET A 125 -1.21 2.43 28.74
CA MET A 125 -2.55 2.98 28.71
C MET A 125 -3.60 1.90 28.48
N ALA A 126 -3.20 0.70 28.06
CA ALA A 126 -4.08 -0.47 28.19
C ALA A 126 -4.37 -0.76 29.65
N HIS A 127 -3.35 -0.65 30.52
CA HIS A 127 -3.57 -0.80 31.94
C HIS A 127 -4.40 0.34 32.50
N GLU A 128 -4.28 1.53 31.91
CA GLU A 128 -5.13 2.64 32.32
C GLU A 128 -6.59 2.35 31.98
N THR A 129 -6.83 1.74 30.83
CA THR A 129 -8.19 1.28 30.48
C THR A 129 -8.68 0.23 31.47
N LEU A 130 -7.83 -0.75 31.81
CA LEU A 130 -8.20 -1.82 32.73
C LEU A 130 -8.50 -1.28 34.13
N GLU A 131 -7.71 -0.32 34.61
CA GLU A 131 -7.99 0.37 35.86
C GLU A 131 -9.28 1.17 35.78
N LYS A 132 -9.47 1.96 34.73
CA LYS A 132 -10.50 2.98 34.74
C LYS A 132 -11.88 2.38 34.50
N ARG A 133 -12.03 1.54 33.48
CA ARG A 133 -13.36 1.06 33.15
C ARG A 133 -13.39 -0.43 32.79
N LEU A 134 -12.53 -1.20 33.43
CA LEU A 134 -12.74 -2.64 33.54
C LEU A 134 -12.88 -3.10 34.98
N GLY A 135 -12.62 -2.23 35.96
CA GLY A 135 -12.82 -2.56 37.35
C GLY A 135 -11.79 -3.51 37.91
N LYS A 136 -10.73 -3.80 37.17
CA LYS A 136 -9.73 -4.76 37.58
C LYS A 136 -8.42 -4.04 37.84
N GLU A 137 -7.83 -4.31 39.00
CA GLU A 137 -6.63 -3.63 39.43
C GLU A 137 -5.42 -4.39 38.90
N VAL A 138 -4.65 -3.75 38.03
CA VAL A 138 -3.48 -4.39 37.43
C VAL A 138 -2.36 -4.42 38.48
N THR A 139 -1.73 -5.57 38.62
CA THR A 139 -0.69 -5.82 39.60
C THR A 139 0.49 -6.40 38.85
N PRO A 140 1.69 -6.38 39.46
CA PRO A 140 2.80 -7.13 38.87
C PRO A 140 2.55 -8.62 38.71
N GLU A 141 1.69 -9.22 39.53
CA GLU A 141 1.34 -10.63 39.30
C GLU A 141 0.52 -10.79 38.04
N THR A 142 -0.42 -9.88 37.80
CA THR A 142 -1.17 -9.90 36.55
C THR A 142 -0.26 -9.65 35.35
N ILE A 143 0.74 -8.76 35.52
CA ILE A 143 1.73 -8.52 34.49
C ILE A 143 2.51 -9.78 34.18
N ASN A 144 2.96 -10.49 35.22
CA ASN A 144 3.73 -11.71 35.02
C ASN A 144 2.91 -12.75 34.29
N HIS A 145 1.67 -12.97 34.73
CA HIS A 145 0.79 -13.95 34.10
C HIS A 145 0.50 -13.61 32.66
N TYR A 146 0.28 -12.32 32.36
CA TYR A 146 0.29 -11.82 30.99
C TYR A 146 1.55 -12.20 30.21
N LEU A 147 2.70 -12.17 30.86
CA LEU A 147 3.92 -12.48 30.12
C LEU A 147 4.05 -13.98 29.83
N GLU A 148 3.66 -14.86 30.78
CA GLU A 148 3.70 -16.28 30.40
C GLU A 148 2.62 -16.61 29.39
N THR A 149 1.51 -15.88 29.39
CA THR A 149 0.49 -16.13 28.37
C THR A 149 0.98 -15.68 27.00
N LEU A 150 1.54 -14.48 26.91
CA LEU A 150 1.90 -13.91 25.61
C LEU A 150 3.17 -14.55 25.05
N ASN A 151 4.10 -15.02 25.86
CA ASN A 151 5.36 -15.54 25.35
C ASN A 151 5.25 -16.94 24.83
N HIS A 152 4.29 -17.69 25.30
CA HIS A 152 4.10 -19.02 24.76
C HIS A 152 2.96 -19.06 23.76
N ALA A 153 2.30 -17.93 23.56
CA ALA A 153 1.23 -17.88 22.59
C ALA A 153 1.69 -17.50 21.23
N MET A 154 2.98 -17.21 21.05
CA MET A 154 3.43 -16.73 19.74
C MET A 154 3.24 -17.69 18.59
N PRO A 155 3.47 -18.99 18.79
CA PRO A 155 3.17 -19.89 17.68
C PRO A 155 1.68 -20.19 17.47
N GLY A 156 0.79 -19.21 17.57
CA GLY A 156 -0.61 -19.40 17.26
C GLY A 156 -1.39 -20.25 18.23
N ALA A 157 -0.87 -20.42 19.45
CA ALA A 157 -1.47 -21.32 20.43
C ALA A 157 -2.65 -20.63 21.10
N ALA A 158 -3.25 -21.30 22.08
CA ALA A 158 -4.40 -20.77 22.79
C ALA A 158 -3.95 -19.91 23.97
N THR A 167 0.39 -22.61 15.36
CA THR A 167 1.31 -22.99 14.29
C THR A 167 2.01 -24.25 14.65
N HIS A 168 3.28 -24.34 14.27
CA HIS A 168 4.04 -25.50 14.64
C HIS A 168 4.87 -25.10 15.82
N PRO A 169 4.80 -25.89 16.89
CA PRO A 169 5.62 -25.59 18.05
C PRO A 169 7.07 -25.69 17.68
N ALA A 170 7.44 -26.71 16.92
CA ALA A 170 8.85 -26.86 16.61
C ALA A 170 9.45 -25.77 15.73
N LEU A 171 8.75 -25.39 14.66
CA LEU A 171 9.29 -24.38 13.73
C LEU A 171 9.41 -23.05 14.36
N VAL A 172 8.40 -22.68 15.10
CA VAL A 172 8.39 -21.37 15.66
C VAL A 172 8.97 -21.43 17.02
N ASP A 173 10.10 -20.77 17.21
CA ASP A 173 10.76 -20.84 18.47
C ASP A 173 11.44 -19.55 18.70
N ASP A 174 11.76 -18.86 17.62
CA ASP A 174 12.40 -17.59 17.74
C ASP A 174 11.33 -16.59 18.04
N CYS A 175 10.53 -16.88 19.05
CA CYS A 175 9.41 -15.99 19.34
C CYS A 175 9.35 -15.82 20.85
N TYR A 176 9.40 -14.56 21.30
CA TYR A 176 9.23 -14.24 22.70
C TYR A 176 8.88 -12.77 22.82
N VAL A 177 8.20 -12.44 23.90
CA VAL A 177 7.87 -11.05 24.21
C VAL A 177 8.55 -10.70 25.53
N LYS A 178 9.36 -9.65 25.51
CA LYS A 178 10.05 -9.15 26.68
C LYS A 178 9.52 -7.77 27.02
N ILE A 179 9.78 -7.33 28.25
CA ILE A 179 9.30 -6.05 28.72
C ILE A 179 10.49 -5.22 29.19
N PHE A 180 10.33 -3.90 29.13
CA PHE A 180 11.28 -2.97 29.72
C PHE A 180 10.51 -1.73 30.15
N THR A 181 10.89 -1.17 31.30
CA THR A 181 10.20 0.01 31.82
C THR A 181 11.21 1.09 32.12
N GLY A 182 10.73 2.33 32.13
CA GLY A 182 11.51 3.45 32.60
C GLY A 182 11.10 3.82 34.01
N ASP A 183 10.62 2.82 34.75
CA ASP A 183 10.08 3.03 36.08
C ASP A 183 10.44 1.81 36.91
N ASP A 184 11.43 1.95 37.78
CA ASP A 184 11.95 0.85 38.59
C ASP A 184 10.97 0.38 39.65
N GLU A 185 9.87 1.11 39.87
CA GLU A 185 8.91 0.74 40.90
C GLU A 185 8.24 -0.59 40.60
N LEU A 186 8.10 -0.94 39.32
CA LEU A 186 7.56 -2.24 38.94
C LEU A 186 8.53 -3.08 38.14
N ALA A 187 9.75 -2.59 37.89
CA ALA A 187 10.70 -3.35 37.08
C ALA A 187 11.30 -4.51 37.84
N ASP A 188 11.23 -4.50 39.16
CA ASP A 188 11.80 -5.57 39.97
C ASP A 188 10.82 -6.69 40.28
N GLU A 189 9.54 -6.38 40.42
CA GLU A 189 8.55 -7.41 40.70
C GLU A 189 8.23 -8.27 39.48
N ILE A 190 8.56 -7.80 38.28
CA ILE A 190 8.41 -8.59 37.07
C ILE A 190 9.45 -9.71 37.07
N ASP A 191 9.06 -10.87 36.54
CA ASP A 191 9.94 -12.03 36.45
C ASP A 191 11.19 -11.71 35.65
N LYS A 192 12.30 -12.32 36.06
CA LYS A 192 13.61 -12.02 35.50
C LYS A 192 13.84 -12.71 34.16
N GLN A 193 12.90 -13.54 33.71
CA GLN A 193 13.00 -14.15 32.41
C GLN A 193 12.23 -13.42 31.32
N TYR A 194 11.51 -12.34 31.66
CA TYR A 194 10.75 -11.57 30.68
C TYR A 194 11.06 -10.08 30.74
N VAL A 195 12.15 -9.69 31.42
CA VAL A 195 12.43 -8.29 31.67
C VAL A 195 13.78 -7.91 31.08
N ILE A 196 13.88 -6.65 30.65
CA ILE A 196 15.13 -6.06 30.16
C ILE A 196 15.38 -4.82 31.02
N ASN A 197 16.32 -4.92 31.95
CA ASN A 197 16.60 -3.75 32.79
C ASN A 197 17.44 -2.73 32.02
N VAL A 198 16.93 -1.50 31.97
CA VAL A 198 17.70 -0.40 31.42
C VAL A 198 18.90 -0.10 32.31
N ASN A 199 18.74 -0.30 33.62
CA ASN A 199 19.86 -0.16 34.55
C ASN A 199 20.94 -1.21 34.32
N LYS A 200 20.58 -2.46 34.10
CA LYS A 200 21.56 -3.53 34.01
C LYS A 200 22.37 -3.48 32.72
N MET A 201 21.72 -3.25 31.59
CA MET A 201 22.38 -3.41 30.30
C MET A 201 23.17 -2.18 29.89
N PHE A 202 22.99 -1.06 30.58
CA PHE A 202 23.56 0.22 30.19
C PHE A 202 24.43 0.78 31.32
N SER A 203 25.17 1.83 30.98
CA SER A 203 25.85 2.61 32.00
C SER A 203 24.85 3.56 32.65
N GLU A 204 25.31 4.25 33.71
CA GLU A 204 24.38 5.01 34.54
C GLU A 204 23.83 6.24 33.82
N GLU A 205 24.68 7.00 33.13
CA GLU A 205 24.20 8.20 32.46
C GLU A 205 23.38 7.87 31.23
N GLN A 206 23.72 6.78 30.54
CA GLN A 206 22.92 6.33 29.40
C GLN A 206 21.54 5.87 29.85
N ALA A 207 21.48 5.12 30.94
CA ALA A 207 20.20 4.70 31.51
C ALA A 207 19.39 5.89 32.01
N ALA A 208 20.06 6.90 32.55
CA ALA A 208 19.36 8.10 33.00
C ALA A 208 18.76 8.85 31.82
N GLN A 209 19.49 8.94 30.71
CA GLN A 209 18.94 9.57 29.51
C GLN A 209 17.76 8.79 28.95
N ILE A 210 17.85 7.45 28.98
CA ILE A 210 16.76 6.61 28.49
C ILE A 210 15.51 6.80 29.34
N LYS A 211 15.67 6.81 30.66
CA LYS A 211 14.53 6.97 31.55
C LYS A 211 13.93 8.36 31.46
N ALA A 212 14.76 9.39 31.29
CA ALA A 212 14.22 10.73 31.11
C ALA A 212 13.51 10.88 29.78
N SER A 213 13.96 10.14 28.76
CA SER A 213 13.29 10.23 27.46
C SER A 213 11.94 9.54 27.48
N ILE A 214 11.87 8.34 28.05
CA ILE A 214 10.60 7.61 28.03
C ILE A 214 9.70 7.94 29.22
N GLY A 215 10.25 8.47 30.30
CA GLY A 215 9.42 8.64 31.46
C GLY A 215 9.23 7.32 32.20
N LYS A 216 8.03 7.16 32.76
CA LYS A 216 7.72 6.05 33.65
C LYS A 216 6.86 4.99 32.96
N THR A 217 6.90 4.93 31.64
CA THR A 217 6.02 4.06 30.87
C THR A 217 6.58 2.65 30.78
N THR A 218 5.70 1.72 30.44
CA THR A 218 6.05 0.32 30.24
C THR A 218 5.87 -0.03 28.77
N TRP A 219 6.83 -0.75 28.20
CA TRP A 219 6.79 -1.15 26.81
C TRP A 219 7.18 -2.60 26.67
N GLN A 220 6.50 -3.30 25.76
CA GLN A 220 6.77 -4.70 25.49
C GLN A 220 7.39 -4.87 24.11
N ALA A 221 8.39 -5.73 24.03
CA ALA A 221 9.13 -5.98 22.80
C ALA A 221 8.72 -7.33 22.23
N ILE A 222 8.13 -7.32 21.04
CA ILE A 222 7.50 -8.50 20.46
C ILE A 222 8.30 -8.95 19.25
N HIS A 223 8.65 -10.23 19.21
CA HIS A 223 9.32 -10.83 18.06
C HIS A 223 8.49 -12.01 17.58
N ILE A 224 7.86 -11.87 16.42
CA ILE A 224 6.98 -12.89 15.87
C ILE A 224 7.88 -13.93 15.20
N PRO A 225 7.41 -15.12 14.79
CA PRO A 225 8.31 -16.08 14.16
C PRO A 225 8.87 -15.58 12.84
N THR A 226 10.07 -16.08 12.50
CA THR A 226 10.73 -15.67 11.28
C THR A 226 10.05 -16.26 10.04
N ILE A 227 9.47 -17.46 10.16
CA ILE A 227 8.84 -18.12 9.03
C ILE A 227 7.66 -17.30 8.53
N VAL A 228 6.93 -16.69 9.46
CA VAL A 228 5.82 -15.81 9.13
C VAL A 228 6.30 -14.59 8.36
N SER A 229 7.43 -14.02 8.77
CA SER A 229 7.99 -12.86 8.09
C SER A 229 8.68 -13.22 6.79
N ARG A 230 9.00 -14.49 6.57
CA ARG A 230 9.60 -14.94 5.32
C ARG A 230 8.56 -15.37 4.30
N THR A 231 7.39 -15.82 4.77
CA THR A 231 6.37 -16.31 3.85
C THR A 231 5.77 -15.16 3.03
N THR A 232 5.10 -14.23 3.69
CA THR A 232 4.79 -12.97 3.05
C THR A 232 5.72 -11.90 3.60
N ASP A 233 5.45 -10.65 3.26
CA ASP A 233 6.28 -9.53 3.69
C ASP A 233 6.17 -9.33 5.19
N GLY A 234 7.08 -8.53 5.74
CA GLY A 234 7.09 -8.27 7.17
C GLY A 234 6.13 -7.17 7.58
N ALA A 235 5.03 -7.04 6.85
CA ALA A 235 4.00 -6.07 7.16
C ALA A 235 2.82 -6.69 7.90
N GLN A 236 2.89 -7.98 8.23
CA GLN A 236 1.90 -8.52 9.14
C GLN A 236 2.45 -8.72 10.55
N THR A 237 3.62 -8.16 10.86
CA THR A 237 4.10 -8.21 12.24
C THR A 237 3.16 -7.44 13.16
N SER A 238 2.68 -6.30 12.68
CA SER A 238 1.72 -5.49 13.42
C SER A 238 0.44 -6.27 13.70
N ARG A 239 -0.11 -6.89 12.66
CA ARG A 239 -1.39 -7.58 12.80
C ARG A 239 -1.26 -8.89 13.55
N TRP A 240 -0.14 -9.60 13.37
CA TRP A 240 0.14 -10.81 14.11
C TRP A 240 0.27 -10.53 15.61
N ALA A 241 1.11 -9.56 15.97
CA ALA A 241 1.27 -9.22 17.38
C ALA A 241 0.00 -8.59 17.94
N ALA A 242 -0.79 -7.92 17.09
CA ALA A 242 -2.07 -7.38 17.52
C ALA A 242 -3.01 -8.50 17.97
N MET A 243 -3.20 -9.51 17.10
CA MET A 243 -4.08 -10.60 17.49
C MET A 243 -3.53 -11.38 18.68
N GLN A 244 -2.19 -11.43 18.82
CA GLN A 244 -1.60 -12.17 19.92
C GLN A 244 -1.82 -11.46 21.25
N ILE A 245 -1.62 -10.15 21.31
CA ILE A 245 -1.80 -9.47 22.58
C ILE A 245 -3.29 -9.29 22.90
N GLY A 246 -4.15 -9.25 21.89
CA GLY A 246 -5.58 -9.27 22.16
C GLY A 246 -6.01 -10.57 22.80
N MET A 247 -5.55 -11.69 22.24
CA MET A 247 -5.82 -13.00 22.81
C MET A 247 -5.21 -13.14 24.20
N SER A 248 -4.08 -12.48 24.46
CA SER A 248 -3.47 -12.62 25.79
C SER A 248 -4.15 -11.77 26.86
N PHE A 249 -4.64 -10.57 26.53
CA PHE A 249 -5.59 -9.90 27.45
C PHE A 249 -6.81 -10.76 27.75
N ILE A 250 -7.45 -11.29 26.72
CA ILE A 250 -8.70 -12.04 26.95
C ILE A 250 -8.43 -13.31 27.74
N SER A 251 -7.27 -13.94 27.53
CA SER A 251 -6.95 -15.15 28.28
C SER A 251 -6.52 -14.83 29.70
N ALA A 252 -5.53 -13.95 29.88
CA ALA A 252 -4.91 -13.76 31.18
C ALA A 252 -5.80 -12.98 32.13
N TYR A 253 -6.47 -11.94 31.64
CA TYR A 253 -7.17 -11.06 32.57
C TYR A 253 -8.64 -11.40 32.72
N ALA A 254 -9.12 -12.46 32.07
CA ALA A 254 -10.44 -13.05 32.30
C ALA A 254 -11.58 -12.07 32.00
N MET A 255 -11.68 -11.71 30.73
CA MET A 255 -12.86 -11.06 30.18
C MET A 255 -13.50 -11.94 29.12
N CYS A 256 -14.79 -11.73 28.88
CA CYS A 256 -15.43 -12.33 27.73
C CYS A 256 -14.99 -11.62 26.45
N ALA A 257 -15.20 -12.29 25.33
CA ALA A 257 -14.99 -11.68 24.02
C ALA A 257 -16.32 -11.14 23.54
N GLY A 258 -16.33 -9.89 23.09
CA GLY A 258 -17.54 -9.29 22.58
C GLY A 258 -18.20 -8.31 23.51
N GLU A 259 -17.42 -7.43 24.14
CA GLU A 259 -17.97 -6.38 25.00
C GLU A 259 -17.38 -5.05 24.60
N ALA A 260 -18.12 -3.98 24.91
CA ALA A 260 -17.70 -2.63 24.55
C ALA A 260 -16.46 -2.22 25.33
N ALA A 261 -16.38 -2.59 26.62
CA ALA A 261 -15.17 -2.34 27.39
C ALA A 261 -14.02 -3.19 26.87
N VAL A 262 -14.32 -4.40 26.38
CA VAL A 262 -13.31 -5.21 25.73
C VAL A 262 -12.85 -4.56 24.43
N ALA A 263 -13.77 -3.88 23.73
CA ALA A 263 -13.38 -3.14 22.52
C ALA A 263 -12.49 -1.95 22.84
N ASP A 264 -12.80 -1.24 23.92
CA ASP A 264 -11.97 -0.12 24.35
C ASP A 264 -10.58 -0.62 24.74
N LEU A 265 -10.51 -1.75 25.46
CA LEU A 265 -9.23 -2.40 25.73
C LEU A 265 -8.54 -2.85 24.46
N SER A 266 -9.32 -3.29 23.46
CA SER A 266 -8.74 -3.78 22.22
C SER A 266 -8.03 -2.66 21.47
N PHE A 267 -8.65 -1.49 21.39
CA PHE A 267 -7.96 -0.36 20.78
C PHE A 267 -6.83 0.16 21.65
N ALA A 268 -6.99 0.11 22.97
CA ALA A 268 -5.92 0.55 23.85
C ALA A 268 -4.73 -0.40 23.85
N ALA A 269 -4.91 -1.63 23.38
CA ALA A 269 -3.85 -2.63 23.48
C ALA A 269 -2.81 -2.43 22.39
N LYS A 270 -3.25 -2.26 21.16
CA LYS A 270 -2.41 -2.58 20.01
C LYS A 270 -2.35 -1.50 18.94
N MHS A 271 -3.39 -0.69 18.82
CA MHS A 271 -3.38 0.32 17.79
C MHS A 271 -3.56 1.69 18.40
O MHS A 271 -4.11 2.65 17.85
CB MHS A 271 -4.46 0.13 16.70
CG MHS A 271 -4.75 -1.29 16.45
ND1 MHS A 271 -3.95 -2.27 15.81
CD2 MHS A 271 -5.94 -1.97 16.83
CE1 MHS A 271 -4.68 -3.46 15.83
NE2 MHS A 271 -5.87 -3.30 16.44
CM MHS A 271 -2.65 -2.15 15.23
N ALA A 272 -3.05 1.80 19.61
CA ALA A 272 -2.96 3.08 20.29
C ALA A 272 -1.51 3.49 20.39
N ALA A 273 -0.68 2.58 20.90
CA ALA A 273 0.75 2.82 21.03
C ALA A 273 1.47 1.63 20.39
N LEU A 274 1.65 1.70 19.08
CA LEU A 274 2.41 0.74 18.30
C LEU A 274 3.62 1.44 17.72
N VAL A 275 4.80 0.90 17.99
CA VAL A 275 6.03 1.45 17.43
C VAL A 275 6.51 0.46 16.38
N SER A 276 6.42 0.86 15.12
CA SER A 276 6.86 0.03 14.02
C SER A 276 8.25 0.47 13.58
N MET A 277 8.94 -0.44 12.87
CA MET A 277 10.30 -0.17 12.45
C MET A 277 10.33 0.89 11.35
N GLY A 278 9.44 0.75 10.36
CA GLY A 278 9.26 1.75 9.35
C GLY A 278 7.79 1.94 9.08
N GLU A 279 7.47 2.94 8.28
CA GLU A 279 6.09 3.25 7.99
C GLU A 279 5.80 2.98 6.51
N MET A 280 4.61 3.38 6.07
CA MET A 280 4.21 3.14 4.70
C MET A 280 5.05 3.98 3.73
N LEU A 281 4.96 3.61 2.47
CA LEU A 281 5.83 4.15 1.43
C LEU A 281 5.03 4.93 0.40
N PRO A 282 5.67 5.90 -0.26
CA PRO A 282 4.99 6.67 -1.31
C PRO A 282 4.74 5.91 -2.60
N ALA A 283 4.41 6.69 -3.64
CA ALA A 283 3.80 6.25 -4.90
C ALA A 283 4.37 4.98 -5.53
N ARG A 284 5.61 5.05 -6.00
CA ARG A 284 6.15 4.02 -6.88
C ARG A 284 6.45 2.74 -6.14
N AGM A 285 7.32 2.84 -5.13
CA AGM A 285 7.71 1.69 -4.36
CB AGM A 285 9.19 1.83 -3.96
CG AGM A 285 9.48 3.22 -3.44
CD AGM A 285 10.35 4.14 -4.33
CE2 AGM A 285 11.42 3.34 -5.06
NE1 AGM A 285 10.91 5.20 -3.48
CZ AGM A 285 10.21 6.26 -2.95
NH1 AGM A 285 8.88 6.50 -3.16
NH2 AGM A 285 10.91 7.17 -2.16
C AGM A 285 6.88 1.50 -3.11
O AGM A 285 7.33 1.42 -1.98
N ALA A 286 5.57 1.40 -3.33
CA ALA A 286 4.59 1.49 -2.25
C ALA A 286 4.53 0.29 -1.31
N ARG A 287 5.61 0.00 -0.61
CA ARG A 287 5.57 -1.09 0.35
C ARG A 287 4.88 -0.64 1.63
N GLY A 288 4.56 -1.61 2.47
CA GLY A 288 3.91 -1.33 3.73
C GLY A 288 4.91 -1.03 4.82
N PRO A 289 4.49 -1.14 6.07
CA PRO A 289 5.40 -0.87 7.18
C PRO A 289 6.46 -1.94 7.29
N ASN A 290 7.52 -1.60 8.04
CA ASN A 290 8.59 -2.52 8.43
C ASN A 290 9.34 -3.07 7.22
N GLU A 291 9.83 -2.14 6.39
CA GLU A 291 10.55 -2.34 5.15
C GLU A 291 11.81 -1.48 5.19
N PRO A 292 12.85 -1.78 4.38
CA PRO A 292 14.08 -0.98 4.49
C PRO A 292 13.92 0.44 3.98
N GLY A 293 12.88 0.72 3.22
CA GLY A 293 12.64 2.10 2.80
C GLY A 293 12.24 3.00 3.95
N GLY A 294 11.40 2.50 4.86
CA GLY A 294 10.97 3.31 5.97
C GLY A 294 11.89 3.31 7.17
N LEU A 295 12.88 2.43 7.19
CA LEU A 295 13.78 2.30 8.34
C LEU A 295 14.77 3.46 8.29
N SER A 296 14.51 4.49 9.11
CA SER A 296 15.29 5.71 9.09
C SER A 296 16.70 5.47 9.60
N PHE A 297 17.58 6.46 9.38
CA PHE A 297 18.98 6.30 9.76
C PHE A 297 19.16 6.30 11.26
N GLY A 298 18.35 7.08 11.98
CA GLY A 298 18.37 7.00 13.43
C GLY A 298 17.88 5.66 13.94
N HIS A 299 16.92 5.06 13.25
CA HIS A 299 16.45 3.74 13.62
C HIS A 299 17.55 2.70 13.49
N LEU A 300 18.32 2.74 12.41
CA LEU A 300 19.37 1.75 12.26
C LEU A 300 20.54 2.05 13.19
N SER A 301 20.73 3.32 13.53
CA SER A 301 21.70 3.66 14.55
C SER A 301 21.31 3.11 15.92
N ASP A 302 20.02 3.15 16.25
CA ASP A 302 19.51 2.63 17.51
C ASP A 302 19.39 1.12 17.52
N ILE A 303 19.19 0.49 16.36
CA ILE A 303 19.05 -0.95 16.30
C ILE A 303 20.36 -1.62 16.64
N VAL A 304 21.47 -1.15 16.08
CA VAL A 304 22.76 -1.71 16.46
C VAL A 304 23.17 -1.15 17.82
N GLN A 305 23.87 -1.97 18.59
CA GLN A 305 24.04 -1.73 20.02
C GLN A 305 25.50 -1.56 20.40
N THR A 306 26.31 -1.06 19.47
CA THR A 306 27.71 -0.83 19.81
C THR A 306 27.85 0.41 20.68
N SER A 307 26.93 1.37 20.52
CA SER A 307 26.89 2.53 21.40
C SER A 307 26.62 2.15 22.84
N ARG A 308 25.89 1.06 23.06
CA ARG A 308 25.70 0.54 24.40
C ARG A 308 26.98 -0.04 24.99
N VAL A 309 27.79 -0.72 24.18
CA VAL A 309 28.89 -1.53 24.70
C VAL A 309 30.27 -0.98 24.34
N SER A 310 30.37 0.23 23.79
CA SER A 310 31.68 0.79 23.50
C SER A 310 31.66 2.29 23.72
N LYS A 311 32.82 2.83 24.08
CA LYS A 311 32.95 4.25 24.39
C LYS A 311 33.73 5.04 23.35
N ASP A 312 34.30 4.37 22.33
CA ASP A 312 35.00 5.08 21.28
C ASP A 312 33.99 5.40 20.19
N PRO A 313 33.72 6.68 19.90
CA PRO A 313 32.68 6.99 18.92
C PRO A 313 33.05 6.68 17.48
N ALA A 314 34.34 6.53 17.19
CA ALA A 314 34.75 6.14 15.84
C ALA A 314 34.27 4.73 15.51
N LYS A 315 34.48 3.78 16.42
CA LYS A 315 34.06 2.40 16.15
C LYS A 315 32.55 2.27 16.06
N ILE A 316 31.82 3.02 16.88
CA ILE A 316 30.37 3.00 16.83
C ILE A 316 29.87 3.56 15.50
N ALA A 317 30.49 4.66 15.05
CA ALA A 317 30.11 5.27 13.79
C ALA A 317 30.37 4.34 12.61
N LEU A 318 31.55 3.73 12.56
CA LEU A 318 31.88 2.86 11.44
C LEU A 318 31.08 1.57 11.48
N GLU A 319 30.68 1.13 12.67
CA GLU A 319 29.79 -0.02 12.81
C GLU A 319 28.43 0.24 12.20
N VAL A 320 27.87 1.42 12.47
CA VAL A 320 26.62 1.78 11.81
C VAL A 320 26.83 1.97 10.31
N VAL A 321 28.02 2.42 9.89
CA VAL A 321 28.29 2.55 8.45
C VAL A 321 28.22 1.20 7.76
N GLY A 322 28.84 0.19 8.36
CA GLY A 322 28.81 -1.14 7.78
C GLY A 322 27.41 -1.74 7.73
N ALA A 323 26.67 -1.63 8.84
CA ALA A 323 25.32 -2.18 8.88
C ALA A 323 24.39 -1.45 7.90
N GLY A 324 24.53 -0.13 7.79
CA GLY A 324 23.71 0.63 6.86
C GLY A 324 24.02 0.31 5.42
N CYS A 325 25.31 0.14 5.09
CA CYS A 325 25.71 -0.18 3.73
C CYS A 325 25.10 -1.49 3.30
N MET A 326 25.29 -2.55 4.12
CA MET A 326 24.72 -3.84 3.76
C MET A 326 23.19 -3.81 3.66
N LEU A 327 22.50 -3.32 4.70
CA LEU A 327 21.05 -3.38 4.71
C LEU A 327 20.46 -2.54 3.60
N TYR A 328 20.72 -1.23 3.63
CA TYR A 328 20.07 -0.34 2.70
C TYR A 328 20.48 -0.64 1.26
N ASP A 329 21.79 -0.69 0.98
CA ASP A 329 22.23 -0.88 -0.39
C ASP A 329 21.86 -2.26 -0.92
N GLN A 330 22.33 -3.34 -0.28
CA GLN A 330 22.10 -4.66 -0.83
C GLN A 330 20.65 -5.09 -0.81
N ILE A 331 19.88 -4.81 0.24
CA ILE A 331 18.50 -5.28 0.32
C ILE A 331 17.56 -4.33 -0.40
N TRP A 332 17.56 -3.05 -0.04
CA TRP A 332 16.60 -2.12 -0.61
C TRP A 332 16.95 -1.73 -2.04
N LEU A 333 18.24 -1.77 -2.43
CA LEU A 333 18.63 -1.28 -3.74
C LEU A 333 19.43 -2.31 -4.54
N GLY A 334 19.32 -3.58 -4.20
CA GLY A 334 20.04 -4.61 -4.94
C GLY A 334 19.31 -5.94 -5.01
N THR A 344 25.41 -6.57 -5.40
CA THR A 344 24.89 -5.85 -6.56
C THR A 344 26.01 -5.56 -7.54
N GLN A 345 26.68 -4.44 -7.30
CA GLN A 345 27.83 -3.99 -8.09
C GLN A 345 28.90 -3.62 -7.08
N TYR A 346 29.82 -4.56 -6.82
CA TYR A 346 30.84 -4.47 -5.76
C TYR A 346 30.16 -4.25 -4.40
N ALA A 347 29.41 -5.28 -3.99
CA ALA A 347 28.49 -5.17 -2.87
C ALA A 347 29.19 -4.95 -1.54
N THR A 348 30.45 -5.37 -1.42
CA THR A 348 31.19 -5.22 -0.17
C THR A 348 31.54 -3.75 0.02
N ALA A 349 30.58 -2.96 0.49
CA ALA A 349 30.69 -1.50 0.43
C ALA A 349 31.22 -1.01 1.77
N ALA A 350 32.52 -0.70 1.80
CA ALA A 350 33.17 0.04 2.89
C ALA A 350 33.14 -0.70 4.22
N TYR A 351 33.12 -2.02 4.20
CA TYR A 351 33.41 -2.78 5.42
C TYR A 351 34.33 -3.94 5.11
N THR A 352 35.26 -3.74 4.19
CA THR A 352 36.41 -4.61 4.02
C THR A 352 37.64 -3.76 3.70
N ASP A 353 38.82 -4.31 4.03
CA ASP A 353 40.14 -3.79 3.73
C ASP A 353 40.46 -2.45 4.42
N ASP A 354 39.60 -2.01 5.34
CA ASP A 354 39.77 -0.92 6.31
C ASP A 354 40.51 0.34 5.87
N ILE A 355 40.25 0.83 4.67
CA ILE A 355 40.70 2.17 4.33
C ILE A 355 39.88 3.21 5.09
N LEU A 356 38.57 2.97 5.19
CA LEU A 356 37.67 3.88 5.91
C LEU A 356 38.01 3.95 7.40
N ASP A 357 38.43 2.83 8.00
CA ASP A 357 38.88 2.86 9.39
C ASP A 357 40.12 3.73 9.55
N ASN A 358 41.07 3.60 8.63
CA ASN A 358 42.32 4.38 8.70
C ASN A 358 42.03 5.87 8.57
N ASN A 359 41.16 6.22 7.63
CA ASN A 359 40.81 7.61 7.41
C ASN A 359 40.06 8.18 8.61
N THR A 360 39.21 7.37 9.25
CA THR A 360 38.47 7.85 10.41
C THR A 360 39.38 8.07 11.61
N TYR A 361 40.32 7.16 11.86
CA TYR A 361 41.22 7.35 12.99
C TYR A 361 42.18 8.52 12.74
N TYR A 362 42.60 8.71 11.50
CA TYR A 362 43.40 9.90 11.17
C TYR A 362 42.60 11.17 11.40
N ASP A 363 41.32 11.15 11.05
CA ASP A 363 40.49 12.33 11.24
C ASP A 363 40.29 12.65 12.71
N VAL A 364 40.11 11.62 13.54
CA VAL A 364 40.00 11.84 14.98
C VAL A 364 41.30 12.42 15.53
N ASP A 365 42.45 11.92 15.04
CA ASP A 365 43.73 12.52 15.40
C ASP A 365 43.80 14.00 15.00
N TYR A 366 43.35 14.32 13.79
CA TYR A 366 43.40 15.69 13.29
C TYR A 366 42.50 16.61 14.11
N ILE A 367 41.32 16.11 14.48
CA ILE A 367 40.36 16.94 15.24
C ILE A 367 40.87 17.18 16.65
N ASN A 368 41.38 16.14 17.31
CA ASN A 368 41.94 16.32 18.64
C ASN A 368 43.28 17.03 18.63
N ASP A 369 43.90 17.21 17.46
CA ASP A 369 45.06 18.08 17.37
C ASP A 369 44.65 19.55 17.23
N LYS A 370 43.90 19.87 16.18
CA LYS A 370 43.59 21.27 15.92
C LYS A 370 42.60 21.83 16.93
N TYR A 371 41.50 21.13 17.18
CA TYR A 371 40.54 21.57 18.16
C TYR A 371 40.84 20.88 19.49
N ASN A 372 40.39 21.51 20.57
CA ASN A 372 40.81 21.08 21.91
C ASN A 372 40.02 19.84 22.31
N GLY A 373 40.46 18.70 21.77
CA GLY A 373 39.88 17.41 22.11
C GLY A 373 38.43 17.24 21.70
N ALA A 374 38.05 17.83 20.58
CA ALA A 374 36.64 17.88 20.19
C ALA A 374 36.08 16.55 19.71
N ALA A 375 36.93 15.55 19.48
CA ALA A 375 36.44 14.27 19.00
C ALA A 375 36.26 13.23 20.09
N ASN A 376 36.68 13.51 21.32
CA ASN A 376 36.45 12.56 22.39
C ASN A 376 35.01 12.68 22.88
N LEU A 377 34.62 11.78 23.78
CA LEU A 377 33.25 11.77 24.21
C LEU A 377 33.00 12.89 25.22
N GLY A 378 31.74 13.30 25.31
CA GLY A 378 31.38 14.37 26.22
C GLY A 378 30.88 15.52 25.38
N THR A 379 29.80 16.14 25.84
CA THR A 379 29.20 17.24 25.10
C THR A 379 29.78 18.59 25.47
N ASP A 380 30.65 18.65 26.47
CA ASP A 380 31.23 19.93 26.88
C ASP A 380 32.29 20.39 25.88
N ASN A 381 33.07 19.47 25.33
CA ASN A 381 34.16 19.80 24.42
C ASN A 381 33.75 19.69 22.96
N LYS A 382 32.63 20.28 22.57
CA LYS A 382 32.19 20.21 21.18
C LYS A 382 32.26 21.59 20.56
N VAL A 383 32.95 21.70 19.44
CA VAL A 383 33.05 22.96 18.75
C VAL A 383 31.75 23.20 17.97
N LYS A 384 31.26 24.43 18.01
CA LYS A 384 30.03 24.76 17.31
C LYS A 384 30.25 24.66 15.81
N ALA A 385 29.22 24.22 15.10
CA ALA A 385 29.37 23.91 13.68
C ALA A 385 29.21 25.17 12.85
N THR A 386 30.32 25.66 12.31
CA THR A 386 30.33 26.71 11.31
C THR A 386 30.81 26.09 10.00
N LEU A 387 30.71 26.87 8.91
CA LEU A 387 31.19 26.38 7.63
C LEU A 387 32.70 26.22 7.62
N ASP A 388 33.43 27.03 8.38
CA ASP A 388 34.89 26.94 8.38
C ASP A 388 35.36 25.63 8.98
N VAL A 389 34.72 25.20 10.06
CA VAL A 389 35.07 23.95 10.72
C VAL A 389 34.79 22.76 9.81
N VAL A 390 33.63 22.77 9.17
CA VAL A 390 33.24 21.72 8.22
C VAL A 390 34.20 21.66 7.05
N LYS A 391 34.54 22.83 6.50
CA LYS A 391 35.47 22.92 5.38
C LYS A 391 36.83 22.38 5.75
N ASP A 392 37.30 22.73 6.94
CA ASP A 392 38.63 22.33 7.38
C ASP A 392 38.73 20.82 7.56
N ILE A 393 37.80 20.23 8.30
CA ILE A 393 37.88 18.79 8.57
C ILE A 393 37.58 17.99 7.32
N ALA A 394 36.59 18.42 6.53
CA ALA A 394 36.22 17.65 5.34
C ALA A 394 37.32 17.68 4.29
N THR A 395 37.93 18.85 4.08
CA THR A 395 39.02 18.93 3.12
C THR A 395 40.24 18.14 3.60
N GLU A 396 40.57 18.21 4.89
CA GLU A 396 41.73 17.46 5.36
C GLU A 396 41.50 15.95 5.26
N SER A 397 40.30 15.50 5.60
CA SER A 397 39.94 14.09 5.45
C SER A 397 40.04 13.63 4.01
N THR A 398 39.49 14.42 3.08
CA THR A 398 39.46 14.02 1.69
C THR A 398 40.87 14.02 1.11
N LEU A 399 41.67 15.04 1.43
CA LEU A 399 43.00 15.12 0.88
C LEU A 399 43.90 14.02 1.44
N TYR A 400 43.67 13.63 2.69
CA TYR A 400 44.41 12.49 3.24
C TYR A 400 44.04 11.20 2.54
N GLY A 401 42.75 10.96 2.32
CA GLY A 401 42.35 9.72 1.67
C GLY A 401 42.79 9.67 0.22
N ILE A 402 42.73 10.81 -0.47
CA ILE A 402 43.21 10.90 -1.84
C ILE A 402 44.71 10.66 -1.91
N GLU A 403 45.46 11.21 -0.96
CA GLU A 403 46.90 10.97 -0.93
C GLU A 403 47.21 9.52 -0.60
N THR A 404 46.37 8.86 0.19
CA THR A 404 46.56 7.43 0.44
C THR A 404 46.31 6.61 -0.82
N TYR A 405 45.26 6.96 -1.57
CA TYR A 405 44.99 6.28 -2.83
C TYR A 405 46.11 6.49 -3.85
N GLU A 406 46.52 7.75 -4.04
CA GLU A 406 47.56 8.07 -5.01
C GLU A 406 48.95 7.66 -4.53
N LYS A 407 49.12 7.39 -3.24
CA LYS A 407 50.41 6.99 -2.70
C LYS A 407 50.53 5.47 -2.69
N PHE A 408 49.42 4.78 -2.46
CA PHE A 408 49.41 3.33 -2.49
C PHE A 408 48.59 2.85 -3.68
N PRO A 409 49.21 2.50 -4.80
CA PRO A 409 48.43 2.23 -6.01
C PRO A 409 47.70 0.90 -5.98
N THR A 410 48.13 -0.01 -5.12
CA THR A 410 47.43 -1.28 -4.98
C THR A 410 46.06 -1.11 -4.34
N ALA A 411 45.90 -0.09 -3.48
CA ALA A 411 44.61 0.21 -2.92
C ALA A 411 43.73 1.01 -3.88
N LEU A 412 44.35 1.76 -4.78
CA LEU A 412 43.61 2.40 -5.87
C LEU A 412 43.13 1.35 -6.86
N GLU A 413 43.85 0.24 -6.95
CA GLU A 413 43.49 -0.85 -7.85
C GLU A 413 42.43 -1.76 -7.23
N ASP A 414 42.50 -2.00 -5.91
CA ASP A 414 41.58 -2.93 -5.26
C ASP A 414 40.16 -2.37 -5.27
N HIS A 415 39.97 -1.13 -4.81
CA HIS A 415 38.75 -0.39 -5.12
C HIS A 415 38.82 0.07 -6.58
N PHE A 416 38.29 -0.78 -7.46
CA PHE A 416 38.46 -0.56 -8.89
C PHE A 416 37.49 0.50 -9.43
N GLY A 417 36.28 0.59 -8.88
CA GLY A 417 35.30 1.54 -9.36
C GLY A 417 35.28 2.80 -8.51
N GLY A 418 34.93 3.92 -9.14
CA GLY A 418 34.93 5.23 -8.49
C GLY A 418 33.87 5.42 -7.44
N SER A 419 32.81 4.61 -7.49
CA SER A 419 31.73 4.71 -6.51
C SER A 419 32.23 4.44 -5.10
N GLN A 420 33.02 3.39 -4.92
CA GLN A 420 33.46 3.10 -3.57
C GLN A 420 34.59 4.00 -3.11
N ARG A 421 35.43 4.54 -4.00
CA ARG A 421 36.34 5.60 -3.59
C ARG A 421 35.58 6.81 -3.08
N ALA A 422 34.55 7.23 -3.81
CA ALA A 422 33.79 8.39 -3.39
C ALA A 422 33.03 8.12 -2.09
N THR A 423 32.50 6.91 -1.93
CA THR A 423 31.76 6.58 -0.72
C THR A 423 32.68 6.49 0.49
N VAL A 424 33.85 5.87 0.37
CA VAL A 424 34.69 5.77 1.55
C VAL A 424 35.36 7.09 1.88
N LEU A 425 35.55 7.99 0.92
CA LEU A 425 36.07 9.30 1.31
C LEU A 425 34.99 10.13 1.99
N ALA A 426 33.78 10.10 1.41
CA ALA A 426 32.67 10.89 1.96
C ALA A 426 32.23 10.38 3.32
N ALA A 427 32.22 9.08 3.55
CA ALA A 427 31.79 8.55 4.85
C ALA A 427 32.79 8.89 5.94
N ALA A 428 34.08 8.79 5.64
CA ALA A 428 35.09 9.15 6.61
C ALA A 428 35.01 10.63 6.96
N SER A 429 34.86 11.49 5.95
CA SER A 429 34.71 12.91 6.21
C SER A 429 33.44 13.22 6.99
N GLY A 430 32.35 12.53 6.68
CA GLY A 430 31.10 12.78 7.35
C GLY A 430 31.11 12.38 8.81
N VAL A 431 31.62 11.18 9.11
CA VAL A 431 31.69 10.79 10.50
C VAL A 431 32.68 11.66 11.25
N ALA A 432 33.74 12.14 10.58
CA ALA A 432 34.69 13.04 11.23
C ALA A 432 34.04 14.35 11.62
N CYS A 433 33.31 14.97 10.69
CA CYS A 433 32.69 16.25 10.98
C CYS A 433 31.59 16.11 12.02
N ALA A 434 30.88 14.98 12.00
CA ALA A 434 29.84 14.75 13.00
C ALA A 434 30.42 14.55 14.39
N LEU A 435 31.53 13.82 14.51
CA LEU A 435 32.17 13.70 15.81
C LEU A 435 32.69 15.04 16.30
N ALA A 436 33.24 15.85 15.41
CA ALA A 436 33.83 17.10 15.86
C ALA A 436 32.78 18.11 16.30
N THR A 437 31.64 18.19 15.62
CA THR A 437 30.68 19.21 16.00
C THR A 437 29.54 18.71 16.86
N GLY A 438 29.25 17.42 16.88
CA GLY A 438 28.07 16.91 17.54
C GLY A 438 26.80 17.11 16.74
N ASN A 439 26.90 17.64 15.53
CA ASN A 439 25.79 17.89 14.63
C ASN A 439 25.85 16.91 13.47
N ALA A 440 24.72 16.30 13.17
CA ALA A 440 24.63 15.33 12.08
C ALA A 440 24.62 15.99 10.71
N ASN A 441 23.95 17.13 10.56
CA ASN A 441 23.99 17.83 9.29
C ASN A 441 25.36 18.43 9.00
N ALA A 442 26.17 18.68 10.03
CA ALA A 442 27.56 18.99 9.77
C ALA A 442 28.28 17.80 9.15
N GLY A 443 27.93 16.59 9.59
CA GLY A 443 28.47 15.40 8.96
C GLY A 443 28.01 15.25 7.52
N LEU A 444 26.77 15.62 7.24
CA LEU A 444 26.30 15.57 5.86
C LEU A 444 27.03 16.57 4.99
N SER A 445 27.28 17.79 5.51
CA SER A 445 28.04 18.78 4.77
C SER A 445 29.45 18.32 4.51
N GLY A 446 30.07 17.64 5.48
CA GLY A 446 31.39 17.07 5.26
C GLY A 446 31.39 15.98 4.22
N TRP A 447 30.36 15.14 4.20
CA TRP A 447 30.18 14.12 3.17
C TRP A 447 30.16 14.74 1.78
N TYR A 448 29.35 15.78 1.59
CA TYR A 448 29.23 16.34 0.25
C TYR A 448 30.44 17.16 -0.16
N LEU A 449 31.10 17.84 0.79
CA LEU A 449 32.36 18.48 0.45
C LEU A 449 33.42 17.46 0.06
N SER A 450 33.41 16.30 0.70
CA SER A 450 34.36 15.26 0.31
C SER A 450 34.08 14.77 -1.09
N MET A 451 32.80 14.67 -1.46
CA MET A 451 32.45 14.28 -2.82
C MET A 451 32.96 15.30 -3.84
N TYR A 452 32.78 16.59 -3.55
CA TYR A 452 33.20 17.61 -4.50
C TYR A 452 34.71 17.70 -4.61
N VAL A 453 35.42 17.58 -3.49
CA VAL A 453 36.88 17.66 -3.51
C VAL A 453 37.47 16.46 -4.25
N HIS A 454 36.89 15.26 -4.04
CA HIS A 454 37.32 14.08 -4.77
C HIS A 454 37.10 14.25 -6.28
N LYS A 455 35.93 14.80 -6.65
CA LYS A 455 35.63 15.01 -8.06
C LYS A 455 36.62 15.97 -8.71
N GLU A 456 36.95 17.06 -8.03
CA GLU A 456 37.87 18.00 -8.66
C GLU A 456 39.31 17.53 -8.62
N ALA A 457 39.67 16.69 -7.65
CA ALA A 457 41.03 16.17 -7.62
C ALA A 457 41.25 15.16 -8.73
N TRP A 458 40.25 14.34 -9.03
CA TRP A 458 40.47 13.28 -10.01
C TRP A 458 39.69 13.42 -11.30
N GLY A 459 38.80 14.41 -11.42
CA GLY A 459 38.02 14.56 -12.63
C GLY A 459 37.12 13.39 -12.96
N ARG A 460 36.68 12.63 -11.96
CA ARG A 460 35.83 11.46 -12.16
C ARG A 460 35.26 11.06 -10.81
N LEU A 461 33.96 10.81 -10.75
CA LEU A 461 33.34 10.51 -9.47
C LEU A 461 32.75 9.11 -9.42
N GLY A 462 31.78 8.79 -10.27
CA GLY A 462 31.05 7.56 -10.10
C GLY A 462 30.40 7.12 -11.38
N PHE A 463 29.41 6.23 -11.25
CA PHE A 463 28.87 5.50 -12.38
C PHE A 463 27.54 6.13 -12.82
N PHE A 464 27.63 7.16 -13.65
CA PHE A 464 26.42 7.82 -14.21
C PHE A 464 25.55 8.45 -13.12
N GLY A 465 25.04 7.67 -12.18
CA GLY A 465 24.09 8.25 -11.22
C GLY A 465 24.58 8.28 -9.79
N PHE A 466 25.87 8.03 -9.54
CA PHE A 466 26.39 7.95 -8.15
C PHE A 466 26.54 9.36 -7.60
N ASP A 467 26.08 10.35 -8.35
CA ASP A 467 26.25 11.76 -7.93
C ASP A 467 24.88 12.43 -7.90
N LEU A 468 23.81 11.67 -8.05
CA LEU A 468 22.47 12.26 -7.94
C LEU A 468 22.27 12.77 -6.52
N GLN A 469 22.61 11.94 -5.53
CA GLN A 469 22.39 12.34 -4.16
C GLN A 469 23.36 13.41 -3.69
N ASP A 470 24.29 13.83 -4.55
CA ASP A 470 25.44 14.60 -4.15
C ASP A 470 25.47 16.00 -4.72
N GLN A 471 24.92 16.22 -5.90
CA GLN A 471 24.91 17.57 -6.43
C GLN A 471 23.75 18.34 -5.84
N SMC A 472 22.69 17.64 -5.47
CA SMC A 472 21.63 18.24 -4.70
CB SMC A 472 20.20 17.94 -5.13
SG SMC A 472 20.18 16.64 -6.31
CS SMC A 472 19.14 15.55 -5.42
C SMC A 472 21.75 17.76 -3.30
O SMC A 472 20.81 17.52 -2.56
N GLY A 473 22.99 17.56 -2.90
CA GLY A 473 23.26 17.03 -1.60
C GLY A 473 23.63 18.13 -0.66
N ALA A 474 24.68 18.87 -0.99
CA ALA A 474 25.18 19.92 -0.11
C ALA A 474 24.17 21.04 0.05
N THR A 475 23.37 21.31 -0.97
CA THR A 475 22.42 22.40 -0.89
C THR A 475 21.23 22.04 0.00
N ASN A 476 20.87 20.78 0.11
CA ASN A 476 19.71 20.37 0.87
C ASN A 476 20.01 20.10 2.33
N VAL A 477 21.27 20.23 2.74
CA VAL A 477 21.69 19.78 4.07
C VAL A 477 21.07 20.64 5.16
N LEU A 478 21.16 21.96 5.02
CA LEU A 478 20.73 22.87 6.04
C LEU A 478 19.43 23.56 5.70
N SER A 479 18.67 23.01 4.75
CA SER A 479 17.44 23.68 4.34
C SER A 479 16.34 23.46 5.36
N TYR A 480 15.36 24.35 5.33
CA TYR A 480 14.14 24.16 6.11
C TYR A 480 12.90 24.22 5.23
N GLN A 481 13.06 23.98 3.93
CA GLN A 481 11.91 23.81 3.06
C GLN A 481 11.25 22.47 3.36
N GLY A 482 10.06 22.28 2.81
CA GLY A 482 9.21 21.16 3.17
C GLY A 482 9.78 19.78 2.98
N ASP A 483 9.99 19.38 1.72
CA ASP A 483 10.53 18.07 1.45
C ASP A 483 12.04 18.09 1.35
N GLU A 484 12.66 19.22 1.69
CA GLU A 484 14.10 19.36 1.52
C GLU A 484 14.85 19.28 2.83
N GLY A 485 14.26 19.75 3.92
CA GLY A 485 14.96 19.82 5.20
C GLY A 485 14.54 18.71 6.13
N LEU A 486 15.52 18.08 6.77
CA LEU A 486 15.31 17.06 7.78
C LEU A 486 16.64 16.81 8.48
N PRO A 487 16.66 16.63 9.79
CA PRO A 487 17.88 16.19 10.46
C PRO A 487 18.25 14.81 9.98
N ASP A 488 19.56 14.54 9.95
CA ASP A 488 20.03 13.25 9.47
C ASP A 488 19.60 12.10 10.36
N GLU A 489 19.24 12.37 11.62
CA GLU A 489 18.73 11.30 12.46
C GLU A 489 17.36 10.84 12.00
N LEU A 490 16.56 11.74 11.44
CA LEU A 490 15.24 11.36 10.97
C LEU A 490 15.21 10.96 9.51
N ARG A 491 16.30 11.10 8.78
CA ARG A 491 16.33 10.74 7.37
C ARG A 491 16.40 9.23 7.20
N GLY A 492 16.08 8.78 5.99
CA GLY A 492 16.20 7.39 5.64
C GLY A 492 16.17 7.24 4.14
N PRO A 493 16.01 6.00 3.66
CA PRO A 493 15.99 5.79 2.21
C PRO A 493 14.69 6.18 1.56
N ASN A 494 13.71 6.62 2.33
CA ASN A 494 12.49 7.20 1.79
C ASN A 494 12.64 8.68 1.52
N TYR A 495 13.76 9.27 1.91
CA TYR A 495 14.02 10.67 1.66
C TYR A 495 14.08 10.91 0.15
N PRO A 496 13.58 12.05 -0.33
CA PRO A 496 13.50 12.27 -1.79
C PRO A 496 14.82 12.17 -2.53
N ASN A 497 15.90 12.66 -1.95
CA ASN A 497 17.19 12.57 -2.62
C ASN A 497 17.74 11.16 -2.61
N TYR A 498 17.46 10.37 -1.57
CA TYR A 498 18.30 9.20 -1.35
C TYR A 498 17.62 7.92 -1.79
N ALA A 499 16.56 8.03 -2.58
CA ALA A 499 15.58 6.96 -2.70
C ALA A 499 16.05 5.75 -3.49
N MET A 500 16.78 5.93 -4.59
CA MET A 500 16.76 4.93 -5.64
C MET A 500 18.11 4.30 -6.01
N ASN A 501 19.24 4.90 -5.66
CA ASN A 501 20.51 4.39 -6.19
C ASN A 501 21.50 4.08 -5.08
N VAL A 502 22.37 3.12 -5.36
CA VAL A 502 23.19 2.42 -4.37
C VAL A 502 24.31 3.29 -3.82
N GLY A 503 25.00 2.78 -2.81
CA GLY A 503 26.31 3.24 -2.41
C GLY A 503 26.34 4.41 -1.46
N HIS A 504 25.22 4.79 -0.87
CA HIS A 504 25.28 6.01 -0.07
C HIS A 504 24.79 5.87 1.35
N GLN A 505 23.70 5.13 1.58
CA GLN A 505 22.95 5.26 2.82
C GLN A 505 23.70 4.79 4.06
N GLY A 506 24.71 3.93 3.91
CA GLY A 506 25.42 3.44 5.07
C GLY A 506 26.19 4.52 5.79
N GLY A 507 26.89 5.36 5.03
CA GLY A 507 27.53 6.51 5.61
C GLY A 507 26.55 7.50 6.19
N TYR A 508 25.35 7.56 5.61
CA TYR A 508 24.31 8.46 6.09
C TYR A 508 23.79 8.04 7.46
N ALA A 509 23.66 6.75 7.71
CA ALA A 509 23.35 6.29 9.06
C ALA A 509 24.52 6.46 10.01
N GLY A 510 25.74 6.17 9.54
CA GLY A 510 26.90 6.29 10.40
C GLY A 510 27.20 7.71 10.80
N ILE A 511 26.82 8.67 9.98
CA ILE A 511 26.99 10.08 10.32
C ILE A 511 26.10 10.46 11.49
N ALA A 512 24.83 10.02 11.47
CA ALA A 512 23.91 10.31 12.56
C ALA A 512 24.35 9.67 13.86
N GLN A 513 24.82 8.43 13.78
CA GLN A 513 25.39 7.80 14.97
C GLN A 513 26.64 8.54 15.45
N ALA A 514 27.48 9.01 14.54
CA ALA A 514 28.68 9.74 14.92
C ALA A 514 28.34 11.05 15.61
N ALA A 515 27.24 11.68 15.19
CA ALA A 515 26.80 12.88 15.87
C ALA A 515 26.37 12.57 17.28
N HIS A 516 25.51 11.56 17.44
CA HIS A 516 25.03 11.21 18.76
C HIS A 516 25.87 10.15 19.45
N SER A 517 27.15 10.07 19.11
CA SER A 517 28.05 9.13 19.75
C SER A 517 29.32 9.88 20.14
N GLY A 518 29.60 10.95 19.40
CA GLY A 518 30.70 11.82 19.77
C GLY A 518 30.42 12.56 21.05
N ARG A 519 29.17 12.90 21.31
CA ARG A 519 28.79 13.52 22.56
C ARG A 519 28.36 12.52 23.60
N GLY A 520 28.46 11.23 23.31
CA GLY A 520 28.13 10.20 24.28
C GLY A 520 26.67 10.08 24.62
N ASP A 521 25.80 10.20 23.63
CA ASP A 521 24.37 10.04 23.88
C ASP A 521 24.03 8.58 24.08
N ALA A 522 22.92 8.35 24.77
CA ALA A 522 22.45 6.99 24.97
C ALA A 522 21.80 6.43 23.73
N PHE A 523 21.27 7.29 22.87
CA PHE A 523 20.56 6.82 21.70
C PHE A 523 20.54 7.93 20.66
N THR A 524 20.31 7.52 19.41
CA THR A 524 20.25 8.48 18.32
C THR A 524 18.87 9.11 18.21
N VAL A 525 17.84 8.31 17.93
CA VAL A 525 16.51 8.90 17.87
C VAL A 525 15.50 8.18 18.74
N ASN A 526 15.64 6.87 18.96
CA ASN A 526 14.68 6.16 19.80
C ASN A 526 15.35 5.41 20.95
N PRO A 527 14.87 5.61 22.15
CA PRO A 527 15.32 4.77 23.26
C PRO A 527 14.56 3.45 23.29
N LEU A 528 13.35 3.44 22.71
CA LEU A 528 12.60 2.20 22.59
C LEU A 528 13.33 1.20 21.70
N LEU A 529 13.83 1.66 20.57
CA LEU A 529 14.62 0.81 19.69
C LEU A 529 15.94 0.42 20.33
N LYS A 530 16.54 1.31 21.11
CA LYS A 530 17.83 1.00 21.68
C LYS A 530 17.71 -0.07 22.77
N VAL A 531 16.73 0.07 23.65
CA VAL A 531 16.53 -0.94 24.68
C VAL A 531 15.94 -2.22 24.11
N CYS A 532 15.09 -2.10 23.08
CA CYS A 532 14.40 -3.26 22.51
C CYS A 532 15.37 -4.26 21.90
N PHE A 533 16.43 -3.78 21.27
CA PHE A 533 17.43 -4.64 20.70
C PHE A 533 18.60 -4.86 21.65
N ALA A 534 18.45 -4.44 22.90
CA ALA A 534 19.49 -4.62 23.89
C ALA A 534 19.35 -5.93 24.63
N ASP A 535 18.85 -6.96 23.97
CA ASP A 535 18.68 -8.28 24.57
C ASP A 535 19.47 -9.28 23.75
N GLU A 536 20.26 -10.11 24.42
CA GLU A 536 21.20 -10.96 23.72
C GLU A 536 20.59 -12.26 23.22
N LEU A 537 19.26 -12.41 23.30
CA LEU A 537 18.65 -13.65 22.84
C LEU A 537 18.28 -13.62 21.37
N MET A 538 18.58 -12.54 20.66
CA MET A 538 18.40 -12.52 19.22
C MET A 538 19.39 -13.47 18.55
N PRO A 539 19.00 -14.09 17.43
CA PRO A 539 19.97 -14.86 16.64
C PRO A 539 21.09 -14.02 16.10
N PHE A 540 20.81 -12.77 15.75
CA PHE A 540 21.83 -11.83 15.32
C PHE A 540 22.46 -11.16 16.52
N ASN A 541 23.65 -10.61 16.32
CA ASN A 541 24.37 -9.88 17.33
C ASN A 541 24.41 -8.43 16.88
N PHE A 542 23.44 -7.64 17.32
CA PHE A 542 23.39 -6.25 16.92
C PHE A 542 24.45 -5.40 17.59
N ALA A 543 25.10 -5.91 18.63
CA ALA A 543 26.20 -5.19 19.24
C ALA A 543 27.40 -5.10 18.29
N GLU A 544 27.64 -6.13 17.49
CA GLU A 544 28.74 -6.13 16.53
C GLU A 544 28.23 -6.66 15.20
N PRO A 545 27.56 -5.82 14.39
CA PRO A 545 27.02 -6.30 13.11
C PRO A 545 28.05 -6.72 12.08
N ARG A 546 29.18 -6.00 11.97
CA ARG A 546 30.09 -6.29 10.88
C ARG A 546 30.96 -7.51 11.15
N ARG A 547 31.00 -7.98 12.40
CA ARG A 547 31.63 -9.27 12.67
C ARG A 547 30.71 -10.41 12.27
N GLU A 548 29.40 -10.18 12.36
CA GLU A 548 28.46 -11.25 12.06
C GLU A 548 28.40 -11.57 10.58
N PHE A 549 28.68 -10.61 9.71
CA PHE A 549 28.76 -10.95 8.29
C PHE A 549 30.07 -11.63 7.94
N GLY A 550 31.12 -11.40 8.73
CA GLY A 550 32.28 -12.26 8.64
C GLY A 550 31.94 -13.68 9.02
N ARG A 551 31.08 -13.84 10.02
CA ARG A 551 30.58 -15.18 10.35
C ARG A 551 29.58 -15.70 9.34
N GLY A 552 28.85 -14.84 8.65
CA GLY A 552 27.87 -15.21 7.66
C GLY A 552 28.41 -15.45 6.27
N ALA A 553 29.63 -14.99 6.00
CA ALA A 553 30.34 -15.35 4.79
C ALA A 553 31.30 -16.51 4.97
N ILE A 554 31.51 -16.98 6.19
CA ILE A 554 32.35 -18.13 6.44
C ILE A 554 31.50 -19.36 6.74
N ARG A 555 30.19 -19.27 6.52
CA ARG A 555 29.20 -20.33 6.78
C ARG A 555 29.23 -20.76 8.25
N GLU A 556 29.07 -19.77 9.14
CA GLU A 556 29.03 -20.02 10.57
C GLU A 556 27.86 -19.30 11.23
N PHE A 557 26.92 -18.79 10.45
CA PHE A 557 25.71 -18.19 10.99
C PHE A 557 24.53 -19.14 10.81
N MET A 558 23.80 -19.35 11.90
CA MET A 558 22.70 -20.32 11.94
C MET A 558 21.41 -19.55 12.15
N PRO A 559 20.77 -19.09 11.08
CA PRO A 559 19.53 -18.34 11.25
C PRO A 559 18.36 -19.28 11.50
N ALA A 560 17.26 -18.69 11.93
CA ALA A 560 15.99 -19.37 12.03
C ALA A 560 15.03 -18.81 11.00
N GLY A 561 13.91 -19.48 10.83
CA GLY A 561 13.04 -19.29 9.69
C GLY A 561 13.17 -20.38 8.66
N GLU A 562 14.11 -21.30 8.84
CA GLU A 562 14.28 -22.42 7.96
C GLU A 562 13.13 -23.40 8.11
N ARG A 563 12.90 -24.20 7.09
CA ARG A 563 11.78 -25.12 7.06
C ARG A 563 12.26 -26.56 6.97
N SER A 564 13.42 -26.86 7.56
CA SER A 564 14.03 -28.16 7.38
C SER A 564 13.26 -29.26 8.09
N LEU A 565 12.62 -28.93 9.21
CA LEU A 565 11.94 -29.94 10.00
C LEU A 565 10.63 -30.39 9.36
N VAL A 566 10.05 -29.59 8.46
CA VAL A 566 8.74 -29.87 7.89
C VAL A 566 8.81 -30.29 6.43
N ILE A 567 10.02 -30.52 5.91
CA ILE A 567 10.21 -30.95 4.53
C ILE A 567 11.06 -32.21 4.53
N PRO A 568 11.05 -32.99 3.45
CA PRO A 568 11.95 -34.14 3.38
C PRO A 568 13.42 -33.73 3.31
N ALA A 569 14.28 -34.71 3.56
CA ALA A 569 15.71 -34.48 3.50
C ALA A 569 16.19 -34.35 2.07
N PRO B 77 -5.48 -49.12 19.71
CA PRO B 77 -6.75 -49.05 18.99
C PRO B 77 -7.84 -48.32 19.76
N LEU B 78 -7.52 -47.12 20.23
CA LEU B 78 -8.46 -46.29 20.96
C LEU B 78 -7.93 -44.86 20.93
N GLY B 79 -8.83 -43.90 21.10
CA GLY B 79 -8.38 -42.52 21.22
C GLY B 79 -9.50 -41.51 21.15
N GLN B 80 -9.27 -40.33 21.71
CA GLN B 80 -10.22 -39.24 21.61
C GLN B 80 -9.54 -37.97 21.14
N ARG B 81 -10.31 -37.15 20.43
CA ARG B 81 -9.91 -35.80 20.07
C ARG B 81 -11.10 -34.90 20.33
N ALA B 82 -10.96 -33.63 19.98
CA ALA B 82 -12.11 -32.74 19.87
C ALA B 82 -12.16 -32.08 18.50
N ILE B 83 -11.32 -32.50 17.57
CA ILE B 83 -11.23 -31.91 16.25
C ILE B 83 -11.28 -33.04 15.22
N THR B 84 -11.98 -32.79 14.12
CA THR B 84 -12.10 -33.77 13.06
C THR B 84 -10.90 -33.67 12.13
N PRO B 85 -10.11 -34.74 11.97
CA PRO B 85 -9.01 -34.70 10.98
C PRO B 85 -9.53 -34.63 9.56
N TYR B 86 -9.13 -33.59 8.83
CA TYR B 86 -9.68 -33.33 7.51
C TYR B 86 -8.98 -34.14 6.43
N THR B 87 -9.74 -34.94 5.68
CA THR B 87 -9.25 -35.48 4.43
C THR B 87 -9.39 -34.42 3.35
N ILE B 88 -8.32 -34.19 2.60
CA ILE B 88 -8.36 -33.20 1.53
C ILE B 88 -9.33 -33.69 0.45
N SER B 89 -10.14 -32.75 -0.06
CA SER B 89 -11.28 -33.10 -0.90
C SER B 89 -10.84 -33.73 -2.21
N GLY B 90 -11.44 -34.88 -2.53
CA GLY B 90 -11.08 -35.62 -3.71
C GLY B 90 -9.88 -36.52 -3.56
N THR B 91 -9.25 -36.56 -2.39
CA THR B 91 -8.07 -37.37 -2.16
C THR B 91 -8.24 -38.16 -0.88
N ASP B 92 -7.49 -39.26 -0.81
CA ASP B 92 -7.51 -40.16 0.35
C ASP B 92 -6.60 -39.70 1.47
N ILE B 93 -5.81 -38.68 1.25
CA ILE B 93 -4.81 -38.25 2.22
C ILE B 93 -5.42 -37.22 3.16
N VAL B 94 -5.07 -37.32 4.44
CA VAL B 94 -5.78 -36.66 5.53
C VAL B 94 -4.79 -35.89 6.39
N ALA B 95 -5.19 -34.68 6.79
CA ALA B 95 -4.37 -33.85 7.65
C ALA B 95 -5.24 -33.17 8.70
N GLU B 96 -4.75 -33.17 9.93
CA GLU B 96 -5.40 -32.44 11.00
C GLU B 96 -5.31 -30.94 10.74
N PRO B 97 -6.28 -30.14 11.21
CA PRO B 97 -6.35 -28.74 10.78
C PRO B 97 -5.18 -27.87 11.24
N ASP B 98 -4.42 -28.29 12.25
CA ASP B 98 -3.28 -27.51 12.70
C ASP B 98 -1.95 -27.98 12.10
N ASP B 99 -1.99 -28.67 10.95
CA ASP B 99 -0.81 -28.68 10.09
C ASP B 99 -1.20 -28.49 8.63
N LEU B 100 -2.36 -27.89 8.37
CA LEU B 100 -2.77 -27.54 7.01
C LEU B 100 -2.64 -26.02 6.99
N HIS B 101 -1.95 -25.45 7.96
CA HIS B 101 -1.70 -24.03 8.07
C HIS B 101 -0.45 -23.66 7.29
N TYR B 102 -0.33 -22.39 6.92
CA TYR B 102 0.73 -21.95 6.01
C TYR B 102 2.08 -21.85 6.68
N VAL B 103 2.23 -22.33 7.90
CA VAL B 103 3.53 -22.42 8.55
C VAL B 103 4.09 -23.83 8.50
N ASN B 104 3.25 -24.84 8.75
CA ASN B 104 3.75 -26.20 8.84
C ASN B 104 3.96 -26.83 7.47
N ASN B 105 2.88 -27.00 6.72
CA ASN B 105 2.94 -27.47 5.35
C ASN B 105 3.64 -26.44 4.47
N ALA B 106 4.43 -26.94 3.52
CA ALA B 106 5.35 -26.12 2.75
C ALA B 106 4.78 -25.70 1.40
N ALA B 107 3.95 -26.53 0.78
CA ALA B 107 3.35 -26.18 -0.51
C ALA B 107 2.42 -24.99 -0.38
N MET B 108 1.87 -24.76 0.81
CA MET B 108 1.03 -23.58 1.04
C MET B 108 1.89 -22.35 0.77
N GLN B 109 3.15 -22.37 1.22
CA GLN B 109 4.03 -21.24 0.95
C GLN B 109 4.59 -21.27 -0.46
N GLN B 110 4.83 -22.46 -0.98
CA GLN B 110 5.48 -22.61 -2.28
C GLN B 110 4.60 -22.13 -3.42
N MET B 111 3.28 -22.34 -3.32
CA MET B 111 2.42 -21.87 -4.41
C MET B 111 2.41 -20.36 -4.44
N TRP B 112 2.35 -19.74 -3.27
CA TRP B 112 2.42 -18.29 -3.21
C TRP B 112 3.79 -17.76 -3.62
N ASP B 113 4.86 -18.49 -3.34
CA ASP B 113 6.17 -18.09 -3.83
C ASP B 113 6.22 -18.14 -5.35
N ASP B 114 5.59 -19.14 -5.94
CA ASP B 114 5.52 -19.21 -7.39
C ASP B 114 4.65 -18.11 -7.98
N ILE B 115 3.66 -17.64 -7.22
CA ILE B 115 2.91 -16.47 -7.67
C ILE B 115 3.79 -15.24 -7.61
N ARG B 116 4.64 -15.16 -6.57
CA ARG B 116 5.43 -13.96 -6.34
C ARG B 116 6.52 -13.81 -7.38
N ARG B 117 7.41 -14.79 -7.47
CA ARG B 117 8.62 -14.72 -8.27
C ARG B 117 8.36 -14.62 -9.77
N THR B 118 7.15 -14.90 -10.22
CA THR B 118 6.83 -14.91 -11.63
C THR B 118 6.41 -13.53 -12.09
N CYS B 119 6.99 -13.10 -13.22
CA CYS B 119 6.44 -11.98 -13.97
C CYS B 119 6.61 -12.29 -15.45
N ILE B 120 5.92 -11.53 -16.28
CA ILE B 120 5.94 -11.73 -17.74
C ILE B 120 6.26 -10.40 -18.39
N VAL B 121 7.26 -10.40 -19.27
CA VAL B 121 7.56 -9.21 -20.05
C VAL B 121 7.46 -9.57 -21.53
N GLY B 122 7.15 -8.56 -22.34
CA GLY B 122 6.89 -8.76 -23.75
C GLY B 122 8.08 -8.35 -24.60
N LEU B 123 8.41 -9.19 -25.58
CA LEU B 123 9.65 -9.02 -26.30
C LEU B 123 9.54 -8.16 -27.54
N ASP B 124 8.35 -8.02 -28.13
CA ASP B 124 8.22 -7.37 -29.44
C ASP B 124 8.65 -5.92 -29.42
N MET B 125 8.27 -5.18 -28.39
CA MET B 125 8.65 -3.78 -28.32
C MET B 125 10.15 -3.64 -28.14
N ALA B 126 10.76 -4.50 -27.32
CA ALA B 126 12.22 -4.52 -27.20
C ALA B 126 12.89 -4.92 -28.49
N HIS B 127 12.34 -5.92 -29.20
CA HIS B 127 12.94 -6.34 -30.47
C HIS B 127 12.86 -5.24 -31.51
N GLU B 128 11.75 -4.51 -31.57
CA GLU B 128 11.68 -3.49 -32.61
C GLU B 128 12.51 -2.27 -32.25
N THR B 129 12.76 -2.01 -30.97
CA THR B 129 13.74 -0.98 -30.63
C THR B 129 15.17 -1.42 -30.98
N LEU B 130 15.50 -2.70 -30.78
CA LEU B 130 16.78 -3.19 -31.29
C LEU B 130 16.83 -3.10 -32.81
N GLU B 131 15.69 -3.24 -33.47
CA GLU B 131 15.64 -3.28 -34.92
C GLU B 131 15.88 -1.91 -35.52
N LYS B 132 15.00 -0.95 -35.23
CA LYS B 132 15.06 0.30 -35.97
C LYS B 132 16.11 1.27 -35.43
N ARG B 133 16.42 1.21 -34.14
CA ARG B 133 17.24 2.23 -33.52
C ARG B 133 18.72 1.86 -33.48
N LEU B 134 19.05 0.59 -33.65
CA LEU B 134 20.42 0.17 -33.82
C LEU B 134 20.72 -0.33 -35.23
N GLY B 135 19.69 -0.58 -36.03
CA GLY B 135 19.92 -1.29 -37.27
C GLY B 135 20.27 -2.74 -37.09
N LYS B 136 19.91 -3.32 -35.95
CA LYS B 136 20.29 -4.69 -35.66
C LYS B 136 19.28 -5.66 -36.27
N GLU B 137 19.78 -6.79 -36.74
CA GLU B 137 18.95 -7.83 -37.33
C GLU B 137 18.40 -8.74 -36.24
N VAL B 138 17.07 -8.77 -36.11
CA VAL B 138 16.41 -9.72 -35.23
C VAL B 138 16.05 -10.96 -36.04
N THR B 139 16.38 -12.12 -35.51
CA THR B 139 16.26 -13.37 -36.23
C THR B 139 16.21 -14.49 -35.20
N PRO B 140 15.70 -15.67 -35.56
CA PRO B 140 15.64 -16.77 -34.58
C PRO B 140 16.98 -17.18 -33.97
N GLU B 141 18.10 -17.06 -34.68
CA GLU B 141 19.35 -17.48 -34.05
C GLU B 141 19.84 -16.46 -33.03
N THR B 142 19.64 -15.17 -33.28
CA THR B 142 19.97 -14.17 -32.27
C THR B 142 19.04 -14.29 -31.07
N ILE B 143 17.78 -14.67 -31.31
CA ILE B 143 16.84 -14.84 -30.21
C ILE B 143 17.21 -16.06 -29.38
N ASN B 144 17.65 -17.14 -30.02
CA ASN B 144 18.16 -18.29 -29.27
C ASN B 144 19.39 -17.92 -28.45
N HIS B 145 20.27 -17.11 -29.03
CA HIS B 145 21.43 -16.62 -28.29
C HIS B 145 21.00 -15.72 -27.13
N TYR B 146 19.99 -14.88 -27.34
CA TYR B 146 19.55 -13.98 -26.29
C TYR B 146 18.88 -14.72 -25.13
N LEU B 147 18.04 -15.71 -25.43
CA LEU B 147 17.47 -16.51 -24.35
C LEU B 147 18.48 -17.42 -23.67
N GLU B 148 19.49 -17.93 -24.38
CA GLU B 148 20.46 -18.72 -23.62
C GLU B 148 21.31 -17.81 -22.74
N THR B 149 21.59 -16.60 -23.22
CA THR B 149 22.27 -15.59 -22.41
C THR B 149 21.43 -15.21 -21.19
N LEU B 150 20.13 -14.99 -21.38
CA LEU B 150 19.26 -14.60 -20.28
C LEU B 150 19.07 -15.73 -19.29
N ASN B 151 18.84 -16.94 -19.78
CA ASN B 151 18.63 -18.09 -18.92
C ASN B 151 19.89 -18.48 -18.17
N HIS B 152 21.07 -18.09 -18.67
CA HIS B 152 22.26 -18.12 -17.83
C HIS B 152 22.26 -16.95 -16.85
N ALA B 153 21.81 -15.78 -17.29
CA ALA B 153 21.96 -14.58 -16.49
C ALA B 153 20.97 -14.52 -15.34
N MET B 154 19.76 -15.05 -15.57
CA MET B 154 18.70 -15.01 -14.57
C MET B 154 18.99 -15.59 -13.20
N PRO B 155 19.60 -16.80 -13.14
CA PRO B 155 19.93 -17.27 -11.80
C PRO B 155 21.02 -16.48 -11.09
N GLY B 156 20.96 -15.15 -11.16
CA GLY B 156 21.91 -14.29 -10.48
C GLY B 156 23.36 -14.52 -10.88
N ALA B 157 23.61 -14.64 -12.17
CA ALA B 157 24.96 -14.88 -12.65
C ALA B 157 25.43 -13.70 -13.49
N ALA B 158 26.73 -13.51 -13.65
CA ALA B 158 27.19 -12.36 -14.39
C ALA B 158 27.28 -12.56 -15.87
N VAL B 159 26.58 -11.73 -16.63
CA VAL B 159 26.62 -11.82 -18.08
C VAL B 159 27.28 -10.65 -18.79
N VAL B 160 27.46 -9.52 -18.12
CA VAL B 160 28.15 -8.36 -18.68
C VAL B 160 29.34 -8.23 -17.80
N GLN B 161 30.50 -7.93 -18.37
CA GLN B 161 31.72 -7.93 -17.57
C GLN B 161 32.06 -6.79 -16.61
N GLU B 162 31.32 -6.67 -15.51
CA GLU B 162 31.68 -5.71 -14.49
C GLU B 162 31.97 -6.71 -13.38
N MET B 163 32.81 -6.38 -12.40
CA MET B 163 33.16 -7.37 -11.40
C MET B 163 32.08 -7.47 -10.36
N MET B 164 30.89 -7.88 -10.79
CA MET B 164 29.76 -7.99 -9.90
C MET B 164 29.76 -9.26 -9.11
N VAL B 165 28.97 -9.31 -8.04
CA VAL B 165 28.88 -10.51 -7.24
C VAL B 165 27.78 -11.42 -7.75
N GLU B 166 28.06 -12.71 -7.90
CA GLU B 166 27.12 -13.67 -8.43
C GLU B 166 26.43 -14.39 -7.29
N THR B 167 25.12 -14.61 -7.43
CA THR B 167 24.41 -15.46 -6.48
C THR B 167 24.87 -16.90 -6.67
N HIS B 168 24.96 -17.63 -5.57
CA HIS B 168 25.55 -18.95 -5.61
C HIS B 168 24.65 -19.91 -6.38
N PRO B 169 25.21 -20.75 -7.25
CA PRO B 169 24.38 -21.60 -8.12
C PRO B 169 23.49 -22.59 -7.38
N ALA B 170 23.91 -23.10 -6.23
CA ALA B 170 23.10 -24.09 -5.53
C ALA B 170 21.90 -23.49 -4.81
N LEU B 171 21.84 -22.17 -4.67
CA LEU B 171 20.71 -21.52 -4.03
C LEU B 171 19.69 -20.99 -5.03
N VAL B 172 19.91 -21.21 -6.31
CA VAL B 172 19.25 -20.38 -7.30
C VAL B 172 18.73 -21.26 -8.44
N ASP B 173 18.61 -22.56 -8.19
CA ASP B 173 18.33 -23.53 -9.23
C ASP B 173 16.95 -23.38 -9.86
N ASP B 174 16.04 -22.65 -9.23
CA ASP B 174 14.67 -22.55 -9.70
C ASP B 174 14.43 -21.33 -10.58
N CYS B 175 15.41 -20.93 -11.38
CA CYS B 175 15.29 -19.76 -12.24
C CYS B 175 15.36 -20.19 -13.69
N TYR B 176 14.38 -19.76 -14.48
CA TYR B 176 14.43 -20.03 -15.91
C TYR B 176 13.56 -19.00 -16.61
N VAL B 177 13.71 -18.93 -17.93
CA VAL B 177 12.91 -18.05 -18.76
C VAL B 177 12.48 -18.85 -19.99
N LYS B 178 11.25 -18.61 -20.44
CA LYS B 178 10.62 -19.42 -21.47
C LYS B 178 9.70 -18.54 -22.29
N ILE B 179 9.78 -18.64 -23.61
CA ILE B 179 8.94 -17.81 -24.48
C ILE B 179 7.73 -18.59 -24.95
N PHE B 180 6.69 -17.84 -25.30
CA PHE B 180 5.54 -18.35 -26.01
C PHE B 180 5.08 -17.29 -26.98
N THR B 181 4.77 -17.69 -28.21
CA THR B 181 4.46 -16.74 -29.26
C THR B 181 3.09 -17.03 -29.83
N GLY B 182 2.48 -16.00 -30.41
CA GLY B 182 1.29 -16.14 -31.21
C GLY B 182 1.53 -16.47 -32.65
N ASP B 183 2.80 -16.55 -33.06
CA ASP B 183 3.20 -17.00 -34.37
C ASP B 183 3.87 -18.36 -34.24
N ASP B 184 3.26 -19.39 -34.82
CA ASP B 184 3.86 -20.72 -34.76
C ASP B 184 5.09 -20.84 -35.64
N GLU B 185 5.13 -20.09 -36.74
CA GLU B 185 6.31 -20.12 -37.61
C GLU B 185 7.54 -19.62 -36.89
N LEU B 186 7.42 -18.53 -36.13
CA LEU B 186 8.50 -18.08 -35.27
C LEU B 186 8.75 -19.09 -34.16
N ALA B 187 7.70 -19.70 -33.64
CA ALA B 187 7.83 -20.66 -32.54
C ALA B 187 8.56 -21.93 -32.93
N ASP B 188 8.63 -22.26 -34.22
CA ASP B 188 9.33 -23.48 -34.62
C ASP B 188 10.85 -23.34 -34.47
N GLU B 189 11.43 -22.26 -34.99
CA GLU B 189 12.89 -22.17 -35.06
C GLU B 189 13.54 -21.75 -33.76
N ILE B 190 12.78 -21.21 -32.82
CA ILE B 190 13.34 -20.94 -31.49
C ILE B 190 13.56 -22.28 -30.80
N ASP B 191 14.65 -22.38 -30.05
CA ASP B 191 15.06 -23.62 -29.40
C ASP B 191 13.98 -24.12 -28.45
N LYS B 192 13.55 -25.36 -28.66
CA LYS B 192 12.41 -25.92 -27.96
C LYS B 192 12.66 -26.11 -26.46
N GLN B 193 13.91 -26.06 -26.02
CA GLN B 193 14.20 -26.08 -24.59
C GLN B 193 13.83 -24.76 -23.92
N TYR B 194 13.56 -23.71 -24.70
CA TYR B 194 13.18 -22.42 -24.15
C TYR B 194 11.80 -22.00 -24.63
N VAL B 195 11.05 -22.90 -25.26
CA VAL B 195 9.75 -22.58 -25.81
C VAL B 195 8.69 -23.40 -25.11
N ILE B 196 7.69 -22.72 -24.58
CA ILE B 196 6.39 -23.31 -24.32
C ILE B 196 5.46 -23.04 -25.50
N ASN B 197 5.09 -24.10 -26.18
CA ASN B 197 4.27 -24.04 -27.38
C ASN B 197 2.81 -24.12 -26.98
N VAL B 198 1.99 -23.32 -27.67
CA VAL B 198 0.56 -23.36 -27.42
C VAL B 198 -0.05 -24.66 -27.89
N ASN B 199 0.44 -25.21 -29.00
CA ASN B 199 -0.11 -26.43 -29.58
C ASN B 199 0.14 -27.67 -28.76
N LYS B 200 1.33 -27.81 -28.18
CA LYS B 200 1.62 -29.01 -27.41
C LYS B 200 1.00 -28.98 -26.03
N MET B 201 0.55 -27.83 -25.57
CA MET B 201 0.08 -27.69 -24.20
C MET B 201 -1.43 -27.50 -24.10
N PHE B 202 -2.10 -27.21 -25.21
CA PHE B 202 -3.53 -26.96 -25.25
C PHE B 202 -4.17 -27.86 -26.31
N SER B 203 -5.49 -27.94 -26.28
CA SER B 203 -6.21 -28.59 -27.36
C SER B 203 -6.46 -27.57 -28.46
N GLU B 204 -7.21 -27.97 -29.49
CA GLU B 204 -7.30 -27.20 -30.72
C GLU B 204 -8.04 -25.87 -30.51
N GLU B 205 -9.21 -25.91 -29.89
CA GLU B 205 -9.98 -24.70 -29.65
C GLU B 205 -9.32 -23.82 -28.60
N GLN B 206 -8.67 -24.44 -27.61
CA GLN B 206 -7.92 -23.69 -26.59
C GLN B 206 -6.79 -22.89 -27.24
N ALA B 207 -5.99 -23.57 -28.05
CA ALA B 207 -4.89 -22.92 -28.74
C ALA B 207 -5.37 -21.87 -29.71
N ALA B 208 -6.47 -22.13 -30.43
CA ALA B 208 -7.01 -21.12 -31.35
C ALA B 208 -7.47 -19.88 -30.61
N GLN B 209 -8.12 -20.06 -29.47
CA GLN B 209 -8.55 -18.94 -28.65
C GLN B 209 -7.36 -18.12 -28.16
N ILE B 210 -6.30 -18.78 -27.70
CA ILE B 210 -5.18 -18.04 -27.13
C ILE B 210 -4.34 -17.37 -28.22
N LYS B 211 -4.14 -18.02 -29.36
CA LYS B 211 -3.44 -17.37 -30.46
C LYS B 211 -4.22 -16.19 -31.00
N ALA B 212 -5.56 -16.30 -31.05
CA ALA B 212 -6.36 -15.16 -31.45
C ALA B 212 -6.36 -14.07 -30.39
N SER B 213 -6.18 -14.43 -29.12
CA SER B 213 -6.23 -13.43 -28.06
C SER B 213 -4.95 -12.61 -28.01
N ILE B 214 -3.79 -13.28 -27.95
CA ILE B 214 -2.54 -12.55 -27.76
C ILE B 214 -2.01 -11.94 -29.05
N GLY B 215 -2.67 -12.19 -30.19
CA GLY B 215 -2.16 -11.71 -31.45
C GLY B 215 -0.98 -12.55 -31.88
N LYS B 216 -0.20 -11.99 -32.80
CA LYS B 216 1.06 -12.62 -33.21
C LYS B 216 2.22 -12.06 -32.40
N THR B 217 2.09 -12.08 -31.08
CA THR B 217 3.04 -11.40 -30.21
C THR B 217 3.94 -12.39 -29.50
N THR B 218 5.12 -11.92 -29.13
CA THR B 218 6.12 -12.72 -28.43
C THR B 218 6.18 -12.25 -27.00
N TRP B 219 5.99 -13.17 -26.06
CA TRP B 219 6.12 -12.89 -24.64
C TRP B 219 7.04 -13.92 -24.03
N GLN B 220 7.41 -13.68 -22.78
CA GLN B 220 8.37 -14.54 -22.11
C GLN B 220 8.09 -14.61 -20.63
N ALA B 221 8.32 -15.78 -20.06
CA ALA B 221 7.99 -16.06 -18.67
C ALA B 221 9.23 -15.91 -17.80
N ILE B 222 9.21 -14.93 -16.93
CA ILE B 222 10.32 -14.64 -16.03
C ILE B 222 10.02 -15.26 -14.67
N HIS B 223 10.94 -16.07 -14.16
CA HIS B 223 10.85 -16.61 -12.82
C HIS B 223 12.16 -16.35 -12.10
N ILE B 224 12.16 -15.42 -11.15
CA ILE B 224 13.34 -14.97 -10.44
C ILE B 224 13.57 -15.99 -9.32
N PRO B 225 14.66 -15.95 -8.53
CA PRO B 225 14.84 -16.96 -7.49
C PRO B 225 13.75 -16.95 -6.42
N THR B 226 13.48 -18.13 -5.87
CA THR B 226 12.62 -18.19 -4.69
C THR B 226 13.31 -17.61 -3.47
N ILE B 227 14.64 -17.71 -3.41
CA ILE B 227 15.37 -17.16 -2.28
C ILE B 227 15.32 -15.63 -2.30
N VAL B 228 15.30 -15.02 -3.48
CA VAL B 228 15.26 -13.57 -3.58
C VAL B 228 13.90 -13.04 -3.14
N SER B 229 12.82 -13.63 -3.64
CA SER B 229 11.49 -13.18 -3.24
C SER B 229 11.18 -13.55 -1.80
N ARG B 230 11.74 -14.67 -1.33
CA ARG B 230 11.56 -15.09 0.04
C ARG B 230 12.28 -14.16 1.01
N THR B 231 13.46 -13.67 0.62
CA THR B 231 14.24 -12.79 1.49
C THR B 231 13.60 -11.41 1.60
N THR B 232 13.51 -10.68 0.49
CA THR B 232 13.09 -9.28 0.61
C THR B 232 11.57 -9.12 0.59
N ASP B 233 10.96 -9.34 -0.57
CA ASP B 233 9.53 -9.12 -0.79
C ASP B 233 9.15 -9.66 -2.17
N GLY B 234 7.90 -9.43 -2.56
CA GLY B 234 7.46 -9.70 -3.91
C GLY B 234 7.47 -8.52 -4.84
N ALA B 235 7.88 -7.34 -4.37
CA ALA B 235 7.98 -6.18 -5.22
C ALA B 235 9.31 -6.09 -5.95
N GLN B 236 10.28 -6.92 -5.58
CA GLN B 236 11.55 -6.96 -6.28
C GLN B 236 11.51 -7.93 -7.46
N THR B 237 10.38 -8.61 -7.66
CA THR B 237 10.29 -9.61 -8.72
C THR B 237 10.30 -8.97 -10.09
N SER B 238 9.70 -7.80 -10.22
CA SER B 238 9.76 -7.09 -11.50
C SER B 238 11.07 -6.34 -11.68
N ARG B 239 11.77 -6.01 -10.60
CA ARG B 239 12.95 -5.17 -10.67
C ARG B 239 14.21 -5.97 -10.88
N TRP B 240 14.34 -7.11 -10.20
CA TRP B 240 15.38 -8.08 -10.51
C TRP B 240 15.25 -8.56 -11.95
N ALA B 241 14.00 -8.68 -12.42
CA ALA B 241 13.75 -9.02 -13.81
C ALA B 241 14.34 -8.00 -14.76
N ALA B 242 13.91 -6.74 -14.65
CA ALA B 242 14.40 -5.70 -15.53
C ALA B 242 15.89 -5.43 -15.37
N MET B 243 16.48 -5.71 -14.21
CA MET B 243 17.91 -5.55 -14.04
C MET B 243 18.68 -6.68 -14.70
N GLN B 244 18.16 -7.91 -14.69
CA GLN B 244 18.84 -9.00 -15.39
C GLN B 244 18.35 -9.22 -16.82
N ILE B 245 17.31 -8.52 -17.25
CA ILE B 245 16.95 -8.55 -18.67
C ILE B 245 17.93 -7.70 -19.46
N GLY B 246 18.23 -6.49 -18.99
CA GLY B 246 19.03 -5.55 -19.76
C GLY B 246 20.46 -5.99 -19.94
N MET B 247 21.03 -6.62 -18.92
CA MET B 247 22.38 -7.19 -19.05
C MET B 247 22.39 -8.30 -20.08
N SER B 248 21.30 -9.07 -20.18
CA SER B 248 21.22 -10.12 -21.18
C SER B 248 21.17 -9.57 -22.59
N PHE B 249 20.33 -8.54 -22.82
CA PHE B 249 20.32 -7.87 -24.12
C PHE B 249 21.69 -7.32 -24.47
N ILE B 250 22.37 -6.71 -23.50
CA ILE B 250 23.68 -6.11 -23.75
C ILE B 250 24.70 -7.18 -24.11
N SER B 251 24.70 -8.29 -23.37
CA SER B 251 25.70 -9.31 -23.63
C SER B 251 25.42 -10.09 -24.90
N ALA B 252 24.18 -10.27 -25.28
CA ALA B 252 23.88 -11.08 -26.44
C ALA B 252 23.74 -10.29 -27.73
N TYR B 253 23.59 -8.97 -27.65
CA TYR B 253 23.34 -8.16 -28.83
C TYR B 253 24.40 -7.09 -29.03
N ALA B 254 25.39 -7.03 -28.14
CA ALA B 254 26.56 -6.15 -28.21
C ALA B 254 26.16 -4.67 -28.29
N MET B 255 25.50 -4.22 -27.23
CA MET B 255 25.40 -2.79 -27.02
C MET B 255 26.56 -2.31 -26.17
N CYS B 256 26.49 -1.07 -25.71
CA CYS B 256 27.62 -0.38 -25.10
C CYS B 256 27.86 -0.80 -23.66
N ALA B 257 26.93 -1.55 -23.06
CA ALA B 257 26.78 -1.68 -21.60
C ALA B 257 26.60 -0.30 -20.97
N GLY B 258 25.52 0.34 -21.37
CA GLY B 258 25.17 1.68 -20.93
C GLY B 258 25.16 2.67 -22.07
N GLU B 259 23.98 2.89 -22.63
CA GLU B 259 23.73 3.84 -23.69
C GLU B 259 22.22 4.03 -23.78
N ALA B 260 21.78 4.81 -24.77
CA ALA B 260 20.38 5.19 -24.79
C ALA B 260 19.45 4.10 -25.29
N ALA B 261 19.99 2.98 -25.78
CA ALA B 261 19.17 1.83 -26.14
C ALA B 261 18.78 1.01 -24.93
N VAL B 262 19.68 0.92 -23.95
CA VAL B 262 19.44 0.06 -22.80
C VAL B 262 18.31 0.60 -21.94
N ALA B 263 18.15 1.93 -21.90
CA ALA B 263 17.02 2.50 -21.18
C ALA B 263 15.70 2.10 -21.81
N ASP B 264 15.63 2.12 -23.14
CA ASP B 264 14.42 1.71 -23.84
C ASP B 264 14.10 0.24 -23.57
N LEU B 265 15.14 -0.62 -23.63
CA LEU B 265 14.93 -2.04 -23.36
C LEU B 265 14.47 -2.28 -21.94
N SER B 266 15.13 -1.67 -20.97
CA SER B 266 14.83 -1.93 -19.57
C SER B 266 13.63 -1.18 -19.05
N PHE B 267 13.10 -0.22 -19.81
CA PHE B 267 11.82 0.36 -19.45
C PHE B 267 10.68 -0.41 -20.12
N ALA B 268 10.96 -1.03 -21.27
CA ALA B 268 10.06 -2.05 -21.77
C ALA B 268 9.95 -3.21 -20.80
N ALA B 269 11.07 -3.58 -20.18
CA ALA B 269 11.09 -4.70 -19.27
C ALA B 269 10.64 -4.35 -17.86
N LYS B 270 10.02 -3.19 -17.64
CA LYS B 270 9.69 -2.83 -16.27
C LYS B 270 8.37 -2.10 -16.14
N MHS B 271 7.93 -1.39 -17.18
CA MHS B 271 6.64 -0.74 -17.06
C MHS B 271 5.87 -0.60 -18.35
O MHS B 271 4.68 -0.26 -18.39
CB MHS B 271 6.69 0.71 -16.51
CG MHS B 271 7.48 0.92 -15.29
ND1 MHS B 271 7.04 0.71 -13.98
CD2 MHS B 271 8.81 1.37 -15.18
CE1 MHS B 271 8.11 1.04 -13.14
NE2 MHS B 271 9.19 1.44 -13.84
CM MHS B 271 5.76 0.26 -13.56
N ALA B 272 6.53 -0.86 -19.47
CA ALA B 272 5.85 -0.78 -20.74
C ALA B 272 5.27 -2.12 -21.13
N ALA B 273 6.10 -3.14 -21.24
CA ALA B 273 5.66 -4.47 -21.62
C ALA B 273 5.59 -5.43 -20.44
N LEU B 274 5.81 -4.95 -19.22
CA LEU B 274 5.67 -5.81 -18.05
C LEU B 274 4.21 -6.06 -17.74
N VAL B 275 3.86 -7.32 -17.58
CA VAL B 275 2.60 -7.70 -16.94
C VAL B 275 2.94 -8.59 -15.75
N SER B 276 2.34 -8.26 -14.61
CA SER B 276 2.54 -9.00 -13.37
C SER B 276 1.20 -9.22 -12.72
N MET B 277 1.05 -10.35 -12.05
CA MET B 277 -0.23 -10.74 -11.49
C MET B 277 -0.62 -9.92 -10.28
N GLY B 278 0.33 -9.45 -9.49
CA GLY B 278 -0.01 -8.68 -8.32
C GLY B 278 0.10 -7.19 -8.59
N GLU B 279 -0.94 -6.44 -8.28
CA GLU B 279 -0.92 -5.01 -8.52
C GLU B 279 -0.75 -4.25 -7.21
N MET B 280 -0.71 -2.94 -7.32
CA MET B 280 -0.47 -2.09 -6.15
C MET B 280 -1.73 -1.96 -5.30
N LEU B 281 -1.54 -1.79 -4.00
CA LEU B 281 -2.61 -1.65 -3.03
C LEU B 281 -2.56 -0.26 -2.41
N PRO B 282 -3.71 0.29 -1.98
CA PRO B 282 -3.68 1.59 -1.30
C PRO B 282 -2.96 1.52 0.03
N ALA B 283 -2.36 2.65 0.42
CA ALA B 283 -1.50 2.71 1.59
C ALA B 283 -2.24 2.54 2.90
N ARG B 284 -3.56 2.78 2.93
CA ARG B 284 -4.37 2.54 4.11
C ARG B 284 -4.35 1.07 4.47
N AGM B 285 -4.39 0.22 3.46
CA AGM B 285 -4.03 -1.14 3.66
CB AGM B 285 -4.43 -2.06 2.49
CG AGM B 285 -5.60 -2.93 2.88
CD AGM B 285 -6.36 -3.61 1.71
CE2 AGM B 285 -5.45 -3.79 0.51
NE1 AGM B 285 -7.63 -2.97 1.35
CZ AGM B 285 -8.03 -1.65 1.21
NH1 AGM B 285 -9.33 -1.41 0.83
NH2 AGM B 285 -7.26 -0.53 1.44
C AGM B 285 -2.53 -1.17 3.84
O AGM B 285 -1.74 -0.60 3.10
N ALA B 286 -2.10 -1.86 4.89
CA ALA B 286 -0.71 -1.82 5.29
C ALA B 286 0.12 -2.92 4.62
N ARG B 287 -0.10 -3.16 3.33
CA ARG B 287 0.71 -4.08 2.55
C ARG B 287 1.14 -3.40 1.25
N GLY B 288 2.05 -4.04 0.54
CA GLY B 288 2.61 -3.48 -0.66
C GLY B 288 2.15 -4.19 -1.92
N PRO B 289 2.74 -3.86 -3.06
CA PRO B 289 2.35 -4.48 -4.32
C PRO B 289 2.87 -5.92 -4.39
N ASN B 290 2.21 -6.69 -5.28
CA ASN B 290 2.48 -8.11 -5.48
C ASN B 290 2.36 -8.89 -4.16
N GLU B 291 1.18 -8.77 -3.56
CA GLU B 291 0.70 -9.33 -2.32
C GLU B 291 -0.73 -9.75 -2.64
N PRO B 292 -1.25 -10.87 -2.08
CA PRO B 292 -2.46 -11.47 -2.66
C PRO B 292 -3.71 -10.63 -2.61
N GLY B 293 -3.68 -9.43 -2.03
CA GLY B 293 -4.77 -8.49 -2.24
C GLY B 293 -4.86 -8.01 -3.67
N GLY B 294 -3.72 -7.88 -4.34
CA GLY B 294 -3.74 -7.41 -5.72
C GLY B 294 -4.03 -8.50 -6.73
N LEU B 295 -3.79 -9.75 -6.35
CA LEU B 295 -4.00 -10.89 -7.25
C LEU B 295 -5.49 -11.12 -7.44
N SER B 296 -6.01 -10.75 -8.61
CA SER B 296 -7.44 -10.78 -8.83
C SER B 296 -7.93 -12.22 -8.96
N PHE B 297 -9.25 -12.39 -8.86
CA PHE B 297 -9.85 -13.72 -8.90
C PHE B 297 -9.67 -14.37 -10.25
N GLY B 298 -9.87 -13.61 -11.33
CA GLY B 298 -9.59 -14.12 -12.65
C GLY B 298 -8.13 -14.43 -12.88
N HIS B 299 -7.24 -13.63 -12.27
CA HIS B 299 -5.82 -13.92 -12.34
C HIS B 299 -5.49 -15.24 -11.69
N LEU B 300 -6.10 -15.52 -10.53
CA LEU B 300 -5.81 -16.78 -9.85
C LEU B 300 -6.46 -17.96 -10.56
N SER B 301 -7.63 -17.75 -11.16
CA SER B 301 -8.21 -18.80 -11.98
C SER B 301 -7.37 -19.07 -13.22
N ASP B 302 -6.68 -18.05 -13.74
CA ASP B 302 -5.78 -18.25 -14.84
C ASP B 302 -4.45 -18.87 -14.41
N ILE B 303 -4.05 -18.68 -13.15
CA ILE B 303 -2.80 -19.25 -12.68
C ILE B 303 -2.91 -20.78 -12.61
N VAL B 304 -3.98 -21.27 -11.98
CA VAL B 304 -4.15 -22.70 -11.82
C VAL B 304 -4.55 -23.32 -13.15
N GLN B 305 -3.86 -24.40 -13.51
CA GLN B 305 -3.94 -24.97 -14.85
C GLN B 305 -4.75 -26.25 -14.87
N THR B 306 -5.80 -26.31 -14.04
CA THR B 306 -6.68 -27.46 -14.08
C THR B 306 -7.56 -27.44 -15.32
N SER B 307 -7.94 -26.25 -15.80
CA SER B 307 -8.71 -26.14 -17.03
C SER B 307 -7.94 -26.59 -18.25
N ARG B 308 -6.60 -26.57 -18.18
CA ARG B 308 -5.79 -27.04 -19.30
C ARG B 308 -5.81 -28.55 -19.40
N VAL B 309 -5.80 -29.24 -18.26
CA VAL B 309 -5.54 -30.68 -18.25
C VAL B 309 -6.78 -31.52 -18.02
N SER B 310 -7.91 -30.94 -17.62
CA SER B 310 -9.10 -31.72 -17.33
C SER B 310 -10.31 -31.07 -17.98
N LYS B 311 -11.37 -31.85 -18.11
CA LYS B 311 -12.52 -31.47 -18.91
C LYS B 311 -13.78 -31.24 -18.10
N ASP B 312 -13.93 -31.93 -16.97
CA ASP B 312 -15.12 -31.77 -16.12
C ASP B 312 -15.13 -30.40 -15.46
N PRO B 313 -16.05 -29.50 -15.83
CA PRO B 313 -15.94 -28.11 -15.38
C PRO B 313 -16.13 -27.91 -13.89
N ALA B 314 -16.92 -28.75 -13.25
CA ALA B 314 -17.11 -28.64 -11.80
C ALA B 314 -15.81 -28.92 -11.07
N LYS B 315 -15.03 -29.88 -11.56
CA LYS B 315 -13.73 -30.18 -10.96
C LYS B 315 -12.79 -28.98 -11.07
N ILE B 316 -12.82 -28.31 -12.22
CA ILE B 316 -12.02 -27.10 -12.43
C ILE B 316 -12.40 -26.03 -11.41
N ALA B 317 -13.69 -25.76 -11.29
CA ALA B 317 -14.15 -24.68 -10.41
C ALA B 317 -13.84 -24.98 -8.95
N LEU B 318 -14.00 -26.23 -8.53
CA LEU B 318 -13.71 -26.54 -7.14
C LEU B 318 -12.21 -26.61 -6.84
N GLU B 319 -11.38 -26.94 -7.83
CA GLU B 319 -9.93 -26.80 -7.63
C GLU B 319 -9.56 -25.33 -7.43
N VAL B 320 -10.18 -24.44 -8.19
CA VAL B 320 -9.94 -23.01 -7.99
C VAL B 320 -10.47 -22.56 -6.64
N VAL B 321 -11.59 -23.12 -6.18
CA VAL B 321 -12.12 -22.80 -4.86
C VAL B 321 -11.11 -23.17 -3.78
N GLY B 322 -10.52 -24.36 -3.89
CA GLY B 322 -9.53 -24.78 -2.91
C GLY B 322 -8.29 -23.92 -2.90
N ALA B 323 -7.76 -23.61 -4.10
CA ALA B 323 -6.57 -22.78 -4.18
C ALA B 323 -6.84 -21.36 -3.67
N GLY B 324 -8.01 -20.81 -4.00
CA GLY B 324 -8.35 -19.47 -3.53
C GLY B 324 -8.58 -19.40 -2.04
N CYS B 325 -9.27 -20.39 -1.47
CA CYS B 325 -9.46 -20.41 -0.04
C CYS B 325 -8.16 -20.64 0.70
N MET B 326 -7.13 -21.16 0.04
CA MET B 326 -5.84 -21.30 0.70
C MET B 326 -5.00 -20.04 0.61
N LEU B 327 -4.91 -19.46 -0.59
CA LEU B 327 -4.03 -18.31 -0.76
C LEU B 327 -4.66 -17.00 -0.34
N TYR B 328 -5.98 -16.95 -0.22
CA TYR B 328 -6.68 -15.71 0.08
C TYR B 328 -7.10 -15.63 1.53
N ASP B 329 -7.61 -16.73 2.08
CA ASP B 329 -8.14 -16.72 3.44
C ASP B 329 -7.14 -17.18 4.47
N GLN B 330 -5.98 -17.68 4.06
CA GLN B 330 -5.01 -18.18 5.02
C GLN B 330 -3.70 -17.41 5.00
N ILE B 331 -3.31 -16.84 3.87
CA ILE B 331 -2.06 -16.09 3.76
C ILE B 331 -2.30 -14.59 3.77
N TRP B 332 -3.18 -14.10 2.88
CA TRP B 332 -3.42 -12.67 2.78
C TRP B 332 -4.15 -12.14 4.01
N LEU B 333 -5.04 -12.94 4.59
CA LEU B 333 -5.49 -12.78 5.97
C LEU B 333 -5.07 -14.01 6.77
N GLY B 334 -4.55 -13.79 7.97
CA GLY B 334 -4.30 -14.89 8.88
C GLY B 334 -5.59 -15.44 9.47
N THR B 344 -9.26 -18.26 13.38
CA THR B 344 -9.59 -19.54 13.98
C THR B 344 -9.34 -20.68 13.00
N GLN B 345 -8.69 -20.33 11.87
CA GLN B 345 -8.30 -21.19 10.74
C GLN B 345 -9.36 -22.22 10.33
N TYR B 346 -10.62 -21.81 10.33
CA TYR B 346 -11.72 -22.73 10.01
C TYR B 346 -11.78 -23.04 8.53
N ALA B 347 -11.35 -22.09 7.68
CA ALA B 347 -11.64 -22.06 6.25
C ALA B 347 -10.85 -23.10 5.46
N THR B 348 -10.07 -23.95 6.13
CA THR B 348 -9.52 -25.12 5.47
C THR B 348 -10.62 -26.06 5.02
N ALA B 349 -11.73 -26.11 5.76
CA ALA B 349 -12.80 -27.04 5.48
C ALA B 349 -13.58 -26.73 4.21
N ALA B 350 -13.35 -25.57 3.58
CA ALA B 350 -13.98 -25.26 2.31
C ALA B 350 -13.42 -26.07 1.16
N TYR B 351 -12.38 -26.86 1.41
CA TYR B 351 -11.85 -27.74 0.41
C TYR B 351 -11.45 -28.99 1.13
N THR B 352 -12.13 -29.29 2.25
CA THR B 352 -11.88 -30.57 2.91
C THR B 352 -13.14 -31.34 3.25
N ASP B 353 -13.06 -32.66 3.22
CA ASP B 353 -14.20 -33.53 3.56
C ASP B 353 -15.30 -33.70 2.53
N ASP B 354 -15.15 -33.06 1.37
CA ASP B 354 -16.06 -33.28 0.26
C ASP B 354 -17.50 -32.79 0.28
N ILE B 355 -17.88 -31.97 1.25
CA ILE B 355 -19.23 -31.51 1.19
C ILE B 355 -19.43 -30.65 -0.01
N LEU B 356 -18.45 -29.82 -0.30
CA LEU B 356 -18.59 -28.88 -1.39
C LEU B 356 -18.77 -29.57 -2.71
N ASP B 357 -18.05 -30.67 -2.88
CA ASP B 357 -18.18 -31.40 -4.11
C ASP B 357 -19.54 -32.01 -4.22
N ASN B 358 -19.92 -32.87 -3.27
CA ASN B 358 -21.21 -33.55 -3.31
C ASN B 358 -22.31 -32.59 -3.74
N ASN B 359 -22.34 -31.39 -3.16
CA ASN B 359 -23.36 -30.42 -3.50
C ASN B 359 -23.22 -29.97 -4.96
N THR B 360 -21.98 -29.72 -5.41
CA THR B 360 -21.78 -29.26 -6.78
C THR B 360 -22.12 -30.34 -7.80
N TYR B 361 -21.79 -31.60 -7.51
CA TYR B 361 -22.15 -32.66 -8.43
C TYR B 361 -23.66 -32.89 -8.47
N TYR B 362 -24.32 -32.76 -7.31
CA TYR B 362 -25.78 -32.84 -7.31
C TYR B 362 -26.40 -31.76 -8.18
N ASP B 363 -25.99 -30.50 -7.98
CA ASP B 363 -26.71 -29.47 -8.72
C ASP B 363 -26.25 -29.34 -10.17
N VAL B 364 -25.06 -29.86 -10.52
CA VAL B 364 -24.77 -29.93 -11.96
C VAL B 364 -25.61 -31.03 -12.60
N ASP B 365 -25.89 -32.12 -11.88
CA ASP B 365 -26.85 -33.10 -12.39
C ASP B 365 -28.24 -32.50 -12.49
N TYR B 366 -28.61 -31.66 -11.52
CA TYR B 366 -29.91 -31.03 -11.52
C TYR B 366 -30.08 -30.08 -12.70
N ILE B 367 -29.03 -29.32 -13.02
CA ILE B 367 -29.10 -28.42 -14.17
C ILE B 367 -29.15 -29.20 -15.47
N ASN B 368 -28.33 -30.26 -15.58
CA ASN B 368 -28.37 -31.11 -16.76
C ASN B 368 -29.74 -31.75 -16.95
N ASP B 369 -30.42 -32.08 -15.86
CA ASP B 369 -31.76 -32.66 -15.96
C ASP B 369 -32.80 -31.60 -16.32
N LYS B 370 -32.64 -30.38 -15.79
CA LYS B 370 -33.72 -29.40 -15.93
C LYS B 370 -33.57 -28.53 -17.17
N TYR B 371 -32.40 -27.91 -17.35
CA TYR B 371 -32.21 -26.93 -18.42
C TYR B 371 -31.61 -27.55 -19.68
N ASN B 372 -31.91 -28.82 -19.95
CA ASN B 372 -31.57 -29.52 -21.19
C ASN B 372 -30.05 -29.61 -21.39
N GLY B 373 -29.39 -30.18 -20.39
CA GLY B 373 -27.95 -30.42 -20.44
C GLY B 373 -27.10 -29.17 -20.58
N ALA B 374 -27.52 -28.08 -19.95
CA ALA B 374 -26.86 -26.79 -20.15
C ALA B 374 -25.47 -26.77 -19.52
N ALA B 375 -25.32 -27.39 -18.36
CA ALA B 375 -24.07 -27.29 -17.61
C ALA B 375 -22.99 -28.23 -18.11
N ASN B 376 -23.19 -28.89 -19.25
CA ASN B 376 -22.11 -29.60 -19.89
C ASN B 376 -21.27 -28.63 -20.70
N LEU B 377 -20.13 -29.12 -21.18
CA LEU B 377 -19.21 -28.29 -21.93
C LEU B 377 -19.81 -27.87 -23.26
N GLY B 378 -19.66 -26.60 -23.58
CA GLY B 378 -20.23 -26.08 -24.81
C GLY B 378 -20.54 -24.61 -24.67
N THR B 379 -20.65 -23.94 -25.81
CA THR B 379 -20.84 -22.50 -25.85
C THR B 379 -22.29 -22.10 -26.06
N ASP B 380 -23.01 -22.77 -26.97
CA ASP B 380 -24.37 -22.38 -27.29
C ASP B 380 -25.41 -23.09 -26.44
N ASN B 381 -25.03 -24.14 -25.71
CA ASN B 381 -26.00 -24.86 -24.90
C ASN B 381 -26.35 -24.13 -23.61
N LYS B 382 -25.63 -23.06 -23.28
CA LYS B 382 -25.85 -22.36 -22.02
C LYS B 382 -27.16 -21.61 -22.04
N VAL B 383 -27.77 -21.52 -20.88
CA VAL B 383 -28.96 -20.72 -20.70
C VAL B 383 -28.54 -19.28 -20.41
N LYS B 384 -29.31 -18.32 -20.89
CA LYS B 384 -29.04 -16.93 -20.58
C LYS B 384 -29.25 -16.68 -19.09
N ALA B 385 -28.37 -15.86 -18.51
CA ALA B 385 -28.42 -15.56 -17.08
C ALA B 385 -29.58 -14.62 -16.82
N THR B 386 -30.70 -15.21 -16.44
CA THR B 386 -31.85 -14.45 -15.96
C THR B 386 -31.93 -14.61 -14.44
N LEU B 387 -32.78 -13.78 -13.83
CA LEU B 387 -32.88 -13.77 -12.39
C LEU B 387 -33.53 -15.06 -11.86
N ASP B 388 -34.54 -15.56 -12.57
CA ASP B 388 -35.27 -16.73 -12.11
C ASP B 388 -34.43 -17.99 -12.22
N VAL B 389 -33.54 -18.07 -13.22
CA VAL B 389 -32.64 -19.21 -13.34
C VAL B 389 -31.69 -19.27 -12.16
N VAL B 390 -31.15 -18.12 -11.77
CA VAL B 390 -30.29 -18.02 -10.60
C VAL B 390 -31.05 -18.41 -9.34
N LYS B 391 -32.29 -17.92 -9.22
CA LYS B 391 -33.11 -18.23 -8.05
C LYS B 391 -33.36 -19.72 -7.93
N ASP B 392 -33.75 -20.36 -9.02
CA ASP B 392 -34.05 -21.78 -9.00
C ASP B 392 -32.82 -22.61 -8.67
N ILE B 393 -31.70 -22.33 -9.34
CA ILE B 393 -30.49 -23.14 -9.16
C ILE B 393 -29.93 -22.95 -7.75
N ALA B 394 -29.85 -21.69 -7.30
CA ALA B 394 -29.28 -21.40 -5.99
C ALA B 394 -30.15 -21.94 -4.87
N THR B 395 -31.47 -21.73 -4.95
CA THR B 395 -32.36 -22.24 -3.92
C THR B 395 -32.31 -23.76 -3.84
N GLU B 396 -32.34 -24.43 -4.99
CA GLU B 396 -32.30 -25.90 -4.99
C GLU B 396 -30.98 -26.42 -4.43
N SER B 397 -29.86 -25.78 -4.78
CA SER B 397 -28.57 -26.21 -4.26
C SER B 397 -28.47 -26.03 -2.75
N THR B 398 -29.00 -24.92 -2.24
CA THR B 398 -28.95 -24.71 -0.80
C THR B 398 -29.87 -25.64 -0.05
N LEU B 399 -31.06 -25.91 -0.57
CA LEU B 399 -31.91 -26.86 0.14
C LEU B 399 -31.33 -28.25 0.10
N TYR B 400 -30.58 -28.61 -0.95
CA TYR B 400 -29.85 -29.87 -0.92
C TYR B 400 -28.77 -29.86 0.16
N GLY B 401 -28.03 -28.76 0.29
CA GLY B 401 -27.00 -28.69 1.31
C GLY B 401 -27.55 -28.70 2.73
N ILE B 402 -28.65 -27.98 2.94
CA ILE B 402 -29.32 -27.97 4.24
C ILE B 402 -29.86 -29.35 4.57
N GLU B 403 -30.44 -30.05 3.59
CA GLU B 403 -30.90 -31.40 3.84
C GLU B 403 -29.75 -32.36 4.12
N THR B 404 -28.61 -32.16 3.47
CA THR B 404 -27.45 -33.02 3.73
C THR B 404 -26.91 -32.81 5.13
N TYR B 405 -26.80 -31.58 5.56
CA TYR B 405 -26.26 -31.27 6.86
C TYR B 405 -27.18 -31.76 7.93
N GLU B 406 -28.45 -31.43 7.80
CA GLU B 406 -29.39 -31.83 8.80
C GLU B 406 -29.45 -33.33 8.84
N LYS B 407 -29.42 -34.00 7.69
CA LYS B 407 -29.39 -35.45 7.71
C LYS B 407 -28.17 -36.09 8.28
N PHE B 408 -26.99 -35.60 7.97
CA PHE B 408 -25.80 -36.13 8.62
C PHE B 408 -24.97 -34.93 8.97
N PRO B 409 -24.94 -34.56 10.26
CA PRO B 409 -24.08 -33.39 10.50
C PRO B 409 -22.67 -33.85 10.73
N THR B 410 -22.11 -34.57 9.78
CA THR B 410 -20.78 -35.11 9.97
C THR B 410 -19.71 -34.05 10.11
N ALA B 411 -19.78 -32.99 9.32
CA ALA B 411 -18.71 -31.99 9.33
C ALA B 411 -18.90 -30.97 10.39
N LEU B 412 -19.98 -31.10 11.12
CA LEU B 412 -20.27 -30.17 12.21
C LEU B 412 -19.50 -30.61 13.45
N GLU B 413 -19.90 -30.07 14.61
CA GLU B 413 -19.42 -30.46 15.94
C GLU B 413 -17.93 -30.15 16.12
N ASP B 414 -17.50 -28.95 15.73
CA ASP B 414 -16.11 -28.51 15.99
C ASP B 414 -16.27 -27.47 17.08
N HIS B 415 -15.23 -27.13 17.81
CA HIS B 415 -15.45 -26.21 18.94
C HIS B 415 -16.00 -24.86 18.54
N PHE B 416 -15.52 -24.27 17.46
CA PHE B 416 -16.11 -23.02 16.99
C PHE B 416 -16.96 -23.35 15.80
N GLY B 417 -18.00 -24.14 15.99
CA GLY B 417 -18.81 -24.59 14.87
C GLY B 417 -19.78 -23.64 14.24
N GLY B 418 -20.33 -23.99 13.08
CA GLY B 418 -21.36 -23.14 12.49
C GLY B 418 -20.92 -22.05 11.58
N SER B 419 -19.65 -22.03 11.25
CA SER B 419 -19.14 -21.07 10.29
C SER B 419 -18.50 -22.07 9.36
N GLN B 420 -18.17 -21.69 8.13
CA GLN B 420 -17.66 -22.66 7.15
C GLN B 420 -18.77 -23.63 7.00
N ARG B 421 -19.97 -23.12 7.09
CA ARG B 421 -21.12 -23.95 6.96
C ARG B 421 -21.88 -23.14 5.98
N ALA B 422 -21.71 -21.83 6.04
CA ALA B 422 -22.35 -21.04 4.98
C ALA B 422 -21.45 -20.91 3.75
N THR B 423 -20.13 -20.99 3.95
CA THR B 423 -19.19 -20.82 2.86
C THR B 423 -19.32 -21.93 1.84
N VAL B 424 -19.45 -23.18 2.29
CA VAL B 424 -19.51 -24.30 1.36
C VAL B 424 -20.84 -24.31 0.60
N LEU B 425 -21.94 -23.96 1.26
CA LEU B 425 -23.21 -23.85 0.58
C LEU B 425 -23.19 -22.75 -0.46
N ALA B 426 -22.58 -21.61 -0.11
CA ALA B 426 -22.52 -20.50 -1.05
C ALA B 426 -21.59 -20.79 -2.21
N ALA B 427 -20.49 -21.48 -1.96
CA ALA B 427 -19.58 -21.88 -3.05
C ALA B 427 -20.26 -22.85 -3.99
N ALA B 428 -21.01 -23.81 -3.45
CA ALA B 428 -21.75 -24.75 -4.29
C ALA B 428 -22.79 -24.04 -5.14
N SER B 429 -23.54 -23.12 -4.54
CA SER B 429 -24.55 -22.38 -5.29
C SER B 429 -23.93 -21.48 -6.33
N GLY B 430 -22.79 -20.87 -6.03
CA GLY B 430 -22.14 -19.99 -6.99
C GLY B 430 -21.58 -20.72 -8.18
N VAL B 431 -20.90 -21.85 -7.93
CA VAL B 431 -20.41 -22.68 -9.03
C VAL B 431 -21.57 -23.22 -9.84
N ALA B 432 -22.67 -23.59 -9.18
CA ALA B 432 -23.84 -24.08 -9.87
C ALA B 432 -24.46 -23.02 -10.77
N CYS B 433 -24.55 -21.79 -10.28
CA CYS B 433 -25.12 -20.73 -11.10
C CYS B 433 -24.21 -20.34 -12.26
N ALA B 434 -22.88 -20.39 -12.06
CA ALA B 434 -22.00 -20.00 -13.15
C ALA B 434 -21.88 -21.09 -14.21
N LEU B 435 -21.92 -22.35 -13.80
CA LEU B 435 -21.74 -23.45 -14.74
C LEU B 435 -22.93 -23.59 -15.67
N ALA B 436 -24.06 -23.01 -15.31
CA ALA B 436 -25.25 -23.10 -16.16
C ALA B 436 -25.37 -21.92 -17.10
N THR B 437 -24.96 -20.73 -16.66
CA THR B 437 -25.23 -19.49 -17.37
C THR B 437 -24.06 -19.03 -18.23
N GLY B 438 -22.84 -19.17 -17.74
CA GLY B 438 -21.68 -18.58 -18.36
C GLY B 438 -21.33 -17.21 -17.82
N ASN B 439 -22.19 -16.64 -16.97
CA ASN B 439 -21.96 -15.36 -16.35
C ASN B 439 -21.42 -15.56 -14.94
N ALA B 440 -20.34 -14.86 -14.61
CA ALA B 440 -19.78 -14.98 -13.27
C ALA B 440 -20.58 -14.26 -12.21
N ASN B 441 -21.15 -13.11 -12.56
CA ASN B 441 -22.02 -12.42 -11.62
C ASN B 441 -23.30 -13.20 -11.34
N ALA B 442 -23.69 -14.10 -12.25
CA ALA B 442 -24.73 -15.06 -11.91
C ALA B 442 -24.29 -15.96 -10.76
N GLY B 443 -23.04 -16.37 -10.77
CA GLY B 443 -22.52 -17.15 -9.66
C GLY B 443 -22.47 -16.37 -8.38
N LEU B 444 -22.14 -15.07 -8.45
CA LEU B 444 -22.16 -14.25 -7.25
C LEU B 444 -23.56 -14.09 -6.68
N SER B 445 -24.54 -13.85 -7.55
CA SER B 445 -25.92 -13.74 -7.09
C SER B 445 -26.41 -15.06 -6.51
N GLY B 446 -25.94 -16.19 -7.06
CA GLY B 446 -26.23 -17.47 -6.43
C GLY B 446 -25.60 -17.60 -5.05
N TRP B 447 -24.38 -17.08 -4.89
CA TRP B 447 -23.70 -17.10 -3.60
C TRP B 447 -24.50 -16.32 -2.55
N TYR B 448 -24.96 -15.13 -2.91
CA TYR B 448 -25.64 -14.31 -1.91
C TYR B 448 -27.06 -14.80 -1.64
N LEU B 449 -27.75 -15.35 -2.64
CA LEU B 449 -29.00 -16.05 -2.37
C LEU B 449 -28.77 -17.23 -1.44
N SER B 450 -27.63 -17.91 -1.59
CA SER B 450 -27.33 -19.01 -0.71
C SER B 450 -27.20 -18.58 0.73
N MET B 451 -26.52 -17.45 0.95
CA MET B 451 -26.37 -16.97 2.32
C MET B 451 -27.70 -16.53 2.92
N TYR B 452 -28.57 -15.92 2.11
CA TYR B 452 -29.88 -15.53 2.64
C TYR B 452 -30.75 -16.75 2.99
N VAL B 453 -30.75 -17.76 2.11
CA VAL B 453 -31.52 -18.97 2.39
C VAL B 453 -30.99 -19.70 3.62
N HIS B 454 -29.66 -19.78 3.74
CA HIS B 454 -29.07 -20.46 4.90
C HIS B 454 -29.39 -19.74 6.20
N LYS B 455 -29.28 -18.40 6.18
CA LYS B 455 -29.55 -17.61 7.37
C LYS B 455 -30.99 -17.76 7.81
N GLU B 456 -31.93 -17.69 6.88
CA GLU B 456 -33.30 -17.74 7.34
C GLU B 456 -33.89 -19.12 7.34
N ALA B 457 -33.09 -20.14 7.01
CA ALA B 457 -33.49 -21.49 7.36
C ALA B 457 -33.09 -21.81 8.78
N TRP B 458 -31.84 -21.52 9.14
CA TRP B 458 -31.37 -21.94 10.46
C TRP B 458 -31.40 -20.83 11.50
N GLY B 459 -31.69 -19.59 11.11
CA GLY B 459 -31.71 -18.54 12.10
C GLY B 459 -30.35 -18.09 12.58
N ARG B 460 -29.29 -18.49 11.88
CA ARG B 460 -27.94 -18.10 12.26
C ARG B 460 -27.08 -18.15 11.03
N LEU B 461 -26.11 -17.23 10.95
CA LEU B 461 -25.30 -17.07 9.74
C LEU B 461 -23.85 -16.83 10.16
N GLY B 462 -23.04 -17.90 10.12
CA GLY B 462 -21.62 -17.83 10.31
C GLY B 462 -21.23 -17.37 11.70
N PHE B 463 -19.98 -16.96 11.84
CA PHE B 463 -19.48 -16.44 13.10
C PHE B 463 -19.73 -14.94 13.13
N PHE B 464 -19.12 -14.26 14.11
CA PHE B 464 -19.46 -12.82 14.31
C PHE B 464 -19.23 -12.01 13.04
N GLY B 465 -17.96 -11.87 12.66
CA GLY B 465 -17.64 -11.14 11.41
C GLY B 465 -17.71 -12.08 10.23
N PHE B 466 -18.88 -12.15 9.59
CA PHE B 466 -18.99 -13.00 8.39
C PHE B 466 -19.81 -12.29 7.35
N ASP B 467 -20.95 -11.72 7.76
CA ASP B 467 -21.76 -11.17 6.68
C ASP B 467 -21.69 -9.65 6.65
N LEU B 468 -20.49 -9.10 6.63
CA LEU B 468 -20.29 -7.74 6.13
C LEU B 468 -20.58 -7.74 4.64
N GLN B 469 -19.76 -8.47 3.89
CA GLN B 469 -19.90 -8.50 2.44
C GLN B 469 -21.12 -9.26 2.00
N ASP B 470 -21.47 -10.35 2.69
CA ASP B 470 -22.58 -11.20 2.30
C ASP B 470 -23.92 -10.52 2.47
N GLN B 471 -23.98 -9.45 3.22
CA GLN B 471 -25.23 -8.76 3.43
C GLN B 471 -25.21 -7.54 2.53
N SMC B 472 -24.01 -7.18 2.08
CA SMC B 472 -23.84 -6.11 1.15
CB SMC B 472 -22.48 -5.39 1.15
SG SMC B 472 -22.27 -4.40 2.59
CS SMC B 472 -20.53 -4.53 2.72
C SMC B 472 -23.96 -6.63 -0.26
O SMC B 472 -24.61 -6.06 -1.13
N GLY B 473 -23.30 -7.75 -0.49
CA GLY B 473 -23.01 -8.25 -1.81
C GLY B 473 -24.09 -8.44 -2.85
N ALA B 474 -25.29 -8.83 -2.43
CA ALA B 474 -26.34 -9.13 -3.40
C ALA B 474 -26.77 -7.90 -4.17
N THR B 475 -26.62 -6.71 -3.58
CA THR B 475 -26.92 -5.49 -4.32
C THR B 475 -25.68 -4.92 -5.00
N ASN B 476 -24.51 -5.50 -4.78
CA ASN B 476 -23.27 -4.97 -5.33
C ASN B 476 -22.78 -5.75 -6.54
N VAL B 477 -23.53 -6.74 -7.01
CA VAL B 477 -22.99 -7.61 -8.04
C VAL B 477 -23.38 -7.14 -9.43
N LEU B 478 -24.60 -6.66 -9.61
CA LEU B 478 -25.06 -6.23 -10.92
C LEU B 478 -25.11 -4.72 -11.02
N SER B 479 -24.40 -4.03 -10.13
CA SER B 479 -24.30 -2.59 -10.15
C SER B 479 -23.16 -2.16 -11.06
N TYR B 480 -23.14 -0.87 -11.39
CA TYR B 480 -22.08 -0.31 -12.21
C TYR B 480 -21.60 1.03 -11.65
N GLN B 481 -21.55 1.14 -10.32
CA GLN B 481 -21.07 2.35 -9.69
C GLN B 481 -19.55 2.35 -9.69
N GLY B 482 -18.94 3.35 -9.07
CA GLY B 482 -17.51 3.49 -9.04
C GLY B 482 -16.82 2.37 -8.29
N ASP B 483 -17.00 2.33 -6.97
CA ASP B 483 -16.35 1.31 -6.16
C ASP B 483 -17.18 0.05 -5.99
N GLU B 484 -18.26 -0.10 -6.74
CA GLU B 484 -19.12 -1.28 -6.62
C GLU B 484 -19.13 -2.14 -7.87
N GLY B 485 -19.23 -1.55 -9.05
CA GLY B 485 -19.36 -2.34 -10.26
C GLY B 485 -18.07 -3.02 -10.61
N LEU B 486 -18.11 -4.34 -10.73
CA LEU B 486 -16.99 -5.13 -11.24
C LEU B 486 -17.48 -6.54 -11.55
N PRO B 487 -17.07 -7.12 -12.67
CA PRO B 487 -17.19 -8.57 -12.81
C PRO B 487 -16.33 -9.25 -11.78
N ASP B 488 -16.73 -10.48 -11.42
CA ASP B 488 -15.94 -11.34 -10.54
C ASP B 488 -14.56 -11.55 -11.11
N GLU B 489 -14.49 -11.59 -12.43
CA GLU B 489 -13.30 -11.91 -13.17
C GLU B 489 -12.20 -10.89 -12.94
N LEU B 490 -12.56 -9.62 -12.79
CA LEU B 490 -11.60 -8.58 -12.42
C LEU B 490 -11.59 -8.31 -10.93
N ARG B 491 -12.46 -8.93 -10.15
CA ARG B 491 -12.47 -8.69 -8.71
C ARG B 491 -11.31 -9.40 -8.03
N GLY B 492 -11.03 -9.00 -6.81
CA GLY B 492 -9.98 -9.57 -6.01
C GLY B 492 -10.14 -9.17 -4.56
N PRO B 493 -9.18 -9.54 -3.72
CA PRO B 493 -9.34 -9.24 -2.29
C PRO B 493 -9.19 -7.78 -1.93
N ASN B 494 -8.73 -6.95 -2.85
CA ASN B 494 -8.70 -5.51 -2.65
C ASN B 494 -10.02 -4.85 -3.01
N TYR B 495 -11.01 -5.64 -3.44
CA TYR B 495 -12.35 -5.12 -3.61
C TYR B 495 -12.86 -4.63 -2.25
N PRO B 496 -13.61 -3.53 -2.20
CA PRO B 496 -13.95 -2.91 -0.92
C PRO B 496 -14.71 -3.80 0.06
N ASN B 497 -15.62 -4.64 -0.43
CA ASN B 497 -16.36 -5.49 0.48
C ASN B 497 -15.52 -6.66 0.97
N TYR B 498 -14.56 -7.10 0.18
CA TYR B 498 -13.87 -8.35 0.42
C TYR B 498 -12.53 -8.16 1.12
N ALA B 499 -12.30 -6.98 1.71
CA ALA B 499 -10.95 -6.62 2.13
C ALA B 499 -10.52 -7.32 3.41
N MET B 500 -11.42 -7.47 4.38
CA MET B 500 -11.02 -7.84 5.72
C MET B 500 -11.68 -9.09 6.28
N ASN B 501 -12.53 -9.78 5.52
CA ASN B 501 -13.21 -10.94 6.07
C ASN B 501 -12.70 -12.23 5.42
N VAL B 502 -12.66 -13.26 6.24
CA VAL B 502 -12.09 -14.54 5.89
C VAL B 502 -13.21 -15.49 5.47
N GLY B 503 -12.86 -16.48 4.65
CA GLY B 503 -13.82 -17.48 4.20
C GLY B 503 -14.68 -17.07 3.03
N HIS B 504 -14.23 -16.14 2.20
CA HIS B 504 -15.09 -15.70 1.11
C HIS B 504 -14.42 -15.67 -0.25
N GLN B 505 -13.12 -15.36 -0.31
CA GLN B 505 -12.51 -15.06 -1.61
C GLN B 505 -12.29 -16.30 -2.45
N GLY B 506 -12.11 -17.46 -1.82
CA GLY B 506 -11.88 -18.67 -2.59
C GLY B 506 -13.09 -19.10 -3.39
N GLY B 507 -14.28 -18.94 -2.81
CA GLY B 507 -15.49 -19.18 -3.55
C GLY B 507 -15.66 -18.24 -4.72
N TYR B 508 -15.21 -17.00 -4.57
CA TYR B 508 -15.27 -16.04 -5.66
C TYR B 508 -14.32 -16.42 -6.79
N ALA B 509 -13.12 -16.91 -6.46
CA ALA B 509 -12.20 -17.38 -7.50
C ALA B 509 -12.79 -18.58 -8.23
N GLY B 510 -13.42 -19.49 -7.49
CA GLY B 510 -14.06 -20.62 -8.13
C GLY B 510 -15.25 -20.24 -8.99
N ILE B 511 -16.00 -19.22 -8.59
CA ILE B 511 -17.12 -18.75 -9.41
C ILE B 511 -16.62 -18.15 -10.71
N ALA B 512 -15.57 -17.32 -10.63
CA ALA B 512 -15.01 -16.71 -11.83
C ALA B 512 -14.41 -17.74 -12.76
N GLN B 513 -13.87 -18.83 -12.22
CA GLN B 513 -13.44 -19.93 -13.10
C GLN B 513 -14.63 -20.65 -13.70
N ALA B 514 -15.65 -20.92 -12.89
CA ALA B 514 -16.80 -21.72 -13.32
C ALA B 514 -17.57 -21.04 -14.43
N ALA B 515 -17.52 -19.71 -14.49
CA ALA B 515 -18.20 -19.00 -15.57
C ALA B 515 -17.62 -19.35 -16.94
N HIS B 516 -16.35 -19.75 -16.99
CA HIS B 516 -15.70 -20.05 -18.26
C HIS B 516 -15.38 -21.52 -18.45
N SER B 517 -15.22 -22.27 -17.37
CA SER B 517 -14.92 -23.69 -17.53
C SER B 517 -16.14 -24.45 -18.03
N GLY B 518 -17.34 -23.95 -17.74
CA GLY B 518 -18.55 -24.53 -18.28
C GLY B 518 -18.67 -24.40 -19.78
N ARG B 519 -18.10 -23.35 -20.36
CA ARG B 519 -18.08 -23.21 -21.81
C ARG B 519 -16.73 -23.59 -22.41
N GLY B 520 -15.84 -24.17 -21.63
CA GLY B 520 -14.56 -24.65 -22.13
C GLY B 520 -13.64 -23.57 -22.65
N ASP B 521 -13.61 -22.42 -21.98
CA ASP B 521 -12.73 -21.35 -22.42
C ASP B 521 -11.28 -21.68 -22.13
N ALA B 522 -10.40 -21.20 -22.99
CA ALA B 522 -8.97 -21.39 -22.76
C ALA B 522 -8.47 -20.55 -21.60
N PHE B 523 -9.10 -19.41 -21.36
CA PHE B 523 -8.71 -18.52 -20.27
C PHE B 523 -9.94 -17.80 -19.78
N THR B 524 -9.83 -17.24 -18.58
CA THR B 524 -10.90 -16.42 -18.03
C THR B 524 -10.66 -14.94 -18.24
N VAL B 525 -9.52 -14.42 -17.76
CA VAL B 525 -9.23 -13.00 -17.90
C VAL B 525 -7.91 -12.80 -18.63
N ASN B 526 -6.83 -13.31 -18.05
CA ASN B 526 -5.51 -13.04 -18.57
C ASN B 526 -5.01 -14.26 -19.32
N PRO B 527 -4.94 -14.23 -20.65
CA PRO B 527 -4.42 -15.38 -21.39
C PRO B 527 -2.94 -15.61 -21.20
N LEU B 528 -2.20 -14.61 -20.73
CA LEU B 528 -0.76 -14.72 -20.59
C LEU B 528 -0.41 -15.66 -19.46
N LEU B 529 -1.22 -15.66 -18.39
CA LEU B 529 -0.91 -16.47 -17.22
C LEU B 529 -1.36 -17.91 -17.36
N LYS B 530 -2.31 -18.20 -18.24
CA LYS B 530 -2.57 -19.60 -18.59
C LYS B 530 -1.35 -20.23 -19.23
N VAL B 531 -0.75 -19.53 -20.19
CA VAL B 531 0.41 -20.07 -20.87
C VAL B 531 1.61 -20.08 -19.94
N CYS B 532 1.78 -19.00 -19.17
CA CYS B 532 2.98 -18.81 -18.35
C CYS B 532 3.11 -19.89 -17.29
N PHE B 533 2.00 -20.30 -16.71
CA PHE B 533 2.03 -21.35 -15.71
C PHE B 533 1.77 -22.73 -16.30
N ALA B 534 1.63 -22.83 -17.61
CA ALA B 534 1.57 -24.12 -18.28
C ALA B 534 3.00 -24.59 -18.49
N ASP B 535 3.61 -25.06 -17.41
CA ASP B 535 4.99 -25.52 -17.45
C ASP B 535 5.21 -26.47 -16.28
N GLU B 536 5.99 -27.51 -16.52
CA GLU B 536 6.19 -28.55 -15.53
C GLU B 536 7.47 -28.39 -14.72
N LEU B 537 8.28 -27.36 -15.01
CA LEU B 537 9.48 -27.14 -14.21
C LEU B 537 9.18 -26.42 -12.91
N MET B 538 7.95 -25.99 -12.69
CA MET B 538 7.58 -25.37 -11.43
C MET B 538 7.64 -26.41 -10.30
N PRO B 539 8.24 -26.07 -9.16
CA PRO B 539 8.21 -26.99 -8.02
C PRO B 539 6.80 -27.25 -7.51
N PHE B 540 5.93 -26.26 -7.61
CA PHE B 540 4.50 -26.47 -7.41
C PHE B 540 3.89 -27.09 -8.65
N ASN B 541 2.80 -27.81 -8.46
CA ASN B 541 2.02 -28.36 -9.57
C ASN B 541 0.70 -27.63 -9.62
N PHE B 542 0.54 -26.78 -10.62
CA PHE B 542 -0.66 -25.98 -10.80
C PHE B 542 -1.75 -26.75 -11.53
N ALA B 543 -1.52 -28.02 -11.84
CA ALA B 543 -2.59 -28.83 -12.43
C ALA B 543 -3.64 -29.17 -11.39
N GLU B 544 -3.23 -29.57 -10.20
CA GLU B 544 -4.12 -29.84 -9.08
C GLU B 544 -3.54 -29.18 -7.84
N PRO B 545 -4.10 -28.06 -7.42
CA PRO B 545 -3.55 -27.39 -6.22
C PRO B 545 -3.90 -28.08 -4.92
N ARG B 546 -5.12 -28.61 -4.80
CA ARG B 546 -5.52 -29.25 -3.55
C ARG B 546 -4.79 -30.56 -3.35
N ARG B 547 -4.52 -31.28 -4.44
CA ARG B 547 -3.68 -32.47 -4.35
C ARG B 547 -2.29 -32.12 -3.87
N GLU B 548 -1.78 -30.96 -4.28
CA GLU B 548 -0.48 -30.51 -3.78
C GLU B 548 -0.53 -30.07 -2.33
N PHE B 549 -1.64 -29.46 -1.88
CA PHE B 549 -1.76 -29.11 -0.47
C PHE B 549 -1.74 -30.35 0.40
N GLY B 550 -2.48 -31.37 -0.01
CA GLY B 550 -2.42 -32.64 0.70
C GLY B 550 -1.06 -33.32 0.59
N ARG B 551 -0.41 -33.19 -0.56
CA ARG B 551 0.89 -33.82 -0.77
C ARG B 551 1.95 -33.19 0.13
N GLY B 552 1.87 -31.87 0.32
CA GLY B 552 2.76 -31.23 1.26
C GLY B 552 2.37 -31.42 2.70
N ALA B 553 1.09 -31.69 2.96
CA ALA B 553 0.64 -31.86 4.34
C ALA B 553 1.16 -33.13 4.98
N ILE B 554 1.71 -34.05 4.20
CA ILE B 554 2.26 -35.29 4.71
C ILE B 554 3.73 -35.46 4.35
N ARG B 555 4.42 -34.35 4.07
CA ARG B 555 5.87 -34.24 4.00
C ARG B 555 6.49 -35.14 2.92
N GLU B 556 6.05 -34.91 1.68
CA GLU B 556 6.87 -35.28 0.53
C GLU B 556 6.82 -34.17 -0.51
N PHE B 557 6.85 -32.93 -0.04
CA PHE B 557 6.95 -31.75 -0.88
C PHE B 557 8.27 -31.04 -0.59
N MET B 558 9.03 -30.74 -1.63
CA MET B 558 10.31 -30.07 -1.49
C MET B 558 10.21 -28.65 -2.01
N PRO B 559 10.43 -27.63 -1.19
CA PRO B 559 10.33 -26.25 -1.68
C PRO B 559 11.61 -25.79 -2.34
N ALA B 560 11.70 -24.51 -2.67
CA ALA B 560 12.82 -24.02 -3.46
C ALA B 560 13.69 -23.01 -2.75
N GLY B 561 13.13 -22.11 -1.96
CA GLY B 561 13.88 -21.00 -1.40
C GLY B 561 14.67 -21.26 -0.14
N GLU B 562 15.08 -22.51 0.11
CA GLU B 562 15.75 -22.80 1.37
C GLU B 562 17.25 -22.50 1.28
N ARG B 563 17.81 -22.12 2.42
CA ARG B 563 19.24 -21.82 2.57
C ARG B 563 19.91 -23.12 2.96
N SER B 564 20.04 -24.02 2.00
CA SER B 564 20.52 -25.36 2.33
C SER B 564 22.03 -25.40 2.58
N LEU B 565 22.82 -24.68 1.79
CA LEU B 565 24.28 -24.78 1.88
C LEU B 565 24.89 -23.71 2.78
N VAL B 566 24.32 -22.51 2.79
CA VAL B 566 24.96 -21.38 3.46
C VAL B 566 24.77 -21.36 4.97
N ILE B 567 24.14 -22.36 5.54
CA ILE B 567 23.98 -22.49 6.99
C ILE B 567 24.87 -23.65 7.45
N PRO B 568 25.26 -23.71 8.71
CA PRO B 568 25.98 -24.88 9.20
C PRO B 568 25.05 -26.07 9.34
N ALA B 569 25.65 -27.24 9.53
CA ALA B 569 24.90 -28.47 9.71
C ALA B 569 24.63 -28.73 11.19
N SER C 2 11.39 44.22 -5.74
CA SER C 2 10.51 44.23 -6.90
C SER C 2 11.29 43.96 -8.18
N ASP C 3 10.92 42.87 -8.86
CA ASP C 3 11.54 42.50 -10.11
C ASP C 3 10.50 42.64 -11.21
N THR C 4 10.85 43.31 -12.29
CA THR C 4 9.91 43.64 -13.36
C THR C 4 10.50 43.19 -14.69
N VAL C 5 10.11 42.00 -15.14
CA VAL C 5 10.57 41.44 -16.39
C VAL C 5 9.65 41.88 -17.52
N ASP C 6 10.12 41.76 -18.76
CA ASP C 6 9.25 41.80 -19.92
C ASP C 6 8.93 40.37 -20.33
N ILE C 7 7.98 40.20 -21.23
CA ILE C 7 7.54 38.87 -21.65
C ILE C 7 7.57 38.80 -23.16
N TYR C 8 8.20 37.75 -23.69
CA TYR C 8 8.29 37.50 -25.12
C TYR C 8 7.68 36.14 -25.45
N ASP C 9 7.25 35.98 -26.70
CA ASP C 9 6.48 34.81 -27.09
C ASP C 9 7.37 33.69 -27.61
N ASP C 10 6.77 32.71 -28.27
CA ASP C 10 7.42 31.60 -28.96
C ASP C 10 8.47 32.07 -29.96
N ARG C 11 8.23 33.16 -30.67
CA ARG C 11 9.10 33.64 -31.73
C ARG C 11 9.85 34.89 -31.31
N GLY C 12 9.89 35.18 -30.02
CA GLY C 12 10.61 36.33 -29.51
C GLY C 12 10.06 37.68 -29.88
N LYS C 13 8.74 37.82 -29.88
CA LYS C 13 8.09 39.11 -30.05
C LYS C 13 7.50 39.54 -28.72
N LEU C 14 7.42 40.84 -28.51
CA LEU C 14 7.02 41.38 -27.22
C LEU C 14 5.55 41.13 -26.94
N LEU C 15 5.24 40.72 -25.71
CA LEU C 15 3.88 40.43 -25.30
C LEU C 15 3.37 41.42 -24.25
N GLU C 16 4.04 41.51 -23.11
CA GLU C 16 3.64 42.45 -22.06
C GLU C 16 4.90 42.88 -21.32
N SER C 17 5.05 44.19 -21.14
CA SER C 17 6.28 44.77 -20.63
C SER C 17 6.15 45.21 -19.19
N ASN C 18 7.27 45.12 -18.46
CA ASN C 18 7.41 45.58 -17.08
C ASN C 18 6.41 44.93 -16.14
N VAL C 19 6.11 43.65 -16.39
CA VAL C 19 5.19 42.95 -15.52
C VAL C 19 5.89 42.61 -14.22
N ASP C 20 5.21 42.84 -13.10
CA ASP C 20 5.77 42.47 -11.81
C ASP C 20 5.75 40.96 -11.67
N ILE C 21 6.89 40.38 -11.28
CA ILE C 21 6.97 38.93 -11.20
C ILE C 21 6.19 38.36 -10.04
N MET C 22 5.72 39.19 -9.11
CA MET C 22 4.77 38.73 -8.11
C MET C 22 3.42 38.42 -8.74
N SER C 23 3.06 39.12 -9.81
CA SER C 23 1.79 38.84 -10.49
C SER C 23 1.85 37.54 -11.27
N LEU C 24 3.04 36.99 -11.51
CA LEU C 24 3.18 35.74 -12.24
C LEU C 24 3.08 34.53 -11.34
N ALA C 25 2.67 34.71 -10.09
CA ALA C 25 2.61 33.62 -9.16
C ALA C 25 1.50 32.64 -9.54
N PRO C 26 1.67 31.36 -9.22
CA PRO C 26 0.57 30.41 -9.43
C PRO C 26 -0.67 30.76 -8.65
N THR C 27 -0.53 31.38 -7.50
CA THR C 27 -1.63 31.76 -6.66
C THR C 27 -2.17 33.15 -6.98
N ARG C 28 -1.51 33.89 -7.86
CA ARG C 28 -1.96 35.23 -8.20
C ARG C 28 -2.36 35.40 -9.66
N ASN C 29 -1.75 34.67 -10.58
CA ASN C 29 -2.00 34.85 -11.99
C ASN C 29 -3.30 34.15 -12.38
N ALA C 30 -4.18 34.88 -13.07
CA ALA C 30 -5.45 34.30 -13.45
C ALA C 30 -5.31 33.23 -14.52
N ALA C 31 -4.34 33.40 -15.43
CA ALA C 31 -4.18 32.44 -16.52
C ALA C 31 -3.62 31.11 -16.04
N ILE C 32 -2.67 31.13 -15.11
CA ILE C 32 -2.17 29.90 -14.53
C ILE C 32 -3.27 29.21 -13.74
N LYS C 33 -4.13 30.00 -13.08
CA LYS C 33 -5.26 29.43 -12.35
C LYS C 33 -6.26 28.77 -13.29
N LYS C 34 -6.51 29.40 -14.44
CA LYS C 34 -7.40 28.79 -15.44
C LYS C 34 -6.79 27.54 -16.03
N ILE C 35 -5.48 27.54 -16.27
CA ILE C 35 -4.80 26.38 -16.82
C ILE C 35 -4.89 25.20 -15.87
N ILE C 36 -4.66 25.42 -14.59
CA ILE C 36 -4.66 24.30 -13.67
C ILE C 36 -6.08 23.87 -13.32
N LEU C 37 -7.04 24.80 -13.40
CA LEU C 37 -8.43 24.38 -13.21
C LEU C 37 -8.92 23.57 -14.40
N ASP C 38 -8.45 23.91 -15.61
CA ASP C 38 -8.75 23.09 -16.78
C ASP C 38 -8.08 21.73 -16.72
N THR C 39 -6.85 21.65 -16.22
CA THR C 39 -6.22 20.36 -16.03
C THR C 39 -6.94 19.54 -14.99
N LYS C 40 -7.52 20.19 -13.98
CA LYS C 40 -8.31 19.46 -13.00
C LYS C 40 -9.63 18.97 -13.60
N ARG C 41 -10.31 19.83 -14.35
CA ARG C 41 -11.69 19.59 -14.72
C ARG C 41 -11.88 18.83 -16.03
N SER C 42 -10.81 18.59 -16.80
CA SER C 42 -10.96 17.98 -18.10
C SER C 42 -10.44 16.54 -18.08
N VAL C 43 -11.11 15.67 -18.83
CA VAL C 43 -10.74 14.27 -18.91
C VAL C 43 -11.09 13.76 -20.31
N ALA C 44 -10.41 12.69 -20.73
CA ALA C 44 -10.45 12.19 -22.09
C ALA C 44 -11.01 10.77 -22.14
N VAL C 45 -11.85 10.51 -23.13
CA VAL C 45 -12.50 9.22 -23.31
C VAL C 45 -12.10 8.66 -24.67
N SER C 46 -11.56 7.45 -24.67
CA SER C 46 -11.22 6.74 -25.89
C SER C 46 -12.39 5.84 -26.26
N LEU C 47 -13.30 6.39 -27.10
CA LEU C 47 -14.51 5.66 -27.47
C LEU C 47 -14.18 4.40 -28.26
N ALA C 48 -13.22 4.47 -29.17
CA ALA C 48 -12.76 3.28 -29.86
C ALA C 48 -12.15 2.25 -28.93
N GLY C 49 -11.52 2.71 -27.84
CA GLY C 49 -11.05 1.77 -26.83
C GLY C 49 -12.18 1.06 -26.13
N ILE C 50 -13.26 1.79 -25.80
CA ILE C 50 -14.43 1.17 -25.20
C ILE C 50 -15.08 0.20 -26.17
N GLN C 51 -15.14 0.55 -27.45
CA GLN C 51 -15.73 -0.33 -28.45
C GLN C 51 -14.91 -1.60 -28.62
N GLY C 52 -13.59 -1.48 -28.66
CA GLY C 52 -12.76 -2.67 -28.73
C GLY C 52 -12.86 -3.52 -27.49
N ALA C 53 -13.02 -2.89 -26.32
CA ALA C 53 -13.18 -3.64 -25.08
C ALA C 53 -14.52 -4.36 -25.04
N LEU C 54 -15.57 -3.72 -25.56
CA LEU C 54 -16.88 -4.34 -25.57
C LEU C 54 -16.97 -5.46 -26.59
N ALA C 55 -16.31 -5.30 -27.74
CA ALA C 55 -16.38 -6.33 -28.77
C ALA C 55 -15.42 -7.48 -28.45
N SER C 56 -14.13 -7.19 -28.35
CA SER C 56 -13.12 -8.21 -28.17
C SER C 56 -13.09 -8.78 -26.76
N GLY C 57 -13.69 -8.09 -25.80
CA GLY C 57 -13.66 -8.56 -24.43
C GLY C 57 -12.38 -8.23 -23.68
N LYS C 58 -11.46 -7.51 -24.28
CA LYS C 58 -10.20 -7.18 -23.63
C LYS C 58 -10.36 -5.88 -22.86
N MET C 59 -10.25 -5.98 -21.54
CA MET C 59 -10.45 -4.87 -20.63
C MET C 59 -9.80 -5.23 -19.30
N GLY C 60 -9.70 -4.23 -18.44
CA GLY C 60 -9.27 -4.47 -17.07
C GLY C 60 -7.80 -4.55 -16.84
N GLY C 61 -6.98 -4.23 -17.83
CA GLY C 61 -5.56 -4.19 -17.61
C GLY C 61 -4.79 -4.58 -18.86
N LYS C 62 -3.51 -4.84 -18.65
CA LYS C 62 -2.61 -5.16 -19.74
C LYS C 62 -2.62 -6.66 -20.00
N GLY C 63 -2.91 -7.04 -21.23
CA GLY C 63 -2.95 -8.45 -21.59
C GLY C 63 -4.07 -9.22 -20.92
N ARG C 64 -5.24 -8.62 -20.78
CA ARG C 64 -6.39 -9.28 -20.19
C ARG C 64 -7.53 -9.29 -21.19
N GLN C 65 -8.36 -10.33 -21.12
CA GLN C 65 -9.51 -10.42 -22.02
C GLN C 65 -10.60 -11.27 -21.37
N ILE C 66 -11.79 -10.69 -21.23
CA ILE C 66 -12.96 -11.43 -20.75
C ILE C 66 -13.56 -12.08 -21.99
N LEU C 67 -13.48 -13.40 -22.04
CA LEU C 67 -13.75 -14.12 -23.28
C LEU C 67 -15.10 -14.81 -23.20
N GLY C 68 -15.96 -14.52 -24.16
CA GLY C 68 -17.25 -15.17 -24.20
C GLY C 68 -18.39 -14.20 -24.00
N ARG C 69 -18.10 -13.03 -23.46
CA ARG C 69 -19.11 -12.03 -23.17
C ARG C 69 -18.83 -10.74 -23.93
N GLY C 70 -18.49 -10.86 -25.21
CA GLY C 70 -18.33 -9.68 -26.02
C GLY C 70 -19.67 -9.03 -26.31
N LEU C 71 -19.71 -7.71 -26.16
CA LEU C 71 -20.90 -6.92 -26.42
C LEU C 71 -20.67 -6.15 -27.72
N ASN C 72 -21.34 -6.56 -28.79
CA ASN C 72 -21.14 -5.96 -30.10
C ASN C 72 -21.96 -4.67 -30.14
N TYR C 73 -21.30 -3.57 -29.79
CA TYR C 73 -21.94 -2.27 -29.77
C TYR C 73 -21.39 -1.40 -30.89
N ASP C 74 -21.99 -0.24 -31.08
CA ASP C 74 -21.52 0.73 -32.09
C ASP C 74 -21.36 2.08 -31.41
N LEU C 75 -20.18 2.31 -30.86
CA LEU C 75 -19.86 3.52 -30.11
C LEU C 75 -19.30 4.62 -30.97
N VAL C 76 -18.41 4.28 -31.90
CA VAL C 76 -17.78 5.28 -32.75
C VAL C 76 -18.78 5.86 -33.75
N GLY C 77 -19.66 5.03 -34.29
CA GLY C 77 -20.64 5.53 -35.26
C GLY C 77 -21.67 6.45 -34.64
N ASN C 78 -22.12 6.13 -33.43
CA ASN C 78 -23.12 6.93 -32.72
C ASN C 78 -22.48 7.84 -31.67
N ALA C 79 -21.29 8.36 -31.98
CA ALA C 79 -20.49 9.07 -30.97
C ALA C 79 -21.12 10.38 -30.56
N ASP C 80 -21.81 11.06 -31.48
CA ASP C 80 -22.37 12.37 -31.19
C ASP C 80 -23.47 12.29 -30.13
N ALA C 81 -24.38 11.33 -30.28
CA ALA C 81 -25.46 11.16 -29.30
C ALA C 81 -24.90 10.77 -27.94
N ILE C 82 -23.81 9.99 -27.93
CA ILE C 82 -23.07 9.73 -26.70
C ILE C 82 -22.55 11.03 -26.11
N ALA C 83 -22.12 11.97 -26.96
CA ALA C 83 -21.58 13.22 -26.44
C ALA C 83 -22.65 14.05 -25.75
N GLU C 84 -23.83 14.22 -26.37
CA GLU C 84 -24.86 14.96 -25.63
C GLU C 84 -25.37 14.20 -24.42
N ASN C 85 -25.43 12.87 -24.46
CA ASN C 85 -25.95 12.14 -23.30
C ASN C 85 -24.96 12.19 -22.13
N VAL C 86 -23.67 12.05 -22.40
CA VAL C 86 -22.67 12.17 -21.35
C VAL C 86 -22.60 13.61 -20.82
N LYS C 87 -22.76 14.60 -21.69
CA LYS C 87 -22.87 16.00 -21.23
C LYS C 87 -24.08 16.19 -20.33
N ASN C 88 -25.18 15.49 -20.62
CA ASN C 88 -26.34 15.56 -19.75
C ASN C 88 -26.05 14.96 -18.38
N LEU C 89 -25.32 13.85 -18.34
CA LEU C 89 -25.08 13.24 -17.03
C LEU C 89 -23.85 13.78 -16.29
N VAL C 90 -23.01 14.60 -16.91
CA VAL C 90 -21.82 15.08 -16.19
C VAL C 90 -22.08 16.46 -15.60
N GLN C 91 -23.00 17.21 -16.20
CA GLN C 91 -23.21 18.58 -15.76
C GLN C 91 -23.95 18.63 -14.43
N VAL C 92 -23.79 19.74 -13.73
CA VAL C 92 -24.48 19.95 -12.46
C VAL C 92 -25.72 20.81 -12.66
N ASP C 93 -25.59 21.91 -13.37
CA ASP C 93 -26.72 22.75 -13.75
C ASP C 93 -26.80 22.82 -15.27
N GLU C 94 -27.68 23.68 -15.76
CA GLU C 94 -27.95 23.77 -17.19
C GLU C 94 -26.92 24.68 -17.85
N GLY C 95 -25.94 24.06 -18.49
CA GLY C 95 -24.95 24.77 -19.29
C GLY C 95 -24.06 25.70 -18.50
N ASP C 96 -23.54 25.24 -17.37
CA ASP C 96 -22.79 26.13 -16.49
C ASP C 96 -21.40 26.45 -17.04
N ASP C 97 -20.52 25.45 -17.10
CA ASP C 97 -19.26 25.56 -17.83
C ASP C 97 -18.90 24.23 -18.43
N THR C 98 -19.89 23.36 -18.62
CA THR C 98 -19.68 21.98 -18.98
C THR C 98 -19.71 21.83 -20.49
N SER C 99 -18.72 21.13 -21.03
CA SER C 99 -18.64 20.89 -22.46
C SER C 99 -18.24 19.44 -22.69
N VAL C 100 -18.87 18.79 -23.65
CA VAL C 100 -18.40 17.51 -24.16
C VAL C 100 -18.25 17.65 -25.66
N LYS C 101 -17.02 17.53 -26.14
CA LYS C 101 -16.69 17.72 -27.54
C LYS C 101 -16.26 16.38 -28.12
N VAL C 102 -16.84 16.03 -29.24
CA VAL C 102 -16.37 14.87 -29.99
C VAL C 102 -15.37 15.35 -31.02
N ILE C 103 -14.28 14.61 -31.18
CA ILE C 103 -13.19 14.99 -32.06
C ILE C 103 -12.87 13.82 -32.98
N LYS C 104 -11.95 14.09 -33.91
CA LYS C 104 -11.25 13.13 -34.79
C LYS C 104 -12.20 12.12 -35.44
N GLY C 105 -13.40 12.58 -35.77
CA GLY C 105 -14.37 11.73 -36.42
C GLY C 105 -14.99 10.67 -35.53
N GLY C 106 -14.95 10.88 -34.22
CA GLY C 106 -15.67 10.03 -33.30
C GLY C 106 -14.85 9.00 -32.57
N LYS C 107 -13.54 8.98 -32.74
CA LYS C 107 -12.74 7.99 -32.03
C LYS C 107 -12.53 8.38 -30.58
N SER C 108 -12.76 9.64 -30.24
CA SER C 108 -12.41 10.15 -28.91
C SER C 108 -13.45 11.15 -28.43
N LEU C 109 -13.46 11.37 -27.12
CA LEU C 109 -14.27 12.40 -26.48
C LEU C 109 -13.42 13.20 -25.51
N LEU C 110 -13.80 14.46 -25.34
CA LEU C 110 -13.23 15.33 -24.32
C LEU C 110 -14.35 15.80 -23.40
N ILE C 111 -14.16 15.59 -22.10
CA ILE C 111 -15.17 15.90 -21.09
C ILE C 111 -14.62 16.95 -20.15
N GLN C 112 -15.19 18.15 -20.18
CA GLN C 112 -14.97 19.12 -19.13
C GLN C 112 -16.04 19.00 -18.05
N ALA C 113 -15.62 18.57 -16.87
CA ALA C 113 -16.47 18.56 -15.69
C ALA C 113 -16.76 19.99 -15.28
N PRO C 114 -17.85 20.24 -14.56
CA PRO C 114 -18.14 21.61 -14.11
C PRO C 114 -17.11 22.07 -13.09
N SER C 115 -16.96 23.39 -13.01
CA SER C 115 -16.12 23.98 -11.98
C SER C 115 -16.66 23.75 -10.58
N SER C 116 -17.97 23.54 -10.44
CA SER C 116 -18.60 23.27 -9.16
C SER C 116 -18.20 21.93 -8.58
N ARG C 117 -18.12 20.89 -9.41
CA ARG C 117 -17.72 19.57 -8.94
C ARG C 117 -16.28 19.55 -8.46
N ILE C 118 -15.44 20.45 -8.99
CA ILE C 118 -14.08 20.57 -8.48
C ILE C 118 -14.09 21.18 -7.08
N ALA C 119 -14.92 22.20 -6.89
CA ALA C 119 -15.04 22.88 -5.61
C ALA C 119 -16.00 22.17 -4.66
N ALA C 120 -16.60 21.05 -5.09
CA ALA C 120 -17.43 20.23 -4.23
C ALA C 120 -16.70 19.04 -3.64
N GLY C 121 -15.54 18.67 -4.20
CA GLY C 121 -14.74 17.60 -3.67
C GLY C 121 -13.40 18.13 -3.19
N ALA C 122 -12.64 17.24 -2.57
CA ALA C 122 -11.38 17.64 -1.97
C ALA C 122 -10.20 17.58 -2.91
N ASP C 123 -10.35 16.98 -4.09
CA ASP C 123 -9.27 16.98 -5.07
C ASP C 123 -9.86 16.94 -6.47
N TYR C 124 -9.07 16.47 -7.42
CA TYR C 124 -9.37 16.56 -8.84
C TYR C 124 -10.00 15.30 -9.42
N MET C 125 -10.10 14.21 -8.66
CA MET C 125 -10.59 12.95 -9.22
C MET C 125 -12.09 12.90 -9.40
N SER C 126 -12.80 13.95 -8.97
CA SER C 126 -14.22 14.08 -9.24
C SER C 126 -14.49 14.06 -10.74
N ALA C 127 -13.64 14.75 -11.51
CA ALA C 127 -13.82 14.78 -12.96
C ALA C 127 -13.67 13.40 -13.58
N THR C 128 -12.66 12.66 -13.15
CA THR C 128 -12.42 11.32 -13.69
C THR C 128 -13.57 10.38 -13.36
N THR C 129 -13.97 10.34 -12.09
CA THR C 129 -15.01 9.40 -11.68
C THR C 129 -16.38 9.77 -12.27
N VAL C 130 -16.72 11.05 -12.30
CA VAL C 130 -18.02 11.46 -12.82
C VAL C 130 -18.07 11.26 -14.34
N GLY C 131 -16.98 11.52 -15.05
CA GLY C 131 -16.95 11.26 -16.47
C GLY C 131 -17.04 9.78 -16.80
N ALA C 132 -16.31 8.94 -16.06
CA ALA C 132 -16.35 7.50 -16.32
C ALA C 132 -17.72 6.93 -16.01
N ALA C 133 -18.35 7.37 -14.91
CA ALA C 133 -19.67 6.87 -14.57
C ALA C 133 -20.73 7.38 -15.54
N ALA C 134 -20.59 8.61 -16.04
CA ALA C 134 -21.54 9.12 -17.03
C ALA C 134 -21.45 8.35 -18.34
N VAL C 135 -20.23 8.05 -18.79
CA VAL C 135 -20.05 7.25 -20.00
C VAL C 135 -20.61 5.84 -19.81
N THR C 136 -20.34 5.22 -18.65
CA THR C 136 -20.86 3.88 -18.37
C THR C 136 -22.38 3.86 -18.35
N GLN C 137 -22.98 4.84 -17.69
CA GLN C 137 -24.44 4.88 -17.60
C GLN C 137 -25.07 5.13 -18.95
N THR C 138 -24.45 5.95 -19.81
CA THR C 138 -25.00 6.15 -21.14
C THR C 138 -24.93 4.88 -21.97
N ILE C 139 -23.75 4.22 -22.01
CA ILE C 139 -23.65 3.04 -22.86
C ILE C 139 -24.47 1.88 -22.32
N ILE C 140 -24.87 1.92 -21.05
CA ILE C 140 -25.79 0.90 -20.56
C ILE C 140 -27.23 1.26 -20.89
N ASP C 141 -27.65 2.50 -20.60
CA ASP C 141 -29.09 2.76 -20.66
C ASP C 141 -29.58 2.99 -22.08
N MET C 142 -28.82 3.72 -22.91
CA MET C 142 -29.37 4.07 -24.21
C MET C 142 -28.86 3.19 -25.35
N PHE C 143 -28.11 2.14 -25.07
CA PHE C 143 -27.92 1.02 -25.99
C PHE C 143 -28.52 -0.30 -25.52
N GLY C 144 -29.20 -0.33 -24.38
CA GLY C 144 -29.92 -1.52 -23.97
C GLY C 144 -29.03 -2.68 -23.56
N THR C 145 -28.43 -2.58 -22.39
CA THR C 145 -27.57 -3.62 -21.84
C THR C 145 -28.36 -4.50 -20.90
N ASP C 146 -28.19 -5.81 -21.02
CA ASP C 146 -28.82 -6.76 -20.12
C ASP C 146 -28.37 -6.55 -18.69
N MET C 147 -29.23 -6.97 -17.76
CA MET C 147 -29.00 -6.82 -16.34
C MET C 147 -27.71 -7.50 -15.89
N TYR C 148 -27.42 -8.67 -16.44
CA TYR C 148 -26.19 -9.36 -16.08
C TYR C 148 -25.02 -8.97 -16.97
N ASP C 149 -25.25 -8.14 -17.98
CA ASP C 149 -24.19 -7.67 -18.86
C ASP C 149 -23.67 -6.30 -18.45
N ALA C 150 -24.27 -5.70 -17.41
CA ALA C 150 -23.83 -4.38 -16.96
C ALA C 150 -22.40 -4.29 -16.43
N PRO C 151 -21.87 -5.22 -15.63
CA PRO C 151 -20.47 -5.07 -15.20
C PRO C 151 -19.45 -5.12 -16.33
N ILE C 152 -19.74 -5.83 -17.42
CA ILE C 152 -18.85 -5.81 -18.57
C ILE C 152 -18.83 -4.44 -19.20
N ALA C 153 -20.00 -3.82 -19.36
CA ALA C 153 -20.05 -2.47 -19.90
C ALA C 153 -19.45 -1.45 -18.96
N LYS C 154 -19.45 -1.72 -17.66
CA LYS C 154 -18.79 -0.80 -16.73
C LYS C 154 -17.28 -0.93 -16.79
N SER C 155 -16.76 -2.16 -16.83
CA SER C 155 -15.31 -2.34 -16.90
C SER C 155 -14.76 -2.18 -18.30
N ALA C 156 -15.61 -1.95 -19.29
CA ALA C 156 -15.10 -1.42 -20.55
C ALA C 156 -14.69 0.03 -20.42
N VAL C 157 -15.28 0.77 -19.50
CA VAL C 157 -15.00 2.18 -19.30
C VAL C 157 -14.01 2.39 -18.15
N TRP C 158 -14.39 1.96 -16.96
CA TRP C 158 -13.46 1.91 -15.85
C TRP C 158 -12.50 0.76 -16.05
N GLY C 159 -11.44 0.74 -15.27
CA GLY C 159 -10.47 -0.33 -15.47
C GLY C 159 -10.80 -1.52 -14.60
N SER C 160 -9.82 -2.00 -13.86
CA SER C 160 -10.06 -2.94 -12.78
C SER C 160 -10.43 -2.22 -11.49
N TYR C 161 -10.78 -0.94 -11.57
CA TYR C 161 -11.30 -0.23 -10.41
C TYR C 161 -12.64 -0.83 -10.00
N PRO C 162 -12.87 -1.08 -8.71
CA PRO C 162 -12.11 -0.71 -7.52
C PRO C 162 -11.09 -1.70 -7.00
N GLN C 163 -10.83 -2.80 -7.71
CA GLN C 163 -9.89 -3.75 -7.14
C GLN C 163 -8.47 -3.21 -7.24
N THR C 164 -8.16 -2.47 -8.28
CA THR C 164 -6.93 -1.70 -8.33
C THR C 164 -7.26 -0.23 -8.19
N MET C 165 -6.43 0.48 -7.43
CA MET C 165 -6.72 1.87 -7.11
C MET C 165 -6.59 2.78 -8.31
N ASP C 166 -5.93 2.34 -9.36
CA ASP C 166 -5.92 3.01 -10.66
C ASP C 166 -6.95 2.36 -11.58
N LEU C 167 -7.48 3.16 -12.51
CA LEU C 167 -8.37 2.62 -13.55
C LEU C 167 -7.53 1.96 -14.64
N MET C 168 -6.90 0.85 -14.28
CA MET C 168 -5.92 0.23 -15.16
C MET C 168 -6.65 -0.60 -16.21
N GLY C 169 -6.41 -0.31 -17.47
CA GLY C 169 -7.18 -0.87 -18.54
C GLY C 169 -8.42 -0.10 -18.88
N GLY C 170 -8.72 0.97 -18.15
CA GLY C 170 -9.86 1.79 -18.49
C GLY C 170 -9.56 2.71 -19.66
N ASN C 171 -10.63 3.23 -20.25
CA ASN C 171 -10.52 4.11 -21.40
C ASN C 171 -10.81 5.55 -21.05
N VAL C 172 -10.81 5.90 -19.77
CA VAL C 172 -11.01 7.27 -19.32
C VAL C 172 -9.80 7.67 -18.50
N GLN C 173 -9.10 8.71 -18.96
CA GLN C 173 -7.99 9.27 -18.19
C GLN C 173 -7.80 10.71 -18.60
N GLY C 174 -7.27 11.50 -17.66
CA GLY C 174 -6.88 12.87 -17.90
C GLY C 174 -5.37 13.01 -17.80
N VAL C 175 -4.94 14.28 -17.74
CA VAL C 175 -3.52 14.57 -17.66
C VAL C 175 -2.96 14.18 -16.29
N LEU C 176 -3.74 14.41 -15.24
CA LEU C 176 -3.29 14.13 -13.89
C LEU C 176 -3.65 12.70 -13.49
N SER C 177 -2.74 12.03 -12.80
CA SER C 177 -3.04 10.68 -12.32
C SER C 177 -3.49 10.74 -10.87
N ILE C 178 -3.78 9.57 -10.28
CA ILE C 178 -4.45 9.47 -8.99
C ILE C 178 -3.58 10.03 -7.86
N PRO C 179 -4.18 10.59 -6.80
CA PRO C 179 -3.37 11.15 -5.71
C PRO C 179 -2.66 10.11 -4.87
N GLN C 180 -3.05 8.84 -4.94
CA GLN C 180 -2.22 7.83 -4.27
C GLN C 180 -0.90 7.61 -4.98
N ASN C 181 -0.76 8.11 -6.20
CA ASN C 181 0.47 8.02 -6.98
C ASN C 181 1.29 9.30 -6.88
N ASN C 182 1.28 9.93 -5.71
CA ASN C 182 2.11 11.10 -5.44
C ASN C 182 3.28 10.68 -4.57
N GLU C 183 4.49 11.06 -4.98
CA GLU C 183 5.65 10.76 -4.14
C GLU C 183 5.69 11.65 -2.91
N GLY C 184 5.22 12.88 -3.03
CA GLY C 184 5.29 13.82 -1.93
C GLY C 184 3.97 14.48 -1.62
N LEU C 185 4.03 15.59 -0.90
CA LEU C 185 2.83 16.34 -0.53
C LEU C 185 2.72 17.55 -1.46
N GLY C 186 1.59 17.66 -2.15
CA GLY C 186 1.46 18.66 -3.18
C GLY C 186 2.05 18.29 -4.51
N PHE C 187 2.42 17.02 -4.71
CA PHE C 187 3.00 16.58 -5.97
C PHE C 187 1.97 16.26 -7.04
N SER C 188 0.69 16.55 -6.80
CA SER C 188 -0.35 16.20 -7.75
C SER C 188 -0.26 16.97 -9.06
N LEU C 189 0.35 18.15 -9.07
CA LEU C 189 0.58 18.89 -10.30
C LEU C 189 1.93 18.58 -10.90
N ARG C 190 2.46 17.40 -10.65
CA ARG C 190 3.72 16.97 -11.22
C ARG C 190 3.66 15.57 -11.82
N ASN C 191 2.51 14.90 -11.79
CA ASN C 191 2.30 13.62 -12.46
C ASN C 191 2.00 13.79 -13.94
N ILE C 192 2.80 14.57 -14.66
CA ILE C 192 2.48 14.98 -16.02
C ILE C 192 3.72 14.73 -16.88
N MET C 193 3.75 13.61 -17.58
CA MET C 193 4.95 13.22 -18.30
C MET C 193 5.21 14.14 -19.48
N ALA C 194 6.47 14.17 -19.91
CA ALA C 194 6.92 15.13 -20.92
C ALA C 194 6.27 14.88 -22.27
N ASN C 195 5.89 13.64 -22.55
CA ASN C 195 5.18 13.33 -23.78
C ASN C 195 3.83 14.01 -23.82
N HIS C 196 3.15 14.11 -22.67
CA HIS C 196 1.89 14.82 -22.60
C HIS C 196 2.08 16.30 -22.92
N ILE C 197 3.15 16.91 -22.40
CA ILE C 197 3.38 18.34 -22.62
C ILE C 197 3.75 18.63 -24.07
N ALA C 198 4.60 17.79 -24.66
CA ALA C 198 4.98 18.00 -26.05
C ALA C 198 3.85 17.64 -27.00
N ALA C 199 2.97 16.72 -26.60
CA ALA C 199 1.82 16.37 -27.42
C ALA C 199 0.78 17.48 -27.37
N ILE C 200 0.66 18.15 -26.23
CA ILE C 200 -0.35 19.18 -26.06
C ILE C 200 0.00 20.41 -26.89
N THR C 201 1.26 20.82 -26.87
CA THR C 201 1.70 22.06 -27.51
C THR C 201 2.05 21.88 -28.98
N SER C 202 1.66 20.75 -29.58
CA SER C 202 1.95 20.39 -30.97
C SER C 202 3.45 20.44 -31.27
N ARG C 203 4.23 19.93 -30.33
CA ARG C 203 5.69 19.81 -30.43
C ARG C 203 6.39 21.15 -30.63
N GLY C 204 5.82 22.23 -30.09
CA GLY C 204 6.57 23.46 -29.97
C GLY C 204 7.53 23.37 -28.80
N ALA C 205 8.74 23.89 -28.99
CA ALA C 205 9.77 23.73 -27.97
C ALA C 205 9.85 24.89 -27.00
N MET C 206 9.56 26.11 -27.42
CA MET C 206 9.34 27.17 -26.43
C MET C 206 8.09 26.92 -25.60
N ASN C 207 7.03 26.40 -26.20
CA ASN C 207 5.74 26.27 -25.55
C ASN C 207 5.68 25.08 -24.60
N ALA C 208 6.34 23.97 -24.93
CA ALA C 208 6.34 22.84 -24.02
C ALA C 208 7.13 23.15 -22.77
N ALA C 209 8.27 23.82 -22.92
CA ALA C 209 9.06 24.24 -21.77
C ALA C 209 8.28 25.23 -20.91
N ALA C 210 7.60 26.16 -21.54
CA ALA C 210 6.82 27.15 -20.81
C ALA C 210 5.68 26.51 -20.05
N LEU C 211 4.94 25.60 -20.67
CA LEU C 211 3.79 25.03 -19.97
C LEU C 211 4.23 24.04 -18.91
N SER C 212 5.37 23.39 -19.08
CA SER C 212 5.89 22.61 -17.98
C SER C 212 6.41 23.49 -16.85
N SER C 213 6.89 24.70 -17.16
CA SER C 213 7.17 25.66 -16.09
C SER C 213 5.92 26.05 -15.35
N ILE C 214 4.82 26.27 -16.08
CA ILE C 214 3.54 26.62 -15.46
C ILE C 214 3.12 25.54 -14.48
N TYR C 215 3.14 24.29 -14.93
CA TYR C 215 2.72 23.19 -14.07
C TYR C 215 3.69 22.98 -12.93
N GLU C 216 4.99 23.09 -13.19
CA GLU C 216 5.98 22.80 -12.15
C GLU C 216 5.97 23.85 -11.06
N GLN C 217 5.84 25.12 -11.41
CA GLN C 217 5.82 26.12 -10.35
C GLN C 217 4.48 26.16 -9.64
N SER C 218 3.39 25.78 -10.31
CA SER C 218 2.15 25.59 -9.57
C SER C 218 2.28 24.47 -8.56
N GLY C 219 2.95 23.38 -8.96
CA GLY C 219 3.23 22.31 -8.02
C GLY C 219 4.11 22.76 -6.87
N ILE C 220 5.14 23.55 -7.16
CA ILE C 220 6.09 24.02 -6.14
C ILE C 220 5.40 24.92 -5.13
N PHE C 221 4.56 25.84 -5.61
CA PHE C 221 3.79 26.67 -4.68
C PHE C 221 2.80 25.84 -3.88
N GLU C 222 2.27 24.76 -4.45
CA GLU C 222 1.39 23.89 -3.69
C GLU C 222 2.16 23.08 -2.64
N MET C 223 3.43 22.80 -2.86
CA MET C 223 4.27 22.16 -1.84
C MET C 223 4.50 23.02 -0.61
N GLY C 224 4.16 24.30 -0.66
CA GLY C 224 4.62 25.18 0.39
C GLY C 224 6.08 25.53 0.30
N GLY C 225 6.68 25.33 -0.86
CA GLY C 225 8.07 25.64 -1.12
C GLY C 225 8.30 27.04 -1.63
N ALA C 226 7.29 27.89 -1.58
CA ALA C 226 7.46 29.30 -1.92
C ALA C 226 6.70 30.12 -0.89
N VAL C 227 7.34 30.37 0.25
CA VAL C 227 6.81 31.26 1.27
C VAL C 227 7.94 32.21 1.69
N GLY C 228 7.57 33.45 1.95
CA GLY C 228 8.57 34.45 2.23
C GLY C 228 9.37 34.83 1.00
N MET C 229 10.70 34.84 1.15
CA MET C 229 11.55 35.25 0.05
C MET C 229 11.76 34.18 -1.00
N PHE C 230 11.48 32.91 -0.68
CA PHE C 230 11.58 31.84 -1.66
C PHE C 230 10.57 31.97 -2.77
N GLU C 231 9.47 32.67 -2.52
CA GLU C 231 8.50 32.95 -3.57
C GLU C 231 9.14 33.78 -4.67
N ARG C 232 9.93 34.78 -4.30
CA ARG C 232 10.65 35.57 -5.31
C ARG C 232 11.72 34.72 -5.98
N HIS C 233 12.33 33.80 -5.24
CA HIS C 233 13.35 32.92 -5.79
C HIS C 233 12.78 31.98 -6.85
N GLN C 234 11.52 31.55 -6.68
CA GLN C 234 10.88 30.71 -7.67
C GLN C 234 10.33 31.53 -8.84
N LEU C 235 9.76 32.69 -8.55
CA LEU C 235 9.12 33.46 -9.61
C LEU C 235 10.14 34.08 -10.54
N LEU C 236 11.34 34.39 -10.04
CA LEU C 236 12.39 34.87 -10.93
C LEU C 236 12.79 33.81 -11.94
N GLY C 237 12.90 32.57 -11.51
CA GLY C 237 13.19 31.49 -12.44
C GLY C 237 12.04 31.21 -13.39
N LEU C 238 10.80 31.30 -12.90
CA LEU C 238 9.63 31.08 -13.75
C LEU C 238 9.56 32.14 -14.84
N ALA C 239 9.90 33.38 -14.50
CA ALA C 239 9.98 34.42 -15.51
C ALA C 239 11.13 34.15 -16.48
N CYS C 240 12.32 33.92 -15.95
CA CYS C 240 13.52 33.90 -16.78
C CYS C 240 13.63 32.61 -17.60
N GLN C 241 13.39 31.46 -16.96
CA GLN C 241 13.60 30.21 -17.69
C GLN C 241 12.44 29.87 -18.59
N GLY C 242 11.27 29.61 -18.02
CA GLY C 242 10.12 29.21 -18.80
C GLY C 242 9.48 30.33 -19.61
N LEU C 243 9.12 31.42 -18.96
CA LEU C 243 8.28 32.43 -19.59
C LEU C 243 9.01 33.44 -20.45
N ASN C 244 10.27 33.20 -20.83
CA ASN C 244 10.98 33.97 -21.85
C ASN C 244 11.09 35.46 -21.47
N ALA C 245 11.68 35.71 -20.32
CA ALA C 245 11.78 37.08 -19.82
C ALA C 245 12.84 37.85 -20.57
N ASN C 246 12.44 39.00 -21.11
CA ASN C 246 13.29 39.94 -21.86
C ASN C 246 13.95 39.28 -23.07
N ASN C 247 13.31 38.24 -23.62
CA ASN C 247 13.74 37.52 -24.81
C ASN C 247 15.10 36.86 -24.63
N VAL C 248 15.46 36.53 -23.38
CA VAL C 248 16.85 36.15 -23.11
C VAL C 248 17.18 34.80 -23.73
N VAL C 249 16.33 33.80 -23.51
CA VAL C 249 16.62 32.45 -23.97
C VAL C 249 16.57 32.37 -25.50
N TYR C 250 15.56 32.99 -26.11
CA TYR C 250 15.48 33.00 -27.56
C TYR C 250 16.58 33.85 -28.18
N ASP C 251 17.05 34.89 -27.48
CA ASP C 251 18.17 35.68 -27.95
C ASP C 251 19.45 34.86 -27.94
N ILE C 252 19.64 34.07 -26.90
CA ILE C 252 20.82 33.22 -26.80
C ILE C 252 20.79 32.13 -27.85
N VAL C 253 19.59 31.59 -28.13
CA VAL C 253 19.46 30.54 -29.14
C VAL C 253 19.73 31.10 -30.53
N LYS C 254 19.13 32.24 -30.87
CA LYS C 254 19.41 32.89 -32.14
C LYS C 254 20.85 33.31 -32.29
N GLU C 255 21.52 33.64 -31.19
CA GLU C 255 22.95 33.91 -31.24
C GLU C 255 23.76 32.65 -31.48
N ASN C 256 23.35 31.51 -30.91
CA ASN C 256 24.11 30.28 -30.99
C ASN C 256 23.38 29.21 -31.78
N GLY C 257 22.63 29.62 -32.79
CA GLY C 257 21.90 28.67 -33.59
C GLY C 257 22.77 27.88 -34.54
N LYS C 258 23.42 28.60 -35.46
CA LYS C 258 24.09 27.96 -36.59
C LYS C 258 25.33 27.18 -36.16
N ASP C 259 26.13 27.74 -35.27
CA ASP C 259 27.42 27.14 -34.91
C ASP C 259 27.54 26.83 -33.43
N GLY C 260 26.54 27.15 -32.63
CA GLY C 260 26.72 27.19 -31.18
C GLY C 260 26.75 25.82 -30.53
N THR C 261 27.51 25.73 -29.46
CA THR C 261 27.63 24.57 -28.60
C THR C 261 27.21 24.98 -27.18
N ILE C 262 27.49 24.11 -26.21
CA ILE C 262 27.24 24.44 -24.81
C ILE C 262 28.13 25.60 -24.35
N GLY C 263 29.39 25.61 -24.80
CA GLY C 263 30.31 26.64 -24.35
C GLY C 263 29.94 28.05 -24.77
N THR C 264 29.42 28.20 -25.99
CA THR C 264 29.01 29.53 -26.43
C THR C 264 27.79 30.02 -25.67
N VAL C 265 26.91 29.08 -25.28
CA VAL C 265 25.76 29.44 -24.44
C VAL C 265 26.24 29.93 -23.08
N ILE C 266 27.24 29.27 -22.52
CA ILE C 266 27.80 29.70 -21.24
C ILE C 266 28.45 31.07 -21.36
N GLU C 267 29.19 31.30 -22.45
CA GLU C 267 29.79 32.61 -22.66
C GLU C 267 28.73 33.70 -22.78
N SER C 268 27.61 33.39 -23.44
CA SER C 268 26.54 34.38 -23.56
C SER C 268 25.88 34.67 -22.22
N ILE C 269 25.62 33.65 -21.41
CA ILE C 269 24.95 33.94 -20.15
C ILE C 269 25.89 34.63 -19.17
N VAL C 270 27.20 34.36 -19.21
CA VAL C 270 28.07 35.01 -18.26
C VAL C 270 28.34 36.44 -18.70
N GLY C 271 28.37 36.69 -20.01
CA GLY C 271 28.42 38.07 -20.48
C GLY C 271 27.18 38.86 -20.11
N ARG C 272 26.00 38.22 -20.19
CA ARG C 272 24.78 38.90 -19.79
C ARG C 272 24.72 39.12 -18.29
N ALA C 273 25.18 38.15 -17.50
CA ALA C 273 25.18 38.30 -16.05
C ALA C 273 26.14 39.38 -15.60
N VAL C 274 27.33 39.42 -16.21
CA VAL C 274 28.31 40.43 -15.83
C VAL C 274 27.86 41.81 -16.27
N GLU C 275 27.32 41.95 -17.49
CA GLU C 275 26.98 43.28 -17.97
C GLU C 275 25.72 43.82 -17.31
N ASP C 276 24.88 42.94 -16.76
CA ASP C 276 23.67 43.40 -16.08
C ASP C 276 23.91 43.75 -14.64
N GLY C 277 25.13 43.59 -14.14
CA GLY C 277 25.40 43.87 -12.75
C GLY C 277 24.92 42.81 -11.79
N VAL C 278 24.49 41.65 -12.29
CA VAL C 278 24.04 40.59 -11.41
C VAL C 278 25.21 40.00 -10.64
N ILE C 279 26.31 39.74 -11.32
CA ILE C 279 27.50 39.20 -10.66
C ILE C 279 28.66 40.14 -10.89
N SER C 280 29.67 40.02 -10.02
CA SER C 280 30.84 40.87 -10.09
C SER C 280 32.03 40.08 -9.60
N VAL C 281 33.22 40.57 -9.91
CA VAL C 281 34.44 39.84 -9.57
C VAL C 281 34.72 40.02 -8.08
N ASP C 282 34.63 38.92 -7.34
CA ASP C 282 34.93 38.95 -5.92
C ASP C 282 36.42 39.19 -5.69
N LYS C 283 37.24 38.25 -6.14
CA LYS C 283 38.68 38.38 -6.06
C LYS C 283 39.28 37.86 -7.36
N THR C 284 40.54 38.19 -7.59
CA THR C 284 41.27 37.67 -8.74
C THR C 284 42.44 36.86 -8.23
N ALA C 285 42.52 35.61 -8.65
CA ALA C 285 43.53 34.69 -8.16
C ALA C 285 44.84 34.93 -8.90
N PRO C 286 45.91 34.22 -8.54
CA PRO C 286 47.04 34.08 -9.46
C PRO C 286 46.59 33.44 -10.77
N SER C 287 47.29 33.81 -11.85
CA SER C 287 46.94 33.51 -13.24
C SER C 287 45.62 34.15 -13.67
N GLY C 288 45.16 35.14 -12.93
CA GLY C 288 44.02 35.96 -13.34
C GLY C 288 42.70 35.25 -13.47
N TYR C 289 42.45 34.23 -12.66
CA TYR C 289 41.14 33.58 -12.66
C TYR C 289 40.19 34.44 -11.86
N LYS C 290 39.24 35.07 -12.53
CA LYS C 290 38.28 35.96 -11.90
C LYS C 290 37.32 35.13 -11.07
N PHE C 291 37.40 35.25 -9.76
CA PHE C 291 36.43 34.62 -8.86
C PHE C 291 35.21 35.51 -8.74
N TYR C 292 34.04 34.94 -8.92
CA TYR C 292 32.83 35.73 -9.04
C TYR C 292 31.95 35.53 -7.82
N LYS C 293 31.16 36.57 -7.53
CA LYS C 293 30.20 36.57 -6.43
C LYS C 293 28.88 37.10 -6.97
N ALA C 294 27.79 36.72 -6.32
CA ALA C 294 26.46 37.07 -6.77
C ALA C 294 25.95 38.26 -5.97
N ASN C 295 25.65 39.37 -6.65
CA ASN C 295 24.96 40.48 -6.01
C ASN C 295 23.51 40.14 -5.73
N ASP C 296 22.89 39.36 -6.61
CA ASP C 296 21.54 38.86 -6.41
C ASP C 296 21.53 37.37 -6.71
N VAL C 297 21.36 36.56 -5.68
CA VAL C 297 21.38 35.11 -5.80
C VAL C 297 20.09 34.55 -6.42
N PRO C 298 18.87 35.04 -6.11
CA PRO C 298 17.73 34.64 -6.94
C PRO C 298 17.87 35.02 -8.41
N MET C 299 18.48 36.17 -8.72
CA MET C 299 18.65 36.53 -10.11
C MET C 299 19.75 35.71 -10.77
N TRP C 300 20.82 35.36 -10.05
CA TRP C 300 21.83 34.51 -10.64
C TRP C 300 21.28 33.12 -10.90
N ASN C 301 20.44 32.61 -10.00
CA ASN C 301 19.81 31.33 -10.27
C ASN C 301 18.82 31.42 -11.44
N ALA C 302 18.18 32.57 -11.62
CA ALA C 302 17.34 32.77 -12.78
C ALA C 302 18.15 32.75 -14.08
N TYR C 303 19.32 33.41 -14.09
CA TYR C 303 20.19 33.32 -15.26
C TYR C 303 20.70 31.91 -15.51
N ALA C 304 21.05 31.17 -14.47
CA ALA C 304 21.53 29.82 -14.71
C ALA C 304 20.42 28.91 -15.21
N ALA C 305 19.17 29.15 -14.77
CA ALA C 305 18.03 28.40 -15.31
C ALA C 305 17.75 28.75 -16.76
N ALA C 306 17.78 30.04 -17.10
CA ALA C 306 17.56 30.47 -18.47
C ALA C 306 18.63 29.91 -19.38
N GLY C 307 19.88 29.93 -18.92
CA GLY C 307 20.94 29.32 -19.69
C GLY C 307 20.80 27.82 -19.80
N THR C 308 20.23 27.18 -18.79
CA THR C 308 20.00 25.74 -18.87
C THR C 308 19.01 25.41 -19.97
N LEU C 309 17.92 26.16 -20.05
CA LEU C 309 16.95 25.93 -21.13
C LEU C 309 17.52 26.31 -22.50
N ALA C 310 18.30 27.39 -22.56
CA ALA C 310 18.92 27.78 -23.82
C ALA C 310 19.92 26.74 -24.29
N ALA C 311 20.68 26.16 -23.37
CA ALA C 311 21.64 25.13 -23.75
C ALA C 311 20.93 23.86 -24.15
N THR C 312 19.79 23.56 -23.51
CA THR C 312 18.93 22.46 -23.98
C THR C 312 18.51 22.65 -25.42
N PHE C 313 18.09 23.87 -25.77
CA PHE C 313 17.71 24.16 -27.14
C PHE C 313 18.88 23.97 -28.10
N VAL C 314 20.03 24.55 -27.76
CA VAL C 314 21.19 24.51 -28.66
C VAL C 314 21.77 23.10 -28.79
N ASN C 315 21.75 22.31 -27.72
CA ASN C 315 22.33 20.98 -27.76
C ASN C 315 21.35 19.91 -28.22
N CYS C 316 20.04 20.20 -28.24
CA CYS C 316 19.09 19.21 -28.73
C CYS C 316 18.68 19.51 -30.16
N GLY C 317 18.56 20.79 -30.54
CA GLY C 317 18.26 21.10 -31.92
C GLY C 317 19.41 20.81 -32.86
N ALA C 318 20.63 20.80 -32.34
CA ALA C 318 21.77 20.42 -33.16
C ALA C 318 21.72 18.95 -33.53
N GLY C 319 21.42 18.08 -32.57
CA GLY C 319 21.31 16.67 -32.87
C GLY C 319 19.94 16.22 -33.32
N ARG C 320 18.92 17.05 -33.13
CA ARG C 320 17.51 16.69 -33.34
C ARG C 320 17.15 15.43 -32.58
N ALA C 321 17.70 15.30 -31.38
CA ALA C 321 17.52 14.12 -30.55
C ALA C 321 17.01 14.53 -29.18
N ALA C 322 16.16 13.69 -28.60
CA ALA C 322 15.54 13.99 -27.32
C ALA C 322 16.38 13.54 -26.14
N GLN C 323 17.44 12.79 -26.39
CA GLN C 323 18.22 12.16 -25.33
C GLN C 323 19.31 13.06 -24.78
N ASN C 324 19.53 14.23 -25.38
CA ASN C 324 20.68 15.04 -25.00
C ASN C 324 20.50 15.72 -23.67
N VAL C 325 19.28 15.95 -23.21
CA VAL C 325 19.08 16.61 -21.91
C VAL C 325 19.40 15.75 -20.71
N SER C 326 19.74 14.49 -20.92
CA SER C 326 20.34 13.74 -19.84
C SER C 326 21.67 14.35 -19.44
N SER C 327 22.37 14.96 -20.39
CA SER C 327 23.72 15.47 -20.18
C SER C 327 23.83 16.97 -20.38
N THR C 328 22.90 17.57 -21.11
CA THR C 328 22.99 18.99 -21.42
C THR C 328 22.85 19.83 -20.18
N LEU C 329 21.87 19.50 -19.33
CA LEU C 329 21.67 20.20 -18.07
C LEU C 329 22.88 20.04 -17.16
N LEU C 330 23.37 18.79 -17.07
CA LEU C 330 24.47 18.42 -16.21
C LEU C 330 25.72 19.20 -16.58
N TYR C 331 26.09 19.14 -17.85
CA TYR C 331 27.37 19.71 -18.26
C TYR C 331 27.27 21.20 -18.45
N PHE C 332 26.09 21.73 -18.74
CA PHE C 332 25.92 23.17 -18.70
C PHE C 332 26.20 23.70 -17.30
N ASN C 333 25.58 23.09 -16.29
CA ASN C 333 25.77 23.59 -14.94
C ASN C 333 27.16 23.31 -14.41
N ASP C 334 27.79 22.24 -14.87
CA ASP C 334 29.15 21.95 -14.43
C ASP C 334 30.17 22.92 -15.04
N ILE C 335 30.08 23.20 -16.35
CA ILE C 335 30.97 24.19 -16.95
C ILE C 335 30.66 25.57 -16.40
N LEU C 336 29.41 25.83 -16.05
CA LEU C 336 29.06 27.11 -15.47
C LEU C 336 29.64 27.29 -14.07
N GLU C 337 29.70 26.23 -13.27
CA GLU C 337 30.39 26.30 -12.00
C GLU C 337 31.88 26.50 -12.20
N LYS C 338 32.46 25.83 -13.20
CA LYS C 338 33.89 25.99 -13.47
C LYS C 338 34.21 27.39 -13.96
N GLU C 339 33.33 27.99 -14.74
CA GLU C 339 33.65 29.23 -15.42
C GLU C 339 33.69 30.41 -14.46
N THR C 340 32.71 30.51 -13.55
CA THR C 340 32.57 31.67 -12.71
C THR C 340 32.95 31.42 -11.25
N GLY C 341 32.81 30.19 -10.76
CA GLY C 341 32.96 29.90 -9.35
C GLY C 341 31.66 29.91 -8.58
N LEU C 342 30.63 30.53 -9.14
CA LEU C 342 29.27 30.54 -8.62
C LEU C 342 28.62 29.18 -8.82
N PRO C 343 27.70 28.78 -7.94
CA PRO C 343 26.97 27.54 -8.18
C PRO C 343 26.01 27.68 -9.34
N GLY C 344 25.69 26.54 -9.95
CA GLY C 344 24.83 26.51 -11.11
C GLY C 344 23.37 26.74 -10.76
N CYS C 345 22.47 26.34 -11.65
CA CYS C 345 21.06 26.55 -11.39
C CYS C 345 20.60 25.65 -10.25
N ASP C 346 19.75 26.23 -9.39
CA ASP C 346 19.18 25.56 -8.23
C ASP C 346 20.23 25.04 -7.26
N TYR C 347 21.41 25.66 -7.28
CA TYR C 347 22.53 25.38 -6.38
C TYR C 347 22.90 23.90 -6.41
N GLY C 348 22.88 23.32 -7.59
CA GLY C 348 23.26 21.96 -7.81
C GLY C 348 22.10 20.99 -7.89
N LYS C 349 20.87 21.45 -7.64
CA LYS C 349 19.73 20.55 -7.65
C LYS C 349 19.42 20.07 -9.06
N VAL C 350 19.42 20.98 -10.04
CA VAL C 350 19.12 20.57 -11.41
C VAL C 350 20.29 19.79 -11.99
N GLN C 351 21.51 20.05 -11.50
CA GLN C 351 22.64 19.24 -11.90
C GLN C 351 22.52 17.82 -11.37
N GLY C 352 22.05 17.67 -10.13
CA GLY C 352 21.82 16.34 -9.60
C GLY C 352 20.69 15.62 -10.30
N VAL C 353 19.63 16.35 -10.65
CA VAL C 353 18.53 15.79 -11.41
C VAL C 353 19.01 15.30 -12.77
N ALA C 354 19.87 16.08 -13.43
CA ALA C 354 20.46 15.66 -14.69
C ALA C 354 21.39 14.47 -14.51
N VAL C 355 22.07 14.40 -13.36
CA VAL C 355 22.97 13.28 -13.07
C VAL C 355 22.17 11.98 -13.00
N GLY C 356 21.08 11.98 -12.23
CA GLY C 356 20.28 10.78 -12.12
C GLY C 356 19.48 10.49 -13.37
N PHE C 357 19.08 11.54 -14.08
CA PHE C 357 18.36 11.41 -15.33
C PHE C 357 19.23 10.76 -16.40
N SER C 358 20.52 11.09 -16.42
CA SER C 358 21.45 10.43 -17.32
C SER C 358 21.55 8.95 -17.03
N PHE C 359 21.53 8.58 -15.75
CA PHE C 359 21.69 7.18 -15.41
C PHE C 359 20.45 6.37 -15.70
N PHE C 360 19.25 6.90 -15.46
CA PHE C 360 18.07 6.10 -15.80
C PHE C 360 17.68 6.25 -17.25
N SER C 361 18.25 7.20 -17.97
CA SER C 361 17.98 7.25 -19.40
C SER C 361 19.13 6.70 -20.23
N HIS C 362 20.16 6.10 -19.61
CA HIS C 362 21.23 5.48 -20.37
C HIS C 362 21.77 4.21 -19.73
N SER C 363 20.94 3.44 -19.02
CA SER C 363 21.48 2.23 -18.38
C SER C 363 20.38 1.18 -18.21
N ILE C 364 20.77 0.08 -17.55
CA ILE C 364 19.90 -1.07 -17.37
C ILE C 364 18.82 -0.83 -16.32
N TYR C 365 18.84 0.31 -15.66
CA TYR C 365 17.82 0.63 -14.67
C TYR C 365 16.63 1.25 -15.38
N GLY C 366 15.44 0.85 -14.94
CA GLY C 366 14.24 1.12 -15.70
C GLY C 366 13.74 2.54 -15.66
N GLY C 367 14.42 3.43 -16.36
CA GLY C 367 13.95 4.79 -16.43
C GLY C 367 13.35 5.12 -17.77
N GLY C 368 13.97 4.67 -18.84
CA GLY C 368 13.46 4.92 -20.16
C GLY C 368 13.86 6.27 -20.69
N GLY C 369 13.24 6.62 -21.82
CA GLY C 369 13.57 7.84 -22.50
C GLY C 369 13.07 9.05 -21.75
N PRO C 370 13.53 10.23 -22.18
CA PRO C 370 13.07 11.48 -21.55
C PRO C 370 11.58 11.74 -21.69
N GLY C 371 10.89 11.08 -22.61
CA GLY C 371 9.48 11.32 -22.82
C GLY C 371 8.59 10.90 -21.67
N VAL C 372 9.08 10.06 -20.76
CA VAL C 372 8.23 9.52 -19.71
C VAL C 372 8.51 10.14 -18.35
N PHE C 373 9.42 11.10 -18.26
CA PHE C 373 9.83 11.66 -16.99
C PHE C 373 9.00 12.89 -16.67
N ASN C 374 8.52 12.96 -15.44
CA ASN C 374 7.68 14.03 -14.94
C ASN C 374 8.22 14.53 -13.59
N GLY C 375 7.55 15.53 -13.04
CA GLY C 375 8.00 16.06 -11.76
C GLY C 375 7.75 15.15 -10.59
N ASN C 376 6.82 14.22 -10.71
CA ASN C 376 6.56 13.24 -9.67
C ASN C 376 7.45 12.02 -9.80
N HIS C 377 8.24 11.94 -10.87
CA HIS C 377 9.16 10.82 -11.02
C HIS C 377 10.19 10.91 -9.92
N VAL C 378 10.60 9.74 -9.41
CA VAL C 378 11.44 9.72 -8.23
C VAL C 378 12.82 10.31 -8.50
N VAL C 379 13.22 10.41 -9.77
CA VAL C 379 14.55 10.88 -10.11
C VAL C 379 14.55 12.38 -10.34
N THR C 380 13.52 12.90 -10.99
CA THR C 380 13.54 14.27 -11.45
C THR C 380 12.69 15.19 -10.58
N ARG C 381 12.35 14.76 -9.38
CA ARG C 381 11.53 15.56 -8.48
C ARG C 381 12.34 16.57 -7.70
N HIS C 382 13.67 16.46 -7.69
CA HIS C 382 14.48 17.19 -6.72
C HIS C 382 14.59 18.67 -7.04
N SER C 383 14.83 19.00 -8.31
CA SER C 383 14.95 20.40 -8.69
C SER C 383 13.60 21.09 -8.61
N ARG C 384 13.61 22.35 -8.21
CA ARG C 384 12.37 23.04 -7.88
C ARG C 384 11.67 23.60 -9.11
N GLY C 385 11.51 22.80 -10.15
CA GLY C 385 10.83 23.24 -11.36
C GLY C 385 11.71 23.87 -12.41
N PHE C 386 13.01 23.62 -12.40
CA PHE C 386 13.93 24.16 -13.38
C PHE C 386 14.52 23.10 -14.31
N ALA C 387 14.04 21.87 -14.22
CA ALA C 387 14.57 20.77 -15.01
C ALA C 387 13.57 20.25 -16.04
N ILE C 388 12.35 19.98 -15.61
CA ILE C 388 11.31 19.38 -16.47
C ILE C 388 10.88 20.26 -17.63
N PRO C 389 10.91 21.61 -17.55
CA PRO C 389 10.74 22.40 -18.78
C PRO C 389 11.71 22.05 -19.89
N CYS C 390 12.96 21.79 -19.54
CA CYS C 390 13.96 21.42 -20.53
C CYS C 390 13.70 20.03 -21.09
N VAL C 391 13.20 19.12 -20.27
CA VAL C 391 12.88 17.76 -20.73
C VAL C 391 11.72 17.81 -21.72
N CYS C 392 10.68 18.58 -21.41
CA CYS C 392 9.56 18.71 -22.32
C CYS C 392 9.97 19.40 -23.61
N ALA C 393 10.90 20.36 -23.52
CA ALA C 393 11.42 21.00 -24.73
C ALA C 393 12.21 20.04 -25.58
N ALA C 394 12.99 19.15 -24.96
CA ALA C 394 13.74 18.14 -25.70
C ALA C 394 12.82 17.16 -26.40
N VAL C 395 11.75 16.74 -25.72
CA VAL C 395 10.80 15.82 -26.32
C VAL C 395 10.08 16.47 -27.48
N ALA C 396 9.70 17.75 -27.32
CA ALA C 396 9.10 18.48 -28.43
C ALA C 396 10.08 18.74 -29.56
N LEU C 397 11.37 18.68 -29.30
CA LEU C 397 12.38 19.02 -30.28
C LEU C 397 12.88 17.81 -31.06
N ASP C 398 12.42 16.62 -30.72
CA ASP C 398 12.93 15.40 -31.32
C ASP C 398 12.48 15.26 -32.77
N ALA C 399 13.21 14.42 -33.52
CA ALA C 399 12.88 14.12 -34.90
C ALA C 399 12.88 12.63 -35.18
N GLY C 400 12.38 11.81 -34.25
CA GLY C 400 12.07 10.43 -34.56
C GLY C 400 13.07 9.39 -34.12
N THR C 401 14.03 9.74 -33.27
CA THR C 401 15.01 8.77 -32.82
C THR C 401 14.60 8.07 -31.53
N GLN C 402 13.41 8.33 -31.03
CA GLN C 402 12.94 7.77 -29.77
C GLN C 402 11.73 6.89 -30.05
N MET C 403 11.77 5.65 -29.55
CA MET C 403 10.64 4.77 -29.79
C MET C 403 9.54 4.95 -28.74
N PHE C 404 9.91 5.20 -27.50
CA PHE C 404 8.93 5.54 -26.48
C PHE C 404 8.52 6.98 -26.74
N THR C 405 7.66 7.13 -27.74
CA THR C 405 7.48 8.38 -28.44
C THR C 405 6.20 9.07 -27.99
N ILE C 406 5.94 10.21 -28.63
CA ILE C 406 4.82 11.04 -28.23
C ILE C 406 3.51 10.38 -28.61
N GLU C 407 3.44 9.81 -29.80
CA GLU C 407 2.19 9.26 -30.29
C GLU C 407 1.77 8.02 -29.51
N SER C 408 2.73 7.10 -29.27
CA SER C 408 2.41 5.78 -28.73
C SER C 408 1.87 5.86 -27.31
N THR C 409 2.41 6.75 -26.49
CA THR C 409 1.95 6.85 -25.12
C THR C 409 1.03 8.04 -24.87
N SER C 410 0.91 8.97 -25.80
CA SER C 410 0.14 10.16 -25.50
C SER C 410 -0.69 10.64 -26.67
N GLY C 411 -1.08 9.74 -27.58
CA GLY C 411 -1.88 10.18 -28.70
C GLY C 411 -3.26 10.65 -28.29
N LEU C 412 -3.88 9.95 -27.34
CA LEU C 412 -5.19 10.35 -26.84
C LEU C 412 -5.13 11.71 -26.17
N ILE C 413 -4.22 11.88 -25.21
CA ILE C 413 -4.12 13.12 -24.44
C ILE C 413 -3.72 14.26 -25.35
N GLY C 414 -2.81 14.02 -26.29
CA GLY C 414 -2.41 15.05 -27.21
C GLY C 414 -3.51 15.51 -28.11
N ASP C 415 -4.25 14.58 -28.72
CA ASP C 415 -5.30 14.97 -29.65
C ASP C 415 -6.55 15.49 -28.96
N VAL C 416 -6.72 15.24 -27.65
CA VAL C 416 -7.84 15.87 -26.97
C VAL C 416 -7.48 17.21 -26.31
N PHE C 417 -6.24 17.38 -25.83
CA PHE C 417 -5.87 18.55 -25.07
C PHE C 417 -5.13 19.58 -25.90
N GLY C 418 -4.73 19.24 -27.12
CA GLY C 418 -4.28 20.26 -28.05
C GLY C 418 -5.42 20.98 -28.74
N SER C 419 -6.64 20.72 -28.32
CA SER C 419 -7.81 21.45 -28.80
C SER C 419 -8.10 22.69 -27.98
N ILE C 420 -7.29 22.98 -26.96
CA ILE C 420 -7.51 24.08 -26.04
C ILE C 420 -6.45 25.14 -26.30
N GLU C 421 -6.87 26.39 -26.46
CA GLU C 421 -5.96 27.47 -26.80
C GLU C 421 -4.92 27.75 -25.71
N GLU C 422 -5.31 27.71 -24.43
CA GLU C 422 -4.40 28.01 -23.33
C GLU C 422 -3.50 26.83 -22.99
N PHE C 423 -3.40 25.84 -23.86
CA PHE C 423 -2.56 24.68 -23.65
C PHE C 423 -1.57 24.58 -24.79
N ARG C 424 -1.99 24.95 -26.00
CA ARG C 424 -1.03 25.07 -27.09
C ARG C 424 -0.17 26.31 -26.95
N GLN C 425 -0.73 27.39 -26.40
CA GLN C 425 -0.09 28.69 -26.34
C GLN C 425 -0.03 29.10 -24.87
N PRO C 426 0.93 28.60 -24.09
CA PRO C 426 0.93 28.95 -22.67
C PRO C 426 1.44 30.34 -22.37
N ILE C 427 2.47 30.81 -23.10
CA ILE C 427 3.00 32.13 -22.82
C ILE C 427 1.99 33.21 -23.20
N LYS C 428 1.30 33.02 -24.32
CA LYS C 428 0.32 34.02 -24.74
C LYS C 428 -0.86 34.11 -23.79
N ALA C 429 -1.23 32.99 -23.17
CA ALA C 429 -2.25 33.04 -22.13
C ALA C 429 -1.73 33.73 -20.88
N VAL C 430 -0.52 33.34 -20.44
CA VAL C 430 0.03 33.87 -19.20
C VAL C 430 0.40 35.34 -19.36
N ALA C 431 0.92 35.73 -20.52
CA ALA C 431 1.05 37.15 -20.79
C ALA C 431 -0.31 37.81 -20.99
N GLY C 432 -1.27 37.13 -21.62
CA GLY C 432 -2.60 37.67 -21.78
C GLY C 432 -2.91 38.33 -23.11
N ALA C 433 -2.00 38.25 -24.08
CA ALA C 433 -2.23 38.86 -25.38
C ALA C 433 -2.61 37.81 -26.42
N SER D 2 -38.93 15.35 -9.56
CA SER D 2 -38.51 16.48 -8.73
C SER D 2 -39.08 16.36 -7.32
N ASP D 3 -38.32 15.73 -6.43
CA ASP D 3 -38.75 15.57 -5.06
C ASP D 3 -38.66 16.89 -4.32
N THR D 4 -39.67 17.16 -3.48
CA THR D 4 -39.76 18.41 -2.74
C THR D 4 -39.80 18.07 -1.26
N VAL D 5 -38.62 17.92 -0.68
CA VAL D 5 -38.43 17.62 0.73
C VAL D 5 -38.65 18.88 1.56
N ASP D 6 -39.29 18.72 2.72
CA ASP D 6 -39.37 19.78 3.72
C ASP D 6 -38.38 19.45 4.84
N ILE D 7 -37.59 20.45 5.25
CA ILE D 7 -36.54 20.25 6.25
C ILE D 7 -36.90 21.02 7.51
N TYR D 8 -36.79 20.35 8.66
CA TYR D 8 -37.04 20.96 9.96
C TYR D 8 -35.83 20.74 10.85
N ASP D 9 -35.76 21.49 11.95
CA ASP D 9 -34.51 21.65 12.68
C ASP D 9 -34.34 20.59 13.77
N ASP D 10 -33.38 20.86 14.66
CA ASP D 10 -33.12 20.03 15.84
C ASP D 10 -34.35 19.93 16.75
N ARG D 11 -35.02 21.04 17.01
CA ARG D 11 -36.18 21.06 17.89
C ARG D 11 -37.48 20.75 17.17
N GLY D 12 -37.42 20.47 15.87
CA GLY D 12 -38.59 20.08 15.11
C GLY D 12 -39.35 21.21 14.46
N LYS D 13 -38.96 22.45 14.64
CA LYS D 13 -39.66 23.54 13.99
C LYS D 13 -39.19 23.70 12.55
N LEU D 14 -40.03 24.34 11.74
CA LEU D 14 -39.77 24.44 10.31
C LEU D 14 -38.70 25.48 10.01
N LEU D 15 -37.94 25.22 8.95
CA LEU D 15 -36.90 26.12 8.48
C LEU D 15 -37.22 26.71 7.11
N GLU D 16 -37.46 25.87 6.11
CA GLU D 16 -37.77 26.34 4.77
C GLU D 16 -38.65 25.32 4.08
N SER D 17 -39.80 25.77 3.59
CA SER D 17 -40.83 24.87 3.09
C SER D 17 -40.58 24.53 1.62
N ASN D 18 -40.70 23.23 1.31
CA ASN D 18 -40.69 22.71 -0.06
C ASN D 18 -39.40 23.04 -0.81
N VAL D 19 -38.27 22.80 -0.17
CA VAL D 19 -37.00 22.96 -0.87
C VAL D 19 -36.87 21.83 -1.87
N ASP D 20 -36.18 22.11 -2.98
CA ASP D 20 -35.91 21.05 -3.94
C ASP D 20 -34.89 20.08 -3.36
N ILE D 21 -35.01 18.83 -3.78
CA ILE D 21 -34.01 17.83 -3.39
C ILE D 21 -32.67 18.18 -4.02
N MET D 22 -32.68 18.71 -5.24
CA MET D 22 -31.46 19.06 -5.96
C MET D 22 -30.65 20.15 -5.28
N SER D 23 -31.31 21.10 -4.63
CA SER D 23 -30.60 22.21 -4.00
C SER D 23 -29.85 21.80 -2.74
N LEU D 24 -30.07 20.59 -2.24
CA LEU D 24 -29.32 20.08 -1.10
C LEU D 24 -28.09 19.31 -1.52
N ALA D 25 -27.75 19.32 -2.81
CA ALA D 25 -26.62 18.58 -3.29
C ALA D 25 -25.31 19.19 -2.79
N PRO D 26 -24.26 18.38 -2.64
CA PRO D 26 -22.93 18.96 -2.35
C PRO D 26 -22.42 19.86 -3.44
N THR D 27 -22.88 19.69 -4.68
CA THR D 27 -22.38 20.47 -5.80
C THR D 27 -23.20 21.72 -6.08
N ARG D 28 -24.34 21.90 -5.44
CA ARG D 28 -25.18 23.06 -5.72
C ARG D 28 -25.34 23.97 -4.51
N ASN D 29 -25.41 23.40 -3.31
CA ASN D 29 -25.63 24.20 -2.11
C ASN D 29 -24.36 24.94 -1.73
N ALA D 30 -24.51 26.25 -1.49
CA ALA D 30 -23.34 27.06 -1.15
C ALA D 30 -22.88 26.83 0.27
N ALA D 31 -23.80 26.45 1.16
CA ALA D 31 -23.45 26.26 2.56
C ALA D 31 -22.48 25.09 2.72
N ILE D 32 -22.83 23.92 2.19
CA ILE D 32 -21.97 22.74 2.27
C ILE D 32 -20.65 22.99 1.54
N LYS D 33 -20.65 23.86 0.53
CA LYS D 33 -19.41 24.32 -0.07
C LYS D 33 -18.56 25.08 0.94
N LYS D 34 -19.19 25.92 1.78
CA LYS D 34 -18.43 26.62 2.80
C LYS D 34 -17.87 25.67 3.86
N ILE D 35 -18.66 24.67 4.28
CA ILE D 35 -18.13 23.66 5.21
C ILE D 35 -16.93 22.94 4.62
N ILE D 36 -17.02 22.52 3.36
CA ILE D 36 -15.91 21.73 2.83
C ILE D 36 -14.70 22.60 2.52
N LEU D 37 -14.90 23.88 2.18
CA LEU D 37 -13.75 24.75 1.96
C LEU D 37 -13.06 25.08 3.29
N ASP D 38 -13.82 25.35 4.35
CA ASP D 38 -13.22 25.57 5.65
C ASP D 38 -12.58 24.31 6.20
N THR D 39 -13.07 23.14 5.80
CA THR D 39 -12.39 21.91 6.17
C THR D 39 -11.08 21.78 5.40
N LYS D 40 -11.08 22.21 4.14
CA LYS D 40 -9.88 22.11 3.32
C LYS D 40 -8.77 23.02 3.83
N ARG D 41 -9.10 24.25 4.19
CA ARG D 41 -8.07 25.26 4.41
C ARG D 41 -7.64 25.40 5.87
N SER D 42 -8.45 25.00 6.84
CA SER D 42 -8.14 25.26 8.24
C SER D 42 -7.13 24.26 8.75
N VAL D 43 -6.19 24.75 9.57
CA VAL D 43 -5.19 23.89 10.18
C VAL D 43 -4.76 24.53 11.50
N ALA D 44 -4.65 23.71 12.55
CA ALA D 44 -4.34 24.20 13.88
C ALA D 44 -2.94 23.77 14.29
N VAL D 45 -2.18 24.73 14.81
CA VAL D 45 -0.80 24.51 15.22
C VAL D 45 -0.71 24.76 16.71
N SER D 46 -0.13 23.80 17.43
CA SER D 46 0.01 23.88 18.88
C SER D 46 1.41 24.40 19.18
N LEU D 47 1.50 25.65 19.62
CA LEU D 47 2.81 26.23 19.91
C LEU D 47 3.42 25.63 21.17
N ALA D 48 2.59 25.18 22.11
CA ALA D 48 3.12 24.52 23.30
C ALA D 48 3.81 23.22 22.94
N GLY D 49 3.24 22.49 21.98
CA GLY D 49 3.90 21.32 21.45
C GLY D 49 5.20 21.62 20.74
N ILE D 50 5.24 22.72 19.97
CA ILE D 50 6.48 23.11 19.30
C ILE D 50 7.53 23.51 20.32
N GLN D 51 7.13 24.22 21.37
CA GLN D 51 8.06 24.64 22.41
C GLN D 51 8.64 23.44 23.15
N GLY D 52 7.79 22.48 23.50
CA GLY D 52 8.28 21.26 24.12
C GLY D 52 9.15 20.45 23.19
N ALA D 53 8.84 20.45 21.90
CA ALA D 53 9.67 19.76 20.92
C ALA D 53 11.04 20.41 20.80
N LEU D 54 11.08 21.73 20.82
CA LEU D 54 12.34 22.44 20.66
C LEU D 54 13.21 22.35 21.90
N ALA D 55 12.62 22.45 23.08
CA ALA D 55 13.41 22.37 24.30
C ALA D 55 13.82 20.94 24.61
N SER D 56 12.86 20.01 24.59
CA SER D 56 13.17 18.64 24.97
C SER D 56 13.93 17.90 23.89
N GLY D 57 13.54 18.08 22.63
CA GLY D 57 14.07 17.28 21.54
C GLY D 57 13.15 16.19 21.06
N LYS D 58 11.91 16.16 21.53
CA LYS D 58 10.94 15.15 21.12
C LYS D 58 10.20 15.65 19.89
N MET D 59 10.73 15.32 18.71
CA MET D 59 10.14 15.73 17.46
C MET D 59 10.08 14.55 16.51
N GLY D 60 9.08 14.56 15.63
CA GLY D 60 9.04 13.65 14.52
C GLY D 60 8.64 12.23 14.81
N GLY D 61 7.69 11.99 15.70
CA GLY D 61 7.12 10.68 15.87
C GLY D 61 7.01 10.29 17.33
N LYS D 62 6.48 9.09 17.54
CA LYS D 62 6.20 8.58 18.88
C LYS D 62 7.45 7.91 19.42
N GLY D 63 8.00 8.45 20.50
CA GLY D 63 9.20 7.96 21.11
C GLY D 63 10.47 8.61 20.64
N ARG D 64 10.43 9.36 19.53
CA ARG D 64 11.64 9.96 18.98
C ARG D 64 12.12 11.08 19.87
N GLN D 65 13.41 11.06 20.19
CA GLN D 65 14.03 12.18 20.90
C GLN D 65 15.39 12.46 20.30
N ILE D 66 15.58 13.69 19.84
CA ILE D 66 16.87 14.16 19.35
C ILE D 66 17.58 14.85 20.50
N LEU D 67 18.60 14.21 21.04
CA LEU D 67 19.27 14.68 22.23
C LEU D 67 20.36 15.69 21.88
N GLY D 68 20.64 16.58 22.81
CA GLY D 68 21.75 17.49 22.69
C GLY D 68 21.50 18.70 21.82
N ARG D 69 20.42 18.73 21.07
CA ARG D 69 20.11 19.84 20.18
C ARG D 69 18.93 20.63 20.71
N GLY D 70 18.84 20.76 22.03
CA GLY D 70 17.75 21.51 22.63
C GLY D 70 17.87 22.98 22.33
N LEU D 71 16.81 23.55 21.78
CA LEU D 71 16.80 24.97 21.39
C LEU D 71 15.80 25.66 22.31
N ASN D 72 16.29 26.15 23.43
CA ASN D 72 15.43 26.71 24.47
C ASN D 72 14.85 28.04 24.02
N TYR D 73 13.52 28.12 23.94
CA TYR D 73 12.88 29.32 23.42
C TYR D 73 11.46 29.41 23.96
N ASP D 74 10.97 30.63 24.13
CA ASP D 74 9.60 30.85 24.57
C ASP D 74 8.71 31.12 23.36
N LEU D 75 7.88 30.15 23.01
CA LEU D 75 6.92 30.32 21.94
C LEU D 75 5.54 30.76 22.43
N VAL D 76 5.11 30.27 23.58
CA VAL D 76 3.77 30.59 24.07
C VAL D 76 3.72 32.00 24.66
N GLY D 77 4.87 32.54 25.05
CA GLY D 77 4.88 33.84 25.69
C GLY D 77 4.65 34.99 24.74
N ASN D 78 5.08 34.87 23.49
CA ASN D 78 4.91 35.90 22.49
C ASN D 78 4.18 35.36 21.26
N ALA D 79 3.10 34.61 21.52
CA ALA D 79 2.36 33.96 20.44
C ALA D 79 1.60 34.93 19.56
N ASP D 80 1.32 36.13 20.05
CA ASP D 80 0.69 37.13 19.21
C ASP D 80 1.62 37.55 18.07
N ALA D 81 2.90 37.73 18.37
CA ALA D 81 3.87 38.14 17.36
C ALA D 81 4.04 37.07 16.29
N ILE D 82 4.13 35.79 16.73
CA ILE D 82 4.14 34.67 15.80
C ILE D 82 2.86 34.64 14.98
N ALA D 83 1.74 35.04 15.58
CA ALA D 83 0.49 35.06 14.84
C ALA D 83 0.50 36.07 13.70
N GLU D 84 0.98 37.31 13.94
CA GLU D 84 0.95 38.21 12.79
C GLU D 84 2.03 37.86 11.78
N ASN D 85 3.15 37.27 12.23
CA ASN D 85 4.17 36.88 11.27
C ASN D 85 3.69 35.74 10.38
N VAL D 86 2.99 34.77 10.96
CA VAL D 86 2.46 33.66 10.17
C VAL D 86 1.31 34.14 9.28
N LYS D 87 0.53 35.13 9.73
CA LYS D 87 -0.45 35.74 8.83
C LYS D 87 0.24 36.45 7.67
N ASN D 88 1.43 36.99 7.89
CA ASN D 88 2.15 37.62 6.78
C ASN D 88 2.68 36.57 5.81
N LEU D 89 3.20 35.45 6.30
CA LEU D 89 3.80 34.48 5.39
C LEU D 89 2.79 33.56 4.71
N VAL D 90 1.67 33.24 5.36
CA VAL D 90 0.68 32.37 4.74
C VAL D 90 -0.06 33.09 3.63
N GLN D 91 -0.38 34.37 3.83
CA GLN D 91 -1.31 35.07 2.97
C GLN D 91 -0.76 35.27 1.56
N VAL D 92 -1.67 35.35 0.59
CA VAL D 92 -1.29 35.66 -0.78
C VAL D 92 -1.19 37.16 -0.97
N ASP D 93 -2.21 37.88 -0.52
CA ASP D 93 -2.19 39.33 -0.53
C ASP D 93 -2.79 39.79 0.79
N GLU D 94 -2.56 41.06 1.12
CA GLU D 94 -3.11 41.61 2.35
C GLU D 94 -4.63 41.76 2.25
N GLY D 95 -5.31 41.49 3.36
CA GLY D 95 -6.75 41.56 3.41
C GLY D 95 -7.46 40.50 2.58
N ASP D 96 -6.89 39.31 2.50
CA ASP D 96 -7.53 38.21 1.80
C ASP D 96 -8.36 37.40 2.79
N ASP D 97 -8.73 36.18 2.40
CA ASP D 97 -9.53 35.29 3.25
C ASP D 97 -8.63 34.46 4.17
N THR D 98 -7.75 35.15 4.88
CA THR D 98 -6.77 34.52 5.74
C THR D 98 -6.89 35.09 7.14
N SER D 99 -7.04 34.21 8.12
CA SER D 99 -7.16 34.63 9.51
C SER D 99 -6.49 33.58 10.37
N VAL D 100 -5.45 33.98 11.08
CA VAL D 100 -4.88 33.15 12.13
C VAL D 100 -5.11 33.87 13.46
N LYS D 101 -5.67 33.14 14.42
CA LYS D 101 -6.04 33.69 15.70
C LYS D 101 -5.51 32.77 16.79
N VAL D 102 -5.25 33.35 17.95
CA VAL D 102 -4.57 32.64 19.01
C VAL D 102 -5.63 32.07 19.96
N ILE D 103 -5.29 30.96 20.59
CA ILE D 103 -6.17 30.27 21.50
C ILE D 103 -5.82 30.78 22.90
N LYS D 104 -6.64 30.42 23.90
CA LYS D 104 -6.43 30.86 25.27
C LYS D 104 -5.06 30.45 25.80
N GLY D 105 -4.38 31.40 26.44
CA GLY D 105 -3.08 31.15 27.01
C GLY D 105 -1.94 31.15 26.02
N GLY D 106 -2.21 31.39 24.74
CA GLY D 106 -1.17 31.35 23.74
C GLY D 106 -0.61 29.98 23.46
N LYS D 107 -1.33 28.93 23.82
CA LYS D 107 -0.83 27.58 23.64
C LYS D 107 -1.02 27.05 22.22
N SER D 108 -1.89 27.67 21.43
CA SER D 108 -2.13 27.22 20.07
C SER D 108 -2.57 28.40 19.22
N LEU D 109 -2.55 28.18 17.91
CA LEU D 109 -3.03 29.18 16.96
C LEU D 109 -3.63 28.45 15.77
N LEU D 110 -4.53 29.13 15.06
CA LEU D 110 -5.41 28.48 14.10
C LEU D 110 -5.20 29.09 12.72
N ILE D 111 -4.38 28.45 11.90
CA ILE D 111 -4.05 28.95 10.57
C ILE D 111 -5.17 28.58 9.61
N GLN D 112 -5.67 29.56 8.88
CA GLN D 112 -6.61 29.32 7.79
C GLN D 112 -6.00 29.87 6.51
N ALA D 113 -5.63 28.99 5.60
CA ALA D 113 -4.98 29.37 4.36
C ALA D 113 -5.97 30.12 3.47
N PRO D 114 -5.49 30.93 2.53
CA PRO D 114 -6.41 31.65 1.65
C PRO D 114 -7.18 30.72 0.73
N SER D 115 -8.25 31.24 0.16
CA SER D 115 -8.96 30.49 -0.87
C SER D 115 -8.12 30.33 -2.13
N SER D 116 -7.22 31.26 -2.40
CA SER D 116 -6.40 31.18 -3.61
C SER D 116 -5.34 30.09 -3.51
N ARG D 117 -4.83 29.80 -2.32
CA ARG D 117 -3.91 28.68 -2.19
C ARG D 117 -4.62 27.34 -2.29
N ILE D 118 -5.94 27.33 -2.23
CA ILE D 118 -6.74 26.13 -2.51
C ILE D 118 -7.08 26.04 -3.98
N ALA D 119 -7.43 27.18 -4.60
CA ALA D 119 -7.70 27.18 -6.03
C ALA D 119 -6.43 26.91 -6.84
N ALA D 120 -5.28 27.36 -6.38
CA ALA D 120 -4.05 27.22 -7.15
C ALA D 120 -3.37 25.88 -6.93
N GLY D 121 -3.96 24.99 -6.15
CA GLY D 121 -3.42 23.67 -5.92
C GLY D 121 -4.43 22.62 -6.31
N ALA D 122 -3.94 21.46 -6.74
CA ALA D 122 -4.84 20.45 -7.28
C ALA D 122 -5.63 19.76 -6.17
N ASP D 123 -5.06 19.62 -4.98
CA ASP D 123 -5.76 18.96 -3.89
C ASP D 123 -5.96 19.94 -2.74
N TYR D 124 -6.30 19.38 -1.58
CA TYR D 124 -6.79 20.14 -0.44
C TYR D 124 -5.71 20.59 0.52
N MET D 125 -4.60 19.86 0.63
CA MET D 125 -3.71 20.04 1.76
C MET D 125 -2.39 20.69 1.37
N SER D 126 -2.47 21.66 0.46
CA SER D 126 -1.45 22.69 0.39
C SER D 126 -1.53 23.63 1.57
N ALA D 127 -2.70 23.72 2.21
CA ALA D 127 -2.87 24.53 3.41
C ALA D 127 -1.96 24.07 4.53
N THR D 128 -1.86 22.75 4.71
CA THR D 128 -0.98 22.17 5.72
C THR D 128 0.47 22.56 5.47
N THR D 129 0.92 22.44 4.23
CA THR D 129 2.32 22.67 3.92
C THR D 129 2.68 24.14 3.99
N VAL D 130 1.80 25.01 3.49
CA VAL D 130 2.05 26.45 3.59
C VAL D 130 2.05 26.90 5.04
N GLY D 131 1.11 26.40 5.85
CA GLY D 131 1.10 26.75 7.25
C GLY D 131 2.31 26.26 8.02
N ALA D 132 2.74 25.03 7.72
CA ALA D 132 3.90 24.46 8.40
C ALA D 132 5.18 25.20 8.02
N ALA D 133 5.33 25.54 6.74
CA ALA D 133 6.51 26.28 6.31
C ALA D 133 6.52 27.70 6.86
N ALA D 134 5.35 28.34 6.94
CA ALA D 134 5.28 29.68 7.49
C ALA D 134 5.64 29.70 8.96
N VAL D 135 5.15 28.72 9.72
CA VAL D 135 5.50 28.64 11.14
C VAL D 135 6.99 28.37 11.31
N THR D 136 7.54 27.48 10.47
CA THR D 136 8.97 27.17 10.54
C THR D 136 9.83 28.40 10.27
N GLN D 137 9.49 29.17 9.23
CA GLN D 137 10.30 30.35 8.94
C GLN D 137 10.08 31.46 9.97
N THR D 138 8.90 31.54 10.57
CA THR D 138 8.72 32.49 11.66
C THR D 138 9.59 32.15 12.86
N ILE D 139 9.70 30.86 13.16
CA ILE D 139 10.59 30.42 14.24
C ILE D 139 12.05 30.73 13.92
N ILE D 140 12.46 30.51 12.67
CA ILE D 140 13.84 30.82 12.26
C ILE D 140 14.10 32.32 12.34
N ASP D 141 13.16 33.14 11.88
CA ASP D 141 13.33 34.59 11.89
C ASP D 141 13.30 35.16 13.30
N MET D 142 12.67 34.48 14.26
CA MET D 142 12.61 35.02 15.59
C MET D 142 13.65 34.45 16.55
N PHE D 143 14.23 33.28 16.27
CA PHE D 143 15.45 32.91 16.98
C PHE D 143 16.58 33.88 16.66
N GLY D 144 16.95 33.95 15.39
CA GLY D 144 18.30 34.28 15.02
C GLY D 144 19.20 33.07 15.05
N THR D 145 18.66 31.90 14.76
CA THR D 145 19.35 30.63 14.91
C THR D 145 20.46 30.46 13.87
N ASP D 146 21.48 29.72 14.27
CA ASP D 146 22.50 29.29 13.33
C ASP D 146 21.90 28.34 12.33
N MET D 147 22.41 28.40 11.09
CA MET D 147 21.82 27.59 10.04
C MET D 147 22.17 26.12 10.19
N TYR D 148 23.10 25.79 11.06
CA TYR D 148 23.33 24.39 11.40
C TYR D 148 22.35 23.89 12.46
N ASP D 149 21.50 24.77 12.98
CA ASP D 149 20.38 24.39 13.83
C ASP D 149 19.04 24.74 13.19
N ALA D 150 19.03 25.06 11.90
CA ALA D 150 17.78 25.15 11.15
C ALA D 150 17.01 23.84 11.01
N PRO D 151 17.61 22.66 10.72
CA PRO D 151 16.79 21.45 10.59
C PRO D 151 16.08 21.03 11.85
N ILE D 152 16.65 21.30 13.03
CA ILE D 152 15.98 20.96 14.27
C ILE D 152 14.71 21.79 14.41
N ALA D 153 14.81 23.09 14.18
CA ALA D 153 13.65 23.97 14.21
C ALA D 153 12.69 23.71 13.07
N LYS D 154 13.13 23.02 12.02
CA LYS D 154 12.20 22.63 10.97
C LYS D 154 11.43 21.39 11.37
N SER D 155 12.10 20.32 11.77
CA SER D 155 11.39 19.08 12.06
C SER D 155 10.67 19.14 13.40
N ALA D 156 10.89 20.17 14.21
CA ALA D 156 9.98 20.37 15.33
C ALA D 156 8.59 20.76 14.86
N VAL D 157 8.49 21.36 13.68
CA VAL D 157 7.22 21.83 13.14
C VAL D 157 6.66 20.86 12.10
N TRP D 158 7.53 20.32 11.24
CA TRP D 158 7.08 19.44 10.17
C TRP D 158 7.11 17.96 10.55
N GLY D 159 7.63 17.62 11.72
CA GLY D 159 7.72 16.22 12.08
C GLY D 159 8.78 15.51 11.24
N SER D 160 8.53 14.24 10.97
CA SER D 160 9.50 13.41 10.26
C SER D 160 9.28 13.41 8.75
N TYR D 161 8.38 14.25 8.24
CA TYR D 161 8.28 14.48 6.81
C TYR D 161 9.56 15.15 6.32
N PRO D 162 10.07 14.81 5.12
CA PRO D 162 9.62 13.98 4.01
C PRO D 162 10.00 12.52 4.07
N GLN D 163 10.71 12.08 5.11
CA GLN D 163 11.02 10.68 5.23
C GLN D 163 9.76 9.85 5.42
N THR D 164 8.84 10.32 6.24
CA THR D 164 7.54 9.70 6.37
C THR D 164 6.58 10.37 5.40
N MET D 165 5.66 9.58 4.86
CA MET D 165 4.68 10.09 3.92
C MET D 165 3.74 11.10 4.58
N ASP D 166 3.50 10.94 5.88
CA ASP D 166 2.78 11.90 6.71
C ASP D 166 3.79 12.76 7.46
N LEU D 167 3.30 13.81 8.10
CA LEU D 167 4.20 14.64 8.92
C LEU D 167 4.67 13.89 10.15
N MET D 168 3.76 13.24 10.87
CA MET D 168 4.05 12.27 11.93
C MET D 168 4.87 12.93 13.05
N GLY D 169 4.17 13.75 13.82
CA GLY D 169 4.75 14.40 14.96
C GLY D 169 4.87 15.89 14.81
N GLY D 170 4.65 16.42 13.62
CA GLY D 170 4.62 17.85 13.47
C GLY D 170 3.36 18.42 14.08
N ASN D 171 3.50 19.56 14.74
CA ASN D 171 2.36 20.17 15.41
C ASN D 171 1.39 20.83 14.45
N VAL D 172 1.78 20.97 13.18
CA VAL D 172 0.83 21.41 12.17
C VAL D 172 -0.03 20.23 11.76
N GLN D 173 -1.34 20.34 11.98
CA GLN D 173 -2.22 19.19 11.84
C GLN D 173 -3.57 19.64 11.32
N GLY D 174 -3.99 19.09 10.18
CA GLY D 174 -5.30 19.34 9.64
C GLY D 174 -6.29 18.27 10.01
N VAL D 175 -7.50 18.41 9.46
CA VAL D 175 -8.57 17.48 9.80
C VAL D 175 -8.54 16.27 8.89
N LEU D 176 -8.45 16.49 7.58
CA LEU D 176 -8.37 15.40 6.63
C LEU D 176 -6.98 14.77 6.62
N SER D 177 -6.94 13.49 6.26
CA SER D 177 -5.67 12.79 6.16
C SER D 177 -4.96 13.18 4.86
N ILE D 178 -3.74 12.69 4.68
CA ILE D 178 -2.98 12.97 3.47
C ILE D 178 -3.65 12.24 2.31
N PRO D 179 -3.59 12.77 1.08
CA PRO D 179 -4.33 12.13 -0.02
C PRO D 179 -3.83 10.76 -0.38
N GLN D 180 -2.60 10.41 -0.03
CA GLN D 180 -2.15 9.03 -0.18
C GLN D 180 -2.83 8.10 0.81
N ASN D 181 -3.27 8.61 1.95
CA ASN D 181 -4.01 7.81 2.93
C ASN D 181 -5.50 7.96 2.72
N ASN D 182 -5.93 7.77 1.49
CA ASN D 182 -7.34 7.63 1.15
C ASN D 182 -7.63 6.16 0.93
N GLU D 183 -8.90 5.80 1.03
CA GLU D 183 -9.25 4.43 0.73
C GLU D 183 -9.50 4.26 -0.76
N GLY D 184 -10.22 5.20 -1.35
CA GLY D 184 -10.53 5.12 -2.76
C GLY D 184 -10.57 6.48 -3.41
N LEU D 185 -11.20 6.56 -4.57
CA LEU D 185 -11.18 7.78 -5.35
C LEU D 185 -12.24 8.73 -4.82
N GLY D 186 -11.82 9.75 -4.10
CA GLY D 186 -12.78 10.71 -3.56
C GLY D 186 -13.21 10.46 -2.13
N PHE D 187 -12.46 9.68 -1.36
CA PHE D 187 -12.78 9.45 0.05
C PHE D 187 -12.03 10.37 0.99
N SER D 188 -11.34 11.37 0.49
CA SER D 188 -10.57 12.24 1.35
C SER D 188 -11.45 13.16 2.18
N LEU D 189 -12.70 13.36 1.76
CA LEU D 189 -13.57 14.29 2.45
C LEU D 189 -14.44 13.60 3.49
N ARG D 190 -14.32 12.29 3.65
CA ARG D 190 -15.04 11.54 4.65
C ARG D 190 -14.09 10.87 5.65
N ASN D 191 -13.10 11.62 6.11
CA ASN D 191 -12.08 11.18 7.05
C ASN D 191 -12.15 12.03 8.31
N ILE D 192 -13.36 12.23 8.82
CA ILE D 192 -13.55 12.97 10.06
C ILE D 192 -14.26 12.04 11.04
N MET D 193 -13.58 11.69 12.13
CA MET D 193 -14.07 10.66 13.01
C MET D 193 -15.27 11.17 13.83
N ALA D 194 -15.88 10.25 14.57
CA ALA D 194 -17.12 10.55 15.28
C ALA D 194 -16.89 11.46 16.48
N ASN D 195 -15.74 11.30 17.14
CA ASN D 195 -15.42 12.15 18.29
C ASN D 195 -15.25 13.60 17.87
N HIS D 196 -14.55 13.84 16.77
CA HIS D 196 -14.33 15.21 16.28
C HIS D 196 -15.64 15.86 15.90
N ILE D 197 -16.48 15.13 15.17
CA ILE D 197 -17.71 15.69 14.65
C ILE D 197 -18.79 15.75 15.72
N ALA D 198 -18.61 15.05 16.84
CA ALA D 198 -19.45 15.27 18.01
C ALA D 198 -18.99 16.47 18.80
N ALA D 199 -17.67 16.67 18.88
CA ALA D 199 -17.12 17.82 19.59
C ALA D 199 -17.41 19.12 18.87
N ILE D 200 -17.54 19.08 17.53
CA ILE D 200 -17.82 20.28 16.76
C ILE D 200 -19.19 20.83 17.11
N THR D 201 -20.17 19.95 17.29
CA THR D 201 -21.55 20.33 17.49
C THR D 201 -21.99 20.30 18.95
N SER D 202 -21.04 20.19 19.88
CA SER D 202 -21.28 20.20 21.33
C SER D 202 -22.23 19.09 21.76
N ARG D 203 -22.03 17.90 21.19
CA ARG D 203 -22.69 16.66 21.61
C ARG D 203 -24.21 16.73 21.49
N GLY D 204 -24.71 17.50 20.52
CA GLY D 204 -26.10 17.39 20.12
C GLY D 204 -26.21 16.27 19.10
N ALA D 205 -27.28 15.48 19.21
CA ALA D 205 -27.33 14.23 18.44
C ALA D 205 -27.69 14.47 16.99
N MET D 206 -28.89 15.01 16.74
CA MET D 206 -29.28 15.20 15.35
C MET D 206 -28.68 16.44 14.73
N ASN D 207 -27.97 17.25 15.51
CA ASN D 207 -27.06 18.23 14.95
C ASN D 207 -25.68 17.64 14.66
N ALA D 208 -25.42 16.42 15.11
CA ALA D 208 -24.22 15.72 14.71
C ALA D 208 -24.45 14.84 13.51
N ALA D 209 -25.56 14.10 13.49
CA ALA D 209 -25.88 13.22 12.38
C ALA D 209 -26.08 13.99 11.09
N ALA D 210 -26.44 15.27 11.20
CA ALA D 210 -26.45 16.14 10.03
C ALA D 210 -25.06 16.33 9.48
N LEU D 211 -24.08 16.61 10.34
CA LEU D 211 -22.73 16.92 9.87
C LEU D 211 -22.07 15.74 9.20
N SER D 212 -22.17 14.55 9.81
CA SER D 212 -21.51 13.41 9.21
C SER D 212 -22.21 12.98 7.93
N SER D 213 -23.52 13.21 7.83
CA SER D 213 -24.21 12.95 6.58
C SER D 213 -23.84 13.99 5.52
N ILE D 214 -23.59 15.23 5.94
CA ILE D 214 -23.10 16.27 5.04
C ILE D 214 -21.77 15.86 4.44
N TYR D 215 -20.83 15.45 5.29
CA TYR D 215 -19.51 15.05 4.81
C TYR D 215 -19.58 13.77 3.99
N GLU D 216 -20.45 12.85 4.38
CA GLU D 216 -20.51 11.56 3.72
C GLU D 216 -21.13 11.67 2.33
N GLN D 217 -22.18 12.47 2.18
CA GLN D 217 -22.71 12.67 0.84
C GLN D 217 -21.85 13.59 -0.01
N SER D 218 -21.04 14.46 0.60
CA SER D 218 -19.99 15.13 -0.16
C SER D 218 -19.00 14.13 -0.72
N GLY D 219 -18.63 13.14 0.10
CA GLY D 219 -17.78 12.06 -0.40
C GLY D 219 -18.43 11.23 -1.49
N ILE D 220 -19.74 10.96 -1.36
CA ILE D 220 -20.46 10.19 -2.36
C ILE D 220 -20.55 10.97 -3.68
N PHE D 221 -20.83 12.25 -3.61
CA PHE D 221 -20.90 13.04 -4.82
C PHE D 221 -19.52 13.26 -5.45
N GLU D 222 -18.46 13.21 -4.64
CA GLU D 222 -17.13 13.35 -5.21
C GLU D 222 -16.72 12.12 -6.00
N MET D 223 -17.04 10.91 -5.50
CA MET D 223 -16.56 9.68 -6.12
C MET D 223 -17.31 9.31 -7.34
N GLY D 224 -18.24 10.10 -7.88
CA GLY D 224 -19.00 9.67 -9.03
C GLY D 224 -20.06 8.64 -8.73
N GLY D 225 -20.31 8.36 -7.47
CA GLY D 225 -21.32 7.42 -7.06
C GLY D 225 -22.73 7.97 -7.04
N ALA D 226 -22.89 9.23 -7.41
CA ALA D 226 -24.22 9.84 -7.54
C ALA D 226 -24.25 10.62 -8.85
N VAL D 227 -24.54 9.91 -9.94
CA VAL D 227 -24.80 10.52 -11.25
C VAL D 227 -26.06 9.89 -11.82
N GLY D 228 -26.76 10.66 -12.64
CA GLY D 228 -28.01 10.19 -13.21
C GLY D 228 -29.08 9.96 -12.16
N MET D 229 -29.75 8.82 -12.24
CA MET D 229 -30.82 8.52 -11.31
C MET D 229 -30.32 8.10 -9.93
N PHE D 230 -29.05 7.71 -9.80
CA PHE D 230 -28.49 7.41 -8.50
C PHE D 230 -28.27 8.65 -7.67
N GLU D 231 -28.11 9.79 -8.33
CA GLU D 231 -27.97 11.06 -7.64
C GLU D 231 -29.22 11.39 -6.85
N ARG D 232 -30.39 11.11 -7.43
CA ARG D 232 -31.65 11.26 -6.72
C ARG D 232 -31.71 10.32 -5.52
N HIS D 233 -31.21 9.10 -5.68
CA HIS D 233 -31.28 8.10 -4.62
C HIS D 233 -30.44 8.51 -3.42
N GLN D 234 -29.18 8.86 -3.65
CA GLN D 234 -28.29 9.29 -2.56
C GLN D 234 -28.75 10.60 -1.96
N LEU D 235 -29.29 11.50 -2.77
CA LEU D 235 -29.68 12.80 -2.26
C LEU D 235 -30.95 12.72 -1.44
N LEU D 236 -31.87 11.82 -1.81
CA LEU D 236 -33.04 11.58 -0.98
C LEU D 236 -32.66 10.92 0.32
N GLY D 237 -31.64 10.04 0.29
CA GLY D 237 -31.13 9.50 1.54
C GLY D 237 -30.53 10.57 2.44
N LEU D 238 -29.79 11.51 1.86
CA LEU D 238 -29.34 12.70 2.58
C LEU D 238 -30.48 13.46 3.21
N ALA D 239 -31.54 13.72 2.45
CA ALA D 239 -32.64 14.54 2.95
C ALA D 239 -33.37 13.84 4.09
N CYS D 240 -33.60 12.53 3.96
CA CYS D 240 -34.44 11.87 4.95
C CYS D 240 -33.66 11.45 6.18
N GLN D 241 -32.43 10.95 6.02
CA GLN D 241 -31.74 10.46 7.21
C GLN D 241 -31.16 11.61 8.03
N GLY D 242 -30.17 12.30 7.48
CA GLY D 242 -29.47 13.32 8.22
C GLY D 242 -30.25 14.60 8.46
N LEU D 243 -30.87 15.13 7.41
CA LEU D 243 -31.33 16.50 7.44
C LEU D 243 -32.77 16.66 7.92
N ASN D 244 -33.35 15.64 8.56
CA ASN D 244 -34.67 15.72 9.21
C ASN D 244 -35.76 16.13 8.22
N ALA D 245 -36.02 15.22 7.28
CA ALA D 245 -37.07 15.44 6.30
C ALA D 245 -38.43 15.24 6.93
N ASN D 246 -39.29 16.26 6.81
CA ASN D 246 -40.72 16.18 7.16
C ASN D 246 -40.92 15.77 8.61
N ASN D 247 -39.97 16.13 9.46
CA ASN D 247 -39.89 15.78 10.89
C ASN D 247 -39.89 14.29 11.15
N VAL D 248 -39.51 13.46 10.18
CA VAL D 248 -39.76 12.02 10.32
C VAL D 248 -38.87 11.42 11.39
N VAL D 249 -37.57 11.69 11.33
CA VAL D 249 -36.62 11.06 12.23
C VAL D 249 -36.74 11.63 13.64
N TYR D 250 -37.42 12.76 13.81
CA TYR D 250 -37.71 13.28 15.14
C TYR D 250 -39.08 12.86 15.64
N ASP D 251 -40.03 12.68 14.73
CA ASP D 251 -41.35 12.19 15.11
C ASP D 251 -41.29 10.77 15.62
N ILE D 252 -40.44 9.94 15.02
CA ILE D 252 -40.29 8.57 15.50
C ILE D 252 -39.71 8.58 16.91
N VAL D 253 -38.78 9.51 17.19
CA VAL D 253 -38.16 9.59 18.51
C VAL D 253 -39.16 10.07 19.55
N LYS D 254 -39.89 11.15 19.25
CA LYS D 254 -40.82 11.67 20.24
C LYS D 254 -42.04 10.78 20.38
N GLU D 255 -42.29 9.89 19.42
CA GLU D 255 -43.34 8.91 19.59
C GLU D 255 -42.88 7.67 20.33
N ASN D 256 -41.60 7.31 20.24
CA ASN D 256 -41.13 6.08 20.84
C ASN D 256 -40.02 6.38 21.84
N GLY D 257 -40.13 7.49 22.54
CA GLY D 257 -39.12 7.86 23.51
C GLY D 257 -39.25 7.16 24.84
N LYS D 258 -40.43 7.29 25.48
CA LYS D 258 -40.57 6.85 26.86
C LYS D 258 -40.54 5.33 26.99
N ASP D 259 -41.15 4.61 26.05
CA ASP D 259 -41.17 3.16 26.17
C ASP D 259 -40.92 2.46 24.83
N GLY D 260 -40.41 3.17 23.84
CA GLY D 260 -40.19 2.58 22.54
C GLY D 260 -38.92 1.77 22.46
N THR D 261 -38.91 0.86 21.49
CA THR D 261 -37.74 0.03 21.21
C THR D 261 -37.43 0.11 19.72
N ILE D 262 -36.57 -0.79 19.23
CA ILE D 262 -36.36 -0.90 17.79
C ILE D 262 -37.64 -1.33 17.09
N GLY D 263 -38.36 -2.29 17.67
CA GLY D 263 -39.55 -2.81 17.03
C GLY D 263 -40.68 -1.81 16.92
N THR D 264 -40.84 -0.93 17.91
CA THR D 264 -41.85 0.12 17.81
C THR D 264 -41.48 1.12 16.73
N VAL D 265 -40.18 1.39 16.57
CA VAL D 265 -39.70 2.23 15.48
C VAL D 265 -40.02 1.60 14.14
N ILE D 266 -39.82 0.28 14.03
CA ILE D 266 -40.12 -0.44 12.79
C ILE D 266 -41.59 -0.35 12.45
N GLU D 267 -42.45 -0.61 13.43
CA GLU D 267 -43.88 -0.49 13.21
C GLU D 267 -44.28 0.94 12.86
N SER D 268 -43.60 1.91 13.46
CA SER D 268 -43.89 3.31 13.18
C SER D 268 -43.55 3.70 11.75
N ILE D 269 -42.35 3.35 11.29
CA ILE D 269 -41.99 3.81 9.94
C ILE D 269 -42.64 2.94 8.88
N VAL D 270 -42.97 1.69 9.18
CA VAL D 270 -43.68 0.91 8.18
C VAL D 270 -45.10 1.41 8.06
N GLY D 271 -45.71 1.82 9.17
CA GLY D 271 -46.99 2.51 9.09
C GLY D 271 -46.91 3.80 8.30
N ARG D 272 -45.84 4.57 8.49
CA ARG D 272 -45.67 5.82 7.76
C ARG D 272 -45.47 5.57 6.27
N ALA D 273 -44.66 4.57 5.92
CA ALA D 273 -44.39 4.26 4.51
C ALA D 273 -45.63 3.73 3.82
N VAL D 274 -46.42 2.90 4.51
CA VAL D 274 -47.65 2.39 3.93
C VAL D 274 -48.67 3.51 3.80
N GLU D 275 -48.77 4.39 4.80
CA GLU D 275 -49.77 5.45 4.76
C GLU D 275 -49.40 6.52 3.75
N ASP D 276 -48.12 6.66 3.43
CA ASP D 276 -47.72 7.68 2.49
C ASP D 276 -47.87 7.24 1.03
N GLY D 277 -48.32 6.01 0.79
CA GLY D 277 -48.43 5.53 -0.56
C GLY D 277 -47.14 5.06 -1.16
N VAL D 278 -46.06 5.05 -0.38
CA VAL D 278 -44.76 4.67 -0.89
C VAL D 278 -44.68 3.16 -1.09
N ILE D 279 -45.25 2.40 -0.16
CA ILE D 279 -45.18 0.95 -0.19
C ILE D 279 -46.61 0.42 -0.28
N SER D 280 -46.81 -0.51 -1.20
CA SER D 280 -48.11 -1.16 -1.36
C SER D 280 -47.97 -2.65 -1.12
N VAL D 281 -49.08 -3.28 -0.77
CA VAL D 281 -49.17 -4.73 -0.69
C VAL D 281 -49.41 -5.27 -2.09
N ASP D 282 -48.72 -6.35 -2.44
CA ASP D 282 -48.83 -6.88 -3.79
C ASP D 282 -49.36 -8.30 -3.86
N LYS D 283 -49.10 -9.14 -2.85
CA LYS D 283 -49.70 -10.47 -2.82
C LYS D 283 -49.79 -10.92 -1.37
N THR D 284 -51.00 -10.95 -0.83
CA THR D 284 -51.21 -11.48 0.51
C THR D 284 -51.03 -12.98 0.49
N ALA D 285 -50.14 -13.48 1.34
CA ALA D 285 -49.81 -14.89 1.39
C ALA D 285 -50.93 -15.68 2.08
N PRO D 286 -50.94 -17.01 1.96
CA PRO D 286 -51.97 -17.81 2.66
C PRO D 286 -52.01 -17.67 4.18
N SER D 287 -50.90 -17.36 4.84
CA SER D 287 -50.93 -17.25 6.30
C SER D 287 -51.40 -15.90 6.78
N GLY D 288 -51.91 -15.05 5.91
CA GLY D 288 -52.21 -13.69 6.26
C GLY D 288 -51.04 -12.73 6.14
N TYR D 289 -49.87 -13.24 5.76
CA TYR D 289 -48.74 -12.39 5.49
C TYR D 289 -49.04 -11.48 4.31
N LYS D 290 -48.61 -10.24 4.40
CA LYS D 290 -48.78 -9.26 3.34
C LYS D 290 -47.41 -8.93 2.78
N PHE D 291 -47.08 -9.51 1.64
CA PHE D 291 -45.86 -9.15 0.94
C PHE D 291 -45.99 -7.73 0.39
N TYR D 292 -44.89 -7.00 0.36
CA TYR D 292 -44.92 -5.60 0.00
C TYR D 292 -43.99 -5.33 -1.17
N LYS D 293 -44.38 -4.35 -1.98
CA LYS D 293 -43.59 -3.90 -3.12
C LYS D 293 -43.39 -2.39 -3.00
N ALA D 294 -42.36 -1.89 -3.65
CA ALA D 294 -41.98 -0.49 -3.54
C ALA D 294 -42.45 0.27 -4.76
N ASN D 295 -43.29 1.29 -4.55
CA ASN D 295 -43.73 2.12 -5.67
C ASN D 295 -42.61 3.03 -6.16
N ASP D 296 -41.88 3.66 -5.25
CA ASP D 296 -40.65 4.39 -5.58
C ASP D 296 -39.51 3.99 -4.65
N VAL D 297 -38.57 3.25 -5.23
CA VAL D 297 -37.48 2.69 -4.44
C VAL D 297 -36.55 3.73 -3.83
N PRO D 298 -36.15 4.82 -4.51
CA PRO D 298 -35.34 5.83 -3.79
C PRO D 298 -36.03 6.43 -2.57
N MET D 299 -37.33 6.66 -2.63
CA MET D 299 -37.99 7.25 -1.48
C MET D 299 -38.16 6.21 -0.37
N TRP D 300 -38.33 4.93 -0.74
CA TRP D 300 -38.41 3.89 0.27
C TRP D 300 -37.07 3.70 0.97
N ASN D 301 -35.97 3.77 0.23
CA ASN D 301 -34.66 3.71 0.89
C ASN D 301 -34.43 4.95 1.73
N ALA D 302 -35.03 6.07 1.36
CA ALA D 302 -34.98 7.25 2.23
C ALA D 302 -35.74 7.02 3.54
N TYR D 303 -36.93 6.40 3.50
CA TYR D 303 -37.58 6.01 4.77
C TYR D 303 -36.79 4.99 5.55
N ALA D 304 -36.13 4.05 4.89
CA ALA D 304 -35.34 3.07 5.64
C ALA D 304 -34.15 3.74 6.32
N ALA D 305 -33.53 4.72 5.66
CA ALA D 305 -32.44 5.47 6.29
C ALA D 305 -32.95 6.33 7.44
N ALA D 306 -34.08 7.01 7.25
CA ALA D 306 -34.66 7.83 8.31
C ALA D 306 -35.02 6.98 9.51
N GLY D 307 -35.58 5.80 9.26
CA GLY D 307 -35.87 4.87 10.33
C GLY D 307 -34.63 4.34 11.01
N THR D 308 -33.55 4.15 10.27
CA THR D 308 -32.31 3.66 10.88
C THR D 308 -31.74 4.69 11.84
N LEU D 309 -31.74 5.97 11.44
CA LEU D 309 -31.28 7.00 12.35
C LEU D 309 -32.23 7.18 13.53
N ALA D 310 -33.53 7.06 13.29
CA ALA D 310 -34.48 7.17 14.38
C ALA D 310 -34.33 6.03 15.37
N ALA D 311 -34.09 4.81 14.86
CA ALA D 311 -33.90 3.67 15.75
C ALA D 311 -32.61 3.77 16.54
N THR D 312 -31.54 4.32 15.96
CA THR D 312 -30.34 4.45 16.76
C THR D 312 -30.46 5.58 17.75
N PHE D 313 -31.26 6.61 17.44
CA PHE D 313 -31.61 7.60 18.44
C PHE D 313 -32.31 6.95 19.62
N VAL D 314 -33.36 6.16 19.34
CA VAL D 314 -34.17 5.59 20.41
C VAL D 314 -33.36 4.59 21.23
N ASN D 315 -32.68 3.64 20.57
CA ASN D 315 -31.94 2.62 21.30
C ASN D 315 -30.74 3.20 22.04
N CYS D 316 -29.90 3.99 21.36
CA CYS D 316 -28.69 4.49 22.01
C CYS D 316 -29.02 5.53 23.08
N GLY D 317 -29.94 6.45 22.80
CA GLY D 317 -30.31 7.44 23.80
C GLY D 317 -31.04 6.85 24.98
N ALA D 318 -31.88 5.84 24.75
CA ALA D 318 -32.51 5.14 25.86
C ALA D 318 -31.48 4.41 26.70
N GLY D 319 -30.49 3.79 26.06
CA GLY D 319 -29.42 3.19 26.84
C GLY D 319 -28.43 4.18 27.41
N ARG D 320 -28.38 5.39 26.84
CA ARG D 320 -27.34 6.39 27.11
C ARG D 320 -25.96 5.78 26.94
N ALA D 321 -25.81 4.97 25.90
CA ALA D 321 -24.57 4.29 25.59
C ALA D 321 -24.32 4.43 24.11
N ALA D 322 -23.04 4.39 23.75
CA ALA D 322 -22.64 4.63 22.37
C ALA D 322 -22.43 3.36 21.58
N GLN D 323 -22.26 2.23 22.25
CA GLN D 323 -21.95 0.99 21.56
C GLN D 323 -23.16 0.31 20.94
N ASN D 324 -24.32 0.96 20.93
CA ASN D 324 -25.53 0.29 20.50
C ASN D 324 -25.83 0.46 19.01
N VAL D 325 -25.01 1.21 18.27
CA VAL D 325 -25.22 1.31 16.82
C VAL D 325 -24.96 -0.03 16.13
N SER D 326 -23.94 -0.75 16.58
CA SER D 326 -23.53 -1.99 15.96
C SER D 326 -24.60 -3.07 16.09
N SER D 327 -25.51 -2.92 17.03
CA SER D 327 -26.70 -3.75 17.10
C SER D 327 -27.87 -3.08 16.40
N THR D 328 -28.01 -1.76 16.56
CA THR D 328 -29.26 -1.12 16.20
C THR D 328 -29.46 -1.09 14.70
N LEU D 329 -28.41 -0.72 13.95
CA LEU D 329 -28.53 -0.60 12.50
C LEU D 329 -28.81 -1.97 11.89
N LEU D 330 -28.03 -2.95 12.35
CA LEU D 330 -28.16 -4.34 11.90
C LEU D 330 -29.56 -4.89 12.16
N TYR D 331 -29.97 -4.97 13.42
CA TYR D 331 -31.23 -5.64 13.71
C TYR D 331 -32.42 -4.80 13.31
N PHE D 332 -32.27 -3.48 13.23
CA PHE D 332 -33.36 -2.68 12.72
C PHE D 332 -33.65 -3.00 11.27
N ASN D 333 -32.60 -2.99 10.44
CA ASN D 333 -32.83 -3.25 9.02
C ASN D 333 -33.24 -4.69 8.78
N ASP D 334 -32.74 -5.61 9.61
CA ASP D 334 -33.10 -7.02 9.49
C ASP D 334 -34.57 -7.26 9.82
N ILE D 335 -35.06 -6.70 10.93
CA ILE D 335 -36.46 -6.88 11.27
C ILE D 335 -37.35 -6.08 10.33
N LEU D 336 -36.83 -5.00 9.75
CA LEU D 336 -37.59 -4.28 8.74
C LEU D 336 -37.81 -5.13 7.49
N GLU D 337 -36.76 -5.82 7.03
CA GLU D 337 -36.92 -6.72 5.90
C GLU D 337 -37.88 -7.86 6.23
N LYS D 338 -37.75 -8.46 7.41
CA LYS D 338 -38.67 -9.53 7.79
C LYS D 338 -40.09 -9.04 7.99
N GLU D 339 -40.28 -7.78 8.36
CA GLU D 339 -41.61 -7.23 8.50
C GLU D 339 -42.28 -6.95 7.17
N THR D 340 -41.55 -6.38 6.21
CA THR D 340 -42.19 -5.95 4.98
C THR D 340 -41.97 -6.87 3.79
N GLY D 341 -40.88 -7.62 3.74
CA GLY D 341 -40.56 -8.29 2.50
C GLY D 341 -39.87 -7.41 1.50
N LEU D 342 -39.28 -6.31 1.96
CA LEU D 342 -38.56 -5.30 1.22
C LEU D 342 -37.09 -5.36 1.56
N PRO D 343 -36.22 -4.72 0.77
CA PRO D 343 -34.85 -4.54 1.23
C PRO D 343 -34.75 -3.46 2.29
N GLY D 344 -33.70 -3.56 3.10
CA GLY D 344 -33.47 -2.62 4.17
C GLY D 344 -32.90 -1.31 3.68
N CYS D 345 -32.17 -0.59 4.53
CA CYS D 345 -31.54 0.63 4.07
C CYS D 345 -30.32 0.31 3.22
N ASP D 346 -30.25 0.97 2.05
CA ASP D 346 -29.16 0.83 1.09
C ASP D 346 -29.02 -0.62 0.62
N TYR D 347 -30.15 -1.33 0.58
CA TYR D 347 -30.28 -2.67 0.02
C TYR D 347 -29.33 -3.66 0.66
N GLY D 348 -29.24 -3.60 1.98
CA GLY D 348 -28.42 -4.51 2.73
C GLY D 348 -27.04 -3.99 3.07
N LYS D 349 -26.64 -2.86 2.48
CA LYS D 349 -25.29 -2.36 2.72
C LYS D 349 -25.15 -1.75 4.10
N VAL D 350 -26.21 -1.11 4.60
CA VAL D 350 -26.18 -0.53 5.95
C VAL D 350 -26.17 -1.63 6.99
N GLN D 351 -26.95 -2.67 6.76
CA GLN D 351 -26.94 -3.83 7.65
C GLN D 351 -25.58 -4.52 7.62
N GLY D 352 -24.97 -4.62 6.44
CA GLY D 352 -23.65 -5.20 6.36
C GLY D 352 -22.59 -4.41 7.10
N VAL D 353 -22.57 -3.09 6.89
CA VAL D 353 -21.57 -2.27 7.56
C VAL D 353 -21.85 -2.20 9.06
N ALA D 354 -23.09 -2.44 9.49
CA ALA D 354 -23.35 -2.58 10.91
C ALA D 354 -22.72 -3.85 11.47
N VAL D 355 -22.77 -4.95 10.70
CA VAL D 355 -22.03 -6.14 11.12
C VAL D 355 -20.54 -5.86 11.20
N GLY D 356 -20.03 -5.08 10.25
CA GLY D 356 -18.63 -4.68 10.29
C GLY D 356 -18.30 -3.83 11.50
N PHE D 357 -19.23 -2.95 11.88
CA PHE D 357 -19.10 -2.12 13.08
C PHE D 357 -18.98 -3.00 14.32
N SER D 358 -19.83 -4.01 14.42
CA SER D 358 -19.85 -4.88 15.59
C SER D 358 -18.59 -5.73 15.66
N PHE D 359 -18.18 -6.31 14.54
CA PHE D 359 -16.95 -7.10 14.49
C PHE D 359 -15.73 -6.24 14.81
N PHE D 360 -15.72 -5.02 14.29
CA PHE D 360 -14.70 -4.03 14.59
C PHE D 360 -14.64 -3.64 16.05
N SER D 361 -15.79 -3.39 16.67
CA SER D 361 -15.84 -2.75 17.99
C SER D 361 -16.50 -3.66 19.02
N HIS D 362 -16.27 -4.95 18.93
CA HIS D 362 -16.46 -5.78 20.12
C HIS D 362 -15.27 -6.69 20.42
N SER D 363 -14.58 -7.22 19.42
CA SER D 363 -13.55 -8.21 19.68
C SER D 363 -12.15 -7.73 19.30
N ILE D 364 -11.89 -7.45 18.02
CA ILE D 364 -10.54 -7.26 17.51
C ILE D 364 -10.51 -5.96 16.72
N TYR D 365 -9.41 -5.20 16.84
CA TYR D 365 -9.13 -3.98 16.08
C TYR D 365 -10.21 -2.94 16.37
N GLY D 366 -10.18 -2.50 17.64
CA GLY D 366 -11.36 -1.93 18.27
C GLY D 366 -11.76 -0.57 17.73
N GLY D 367 -10.78 0.31 17.48
CA GLY D 367 -11.08 1.65 17.00
C GLY D 367 -11.85 2.48 18.00
N GLY D 368 -11.35 2.52 19.24
CA GLY D 368 -12.11 3.08 20.34
C GLY D 368 -13.37 2.26 20.54
N GLY D 369 -14.46 2.95 20.81
CA GLY D 369 -15.76 2.35 20.63
C GLY D 369 -16.23 2.71 19.25
N PRO D 370 -17.26 3.55 19.15
CA PRO D 370 -17.62 4.16 17.87
C PRO D 370 -17.03 5.55 17.63
N GLY D 371 -16.22 6.07 18.53
CA GLY D 371 -15.77 7.45 18.37
C GLY D 371 -14.69 7.66 17.33
N VAL D 372 -14.13 6.59 16.79
CA VAL D 372 -12.96 6.70 15.90
C VAL D 372 -13.50 6.20 14.56
N PHE D 373 -14.78 6.42 14.32
CA PHE D 373 -15.44 5.96 13.10
C PHE D 373 -15.53 7.10 12.12
N ASN D 374 -14.91 6.93 10.96
CA ASN D 374 -15.09 7.81 9.82
C ASN D 374 -15.38 6.95 8.61
N GLY D 375 -15.99 7.56 7.59
CA GLY D 375 -16.34 6.78 6.41
C GLY D 375 -15.16 6.43 5.52
N ASN D 376 -13.99 6.99 5.79
CA ASN D 376 -12.78 6.66 5.06
C ASN D 376 -12.17 5.34 5.49
N HIS D 377 -12.59 4.77 6.61
CA HIS D 377 -12.00 3.51 7.04
C HIS D 377 -12.49 2.38 6.15
N VAL D 378 -11.72 1.28 6.15
CA VAL D 378 -11.98 0.19 5.21
C VAL D 378 -13.23 -0.59 5.63
N VAL D 379 -13.60 -0.54 6.91
CA VAL D 379 -14.77 -1.27 7.37
C VAL D 379 -16.02 -0.41 7.41
N THR D 380 -15.89 0.88 7.13
CA THR D 380 -17.01 1.80 7.18
C THR D 380 -17.37 2.38 5.83
N ARG D 381 -16.53 2.19 4.82
CA ARG D 381 -16.71 2.80 3.50
C ARG D 381 -17.82 2.17 2.69
N HIS D 382 -18.35 1.03 3.15
CA HIS D 382 -19.14 0.18 2.28
C HIS D 382 -20.51 0.77 1.98
N SER D 383 -21.21 1.24 3.01
CA SER D 383 -22.48 1.88 2.77
C SER D 383 -22.27 3.24 2.13
N ARG D 384 -23.21 3.63 1.28
CA ARG D 384 -23.13 4.91 0.58
C ARG D 384 -23.72 6.05 1.38
N GLY D 385 -23.32 6.16 2.63
CA GLY D 385 -23.57 7.34 3.41
C GLY D 385 -24.63 7.26 4.49
N PHE D 386 -24.95 6.08 5.01
CA PHE D 386 -26.10 5.96 5.88
C PHE D 386 -25.81 5.26 7.21
N ALA D 387 -24.56 5.12 7.61
CA ALA D 387 -24.24 4.51 8.89
C ALA D 387 -23.40 5.40 9.79
N ILE D 388 -22.47 6.15 9.22
CA ILE D 388 -21.62 7.07 9.99
C ILE D 388 -22.42 8.23 10.58
N PRO D 389 -23.49 8.76 9.92
CA PRO D 389 -24.38 9.67 10.65
C PRO D 389 -24.96 9.07 11.92
N CYS D 390 -25.35 7.81 11.87
CA CYS D 390 -25.89 7.14 13.05
C CYS D 390 -24.84 6.98 14.13
N VAL D 391 -23.61 6.65 13.73
CA VAL D 391 -22.54 6.46 14.71
C VAL D 391 -22.21 7.76 15.42
N CYS D 392 -22.03 8.83 14.66
CA CYS D 392 -21.71 10.10 15.30
C CYS D 392 -22.87 10.64 16.12
N ALA D 393 -24.10 10.34 15.70
CA ALA D 393 -25.27 10.68 16.50
C ALA D 393 -25.28 9.95 17.84
N ALA D 394 -24.88 8.69 17.84
CA ALA D 394 -24.84 7.97 19.12
C ALA D 394 -23.67 8.42 19.97
N VAL D 395 -22.56 8.81 19.35
CA VAL D 395 -21.43 9.30 20.12
C VAL D 395 -21.80 10.60 20.82
N ALA D 396 -22.62 11.42 20.17
CA ALA D 396 -23.18 12.59 20.85
C ALA D 396 -24.09 12.20 22.02
N LEU D 397 -24.71 11.03 21.98
CA LEU D 397 -25.65 10.63 23.02
C LEU D 397 -25.03 9.85 24.16
N ASP D 398 -23.73 9.56 24.10
CA ASP D 398 -23.11 8.79 25.17
C ASP D 398 -23.02 9.62 26.45
N ALA D 399 -23.04 8.92 27.59
CA ALA D 399 -23.03 9.56 28.89
C ALA D 399 -21.69 9.44 29.59
N GLY D 400 -20.65 8.99 28.89
CA GLY D 400 -19.34 8.87 29.51
C GLY D 400 -18.93 7.43 29.73
N THR D 401 -19.44 6.54 28.88
CA THR D 401 -19.11 5.12 29.03
C THR D 401 -17.70 4.80 28.51
N GLN D 402 -17.26 5.50 27.46
CA GLN D 402 -15.90 5.31 26.97
C GLN D 402 -14.92 6.17 27.76
N MET D 403 -13.63 5.92 27.52
CA MET D 403 -12.57 6.74 28.12
C MET D 403 -12.02 7.80 27.18
N PHE D 404 -12.04 7.56 25.88
CA PHE D 404 -11.61 8.54 24.89
C PHE D 404 -12.80 9.49 24.65
N THR D 405 -12.99 10.37 25.62
CA THR D 405 -14.19 11.19 25.68
C THR D 405 -14.15 12.28 24.63
N ILE D 406 -15.26 13.01 24.54
CA ILE D 406 -15.35 14.17 23.66
C ILE D 406 -14.38 15.27 24.08
N GLU D 407 -14.09 15.36 25.39
CA GLU D 407 -13.15 16.37 25.87
C GLU D 407 -11.70 16.02 25.54
N SER D 408 -11.42 14.78 25.14
CA SER D 408 -10.05 14.39 24.82
C SER D 408 -9.54 15.04 23.55
N THR D 409 -10.37 15.13 22.51
CA THR D 409 -10.01 15.81 21.27
C THR D 409 -10.76 17.12 21.09
N SER D 410 -11.35 17.64 22.17
CA SER D 410 -12.12 18.88 22.08
C SER D 410 -11.23 20.07 21.75
N GLY D 411 -10.12 20.23 22.47
CA GLY D 411 -9.19 21.31 22.17
C GLY D 411 -8.50 21.14 20.83
N LEU D 412 -8.49 19.91 20.31
CA LEU D 412 -7.98 19.69 18.97
C LEU D 412 -8.95 20.24 17.92
N ILE D 413 -10.21 19.79 17.93
CA ILE D 413 -11.09 20.08 16.80
C ILE D 413 -12.33 20.90 17.15
N GLY D 414 -12.93 20.73 18.32
CA GLY D 414 -14.22 21.32 18.59
C GLY D 414 -14.20 22.82 18.79
N ASP D 415 -13.24 23.29 19.59
CA ASP D 415 -13.08 24.72 19.77
C ASP D 415 -12.56 25.39 18.50
N VAL D 416 -11.83 24.62 17.67
CA VAL D 416 -11.38 25.13 16.38
C VAL D 416 -12.57 25.41 15.48
N PHE D 417 -13.54 24.50 15.43
CA PHE D 417 -14.69 24.66 14.56
C PHE D 417 -15.93 25.18 15.30
N GLY D 418 -15.75 25.71 16.50
CA GLY D 418 -16.88 26.19 17.26
C GLY D 418 -17.38 27.57 16.90
N SER D 419 -16.54 28.41 16.31
CA SER D 419 -16.94 29.76 15.95
C SER D 419 -17.68 29.80 14.62
N ILE D 420 -17.82 28.66 13.96
CA ILE D 420 -18.42 28.60 12.63
C ILE D 420 -19.83 28.07 12.81
N GLU D 421 -20.81 28.90 12.51
CA GLU D 421 -22.21 28.51 12.72
C GLU D 421 -22.65 27.46 11.71
N GLU D 422 -22.01 27.42 10.54
CA GLU D 422 -22.28 26.34 9.59
C GLU D 422 -21.74 25.01 10.09
N PHE D 423 -20.72 25.03 10.94
CA PHE D 423 -20.21 23.83 11.60
C PHE D 423 -20.95 23.52 12.88
N ARG D 424 -21.31 24.56 13.64
CA ARG D 424 -21.92 24.36 14.96
C ARG D 424 -23.32 23.78 14.82
N GLN D 425 -24.15 24.38 13.99
CA GLN D 425 -25.55 23.99 13.86
C GLN D 425 -25.81 23.81 12.38
N PRO D 426 -25.51 22.61 11.84
CA PRO D 426 -25.48 22.46 10.39
C PRO D 426 -26.84 22.46 9.71
N ILE D 427 -27.90 22.07 10.40
CA ILE D 427 -29.20 21.92 9.74
C ILE D 427 -29.77 23.28 9.35
N LYS D 428 -29.75 24.25 10.28
CA LYS D 428 -30.35 25.55 9.96
C LYS D 428 -29.48 26.33 8.99
N ALA D 429 -28.17 26.07 9.00
CA ALA D 429 -27.25 26.74 8.08
C ALA D 429 -27.11 25.92 6.80
N VAL D 430 -28.26 25.58 6.24
CA VAL D 430 -28.38 25.00 4.92
C VAL D 430 -29.45 25.84 4.22
N ALA D 431 -29.03 26.64 3.25
CA ALA D 431 -29.91 27.53 2.51
C ALA D 431 -29.32 27.77 1.14
N GLY D 432 -30.19 27.96 0.14
CA GLY D 432 -29.75 28.18 -1.22
C GLY D 432 -30.88 28.04 -2.23
N ALA E 2 33.73 38.39 -26.88
CA ALA E 2 33.13 39.20 -25.83
C ALA E 2 33.66 38.79 -24.47
N TYR E 3 33.12 37.69 -23.94
CA TYR E 3 33.56 37.15 -22.66
C TYR E 3 34.58 36.06 -22.93
N GLU E 4 35.85 36.38 -22.69
CA GLU E 4 36.93 35.40 -22.85
C GLU E 4 36.82 34.40 -21.72
N ALA E 5 36.39 33.20 -22.04
CA ALA E 5 36.22 32.16 -21.03
C ALA E 5 37.58 31.75 -20.47
N GLN E 6 37.66 31.70 -19.16
CA GLN E 6 38.87 31.28 -18.45
C GLN E 6 38.87 29.81 -18.12
N TYR E 7 37.69 29.19 -18.11
CA TYR E 7 37.38 27.77 -18.15
C TYR E 7 37.68 26.99 -16.88
N TYR E 8 38.60 27.46 -16.03
CA TYR E 8 39.03 26.66 -14.89
C TYR E 8 40.00 27.48 -14.06
N PRO E 9 40.06 27.30 -12.74
CA PRO E 9 41.06 28.00 -11.94
C PRO E 9 42.36 27.23 -11.80
N GLY E 10 43.47 27.97 -11.79
CA GLY E 10 44.74 27.35 -11.53
C GLY E 10 45.90 27.92 -12.32
N ALA E 11 46.98 28.27 -11.62
CA ALA E 11 48.20 28.71 -12.26
C ALA E 11 49.16 27.55 -12.52
N THR E 12 48.81 26.35 -12.10
CA THR E 12 49.71 25.20 -12.17
C THR E 12 49.73 24.65 -13.59
N SER E 13 50.46 23.56 -13.79
CA SER E 13 50.51 22.96 -15.12
C SER E 13 49.23 22.21 -15.44
N VAL E 14 48.68 21.49 -14.46
CA VAL E 14 47.47 20.71 -14.74
C VAL E 14 46.25 21.62 -14.87
N GLY E 15 46.30 22.81 -14.29
CA GLY E 15 45.28 23.80 -14.61
C GLY E 15 45.38 24.27 -16.05
N ALA E 16 46.61 24.44 -16.55
CA ALA E 16 46.80 24.82 -17.94
C ALA E 16 46.38 23.70 -18.89
N ASN E 17 46.67 22.46 -18.54
CA ASN E 17 46.28 21.35 -19.39
C ASN E 17 44.78 21.10 -19.34
N ARG E 18 44.15 21.33 -18.19
CA ARG E 18 42.69 21.26 -18.11
C ARG E 18 42.06 22.36 -18.94
N ARG E 19 42.65 23.55 -18.94
CA ARG E 19 42.16 24.61 -19.81
C ARG E 19 42.37 24.26 -21.27
N LYS E 20 43.46 23.57 -21.60
CA LYS E 20 43.70 23.17 -22.98
C LYS E 20 42.71 22.11 -23.43
N HIS E 21 42.32 21.22 -22.53
CA HIS E 21 41.34 20.21 -22.91
C HIS E 21 39.95 20.80 -23.02
N MET E 22 39.61 21.75 -22.14
CA MET E 22 38.31 22.38 -22.22
C MET E 22 38.20 23.28 -23.43
N SER E 23 39.26 24.01 -23.75
CA SER E 23 39.21 25.00 -24.82
C SER E 23 39.32 24.39 -26.20
N GLY E 24 40.03 23.28 -26.33
CA GLY E 24 40.27 22.70 -27.63
C GLY E 24 41.48 23.25 -28.36
N LYS E 25 42.38 23.94 -27.69
CA LYS E 25 43.59 24.47 -28.32
C LYS E 25 44.68 23.40 -28.26
N LEU E 26 44.35 22.21 -28.74
CA LEU E 26 45.17 21.03 -28.67
C LEU E 26 45.94 20.86 -29.97
N GLU E 27 47.21 20.45 -29.84
CA GLU E 27 48.04 20.22 -31.00
C GLU E 27 47.88 18.78 -31.48
N LYS E 28 48.02 18.61 -32.79
CA LYS E 28 47.82 17.33 -33.44
C LYS E 28 49.13 16.57 -33.47
N LEU E 29 49.14 15.37 -32.92
CA LEU E 29 50.37 14.59 -32.79
C LEU E 29 50.55 13.54 -33.87
N ARG E 30 49.48 13.13 -34.54
CA ARG E 30 49.46 12.05 -35.50
C ARG E 30 48.13 12.10 -36.24
N GLU E 31 47.96 11.21 -37.21
CA GLU E 31 46.80 11.23 -38.08
C GLU E 31 46.23 9.82 -38.25
N ILE E 32 44.91 9.74 -38.29
CA ILE E 32 44.18 8.52 -38.58
C ILE E 32 43.29 8.77 -39.79
N SER E 33 43.32 7.85 -40.75
CA SER E 33 42.50 8.01 -41.93
C SER E 33 41.02 7.77 -41.59
N ASP E 34 40.13 8.21 -42.49
CA ASP E 34 38.71 8.04 -42.23
C ASP E 34 38.28 6.58 -42.40
N GLU E 35 38.92 5.87 -43.33
CA GLU E 35 38.52 4.50 -43.69
C GLU E 35 38.72 3.53 -42.53
N ASP E 36 39.83 3.65 -41.80
CA ASP E 36 40.05 2.79 -40.66
C ASP E 36 39.53 3.37 -39.36
N LEU E 37 39.27 4.68 -39.30
CA LEU E 37 38.58 5.24 -38.14
C LEU E 37 37.14 4.74 -38.08
N THR E 38 36.45 4.72 -39.21
CA THR E 38 35.12 4.14 -39.28
C THR E 38 35.15 2.66 -38.96
N ALA E 39 36.24 1.98 -39.34
CA ALA E 39 36.44 0.58 -39.01
C ALA E 39 36.54 0.36 -37.50
N VAL E 40 37.29 1.22 -36.81
CA VAL E 40 37.46 1.03 -35.38
C VAL E 40 36.40 1.71 -34.54
N LEU E 41 35.46 2.43 -35.14
CA LEU E 41 34.26 2.79 -34.38
C LEU E 41 33.35 1.58 -34.25
N GLY E 42 33.09 0.88 -35.36
CA GLY E 42 32.49 -0.43 -35.29
C GLY E 42 31.00 -0.51 -35.48
N HIS E 43 30.35 0.57 -35.92
CA HIS E 43 28.92 0.54 -36.15
C HIS E 43 28.57 0.42 -37.62
N ARG E 44 29.56 0.22 -38.48
CA ARG E 44 29.34 0.32 -39.91
C ARG E 44 30.42 -0.46 -40.64
N ALA E 45 30.12 -0.86 -41.86
CA ALA E 45 31.15 -1.35 -42.75
C ALA E 45 32.08 -0.19 -43.12
N PRO E 46 33.39 -0.39 -43.09
CA PRO E 46 34.31 0.72 -43.37
C PRO E 46 34.24 1.13 -44.83
N GLY E 47 34.22 2.43 -45.06
CA GLY E 47 34.10 2.96 -46.41
C GLY E 47 32.80 2.64 -47.08
N SER E 48 31.69 2.71 -46.36
CA SER E 48 30.36 2.39 -46.88
C SER E 48 29.43 3.57 -46.68
N ASP E 49 28.17 3.38 -47.07
CA ASP E 49 27.18 4.43 -46.92
C ASP E 49 26.79 4.58 -45.47
N TYR E 50 26.41 5.81 -45.11
CA TYR E 50 25.99 6.11 -43.75
C TYR E 50 24.56 5.65 -43.56
N PRO E 51 24.26 4.81 -42.56
CA PRO E 51 22.90 4.29 -42.39
C PRO E 51 21.92 5.34 -41.89
N SER E 52 20.71 4.90 -41.57
CA SER E 52 19.65 5.81 -41.15
C SER E 52 18.83 5.15 -40.05
N THR E 53 18.15 6.00 -39.27
CA THR E 53 17.16 5.52 -38.31
C THR E 53 15.82 6.20 -38.50
N HIS E 54 15.76 7.25 -39.30
CA HIS E 54 14.53 7.85 -39.78
C HIS E 54 14.84 8.58 -41.07
N PRO E 55 13.84 8.83 -41.91
CA PRO E 55 14.10 9.52 -43.17
C PRO E 55 14.64 10.91 -42.94
N PRO E 56 15.42 11.44 -43.89
CA PRO E 56 16.04 12.76 -43.69
C PRO E 56 15.04 13.89 -43.54
N LEU E 57 15.47 14.93 -42.82
CA LEU E 57 14.57 15.99 -42.36
C LEU E 57 14.03 16.83 -43.50
N ALA E 58 14.74 16.92 -44.62
CA ALA E 58 14.19 17.68 -45.75
C ALA E 58 13.05 16.95 -46.44
N GLU E 59 12.93 15.64 -46.22
CA GLU E 59 11.87 14.83 -46.83
C GLU E 59 10.65 14.68 -45.93
N MET E 60 10.83 14.22 -44.70
CA MET E 60 9.74 13.97 -43.79
C MET E 60 9.33 15.20 -42.98
N GLY E 61 9.91 16.35 -43.26
CA GLY E 61 9.43 17.60 -42.71
C GLY E 61 9.78 17.79 -41.24
N GLU E 62 9.32 18.92 -40.71
CA GLU E 62 9.51 19.25 -39.30
C GLU E 62 8.25 19.91 -38.79
N PRO E 63 8.00 19.87 -37.49
CA PRO E 63 6.92 20.65 -36.90
C PRO E 63 7.19 22.15 -37.00
N ALA E 64 6.16 22.93 -36.68
CA ALA E 64 6.26 24.39 -36.71
C ALA E 64 6.86 24.86 -35.39
N CYS E 65 8.17 24.68 -35.27
CA CYS E 65 8.89 25.01 -34.05
C CYS E 65 9.85 26.16 -34.31
N SER E 66 9.96 27.05 -33.34
CA SER E 66 10.90 28.17 -33.47
C SER E 66 12.32 27.73 -33.21
N ILE E 67 12.51 26.75 -32.32
CA ILE E 67 13.85 26.24 -32.04
C ILE E 67 14.38 25.45 -33.24
N ARG E 68 13.50 24.72 -33.92
CA ARG E 68 13.91 24.02 -35.13
C ARG E 68 14.29 25.01 -36.23
N GLU E 69 13.53 26.08 -36.39
CA GLU E 69 13.86 27.06 -37.41
C GLU E 69 14.98 27.99 -37.01
N ALA E 70 15.40 27.99 -35.74
CA ALA E 70 16.49 28.83 -35.27
C ALA E 70 17.79 28.06 -35.07
N VAL E 71 17.71 26.82 -34.62
CA VAL E 71 18.91 25.98 -34.50
C VAL E 71 19.06 25.19 -35.79
N ALA E 72 20.17 25.40 -36.49
CA ALA E 72 20.47 24.61 -37.67
C ALA E 72 21.00 23.25 -37.24
N ALA E 73 20.31 22.19 -37.63
CA ALA E 73 20.72 20.85 -37.25
C ALA E 73 22.02 20.48 -37.94
N THR E 74 22.72 19.50 -37.36
CA THR E 74 24.00 19.10 -37.89
C THR E 74 23.81 18.39 -39.23
N PRO E 75 24.83 18.39 -40.09
CA PRO E 75 24.76 17.57 -41.31
C PRO E 75 24.56 16.10 -41.04
N GLY E 76 25.09 15.59 -39.93
CA GLY E 76 24.89 14.20 -39.58
C GLY E 76 23.49 13.89 -39.09
N ALA E 77 22.74 14.90 -38.67
CA ALA E 77 21.34 14.69 -38.34
C ALA E 77 20.43 15.00 -39.51
N ALA E 78 20.84 15.89 -40.41
CA ALA E 78 20.00 16.28 -41.54
C ALA E 78 19.77 15.12 -42.49
N ALA E 79 20.70 14.16 -42.50
CA ALA E 79 20.51 12.93 -43.25
C ALA E 79 19.85 11.83 -42.42
N GLY E 80 19.50 12.13 -41.17
CA GLY E 80 18.79 11.19 -40.33
C GLY E 80 19.59 9.96 -39.97
N ASP E 81 20.85 10.14 -39.60
CA ASP E 81 21.70 9.00 -39.26
C ASP E 81 21.26 8.39 -37.93
N ARG E 82 21.74 7.18 -37.68
CA ARG E 82 21.49 6.56 -36.39
C ARG E 82 22.32 7.27 -35.35
N VAL E 83 21.88 7.18 -34.09
CA VAL E 83 22.70 7.74 -33.02
C VAL E 83 23.61 6.65 -32.50
N ARG E 84 24.90 6.75 -32.78
CA ARG E 84 25.86 5.77 -32.32
C ARG E 84 26.95 6.48 -31.51
N TYR E 85 27.84 5.69 -30.91
CA TYR E 85 28.65 6.14 -29.80
C TYR E 85 30.13 5.88 -30.02
N VAL E 86 30.95 6.70 -29.38
CA VAL E 86 32.38 6.44 -29.19
C VAL E 86 32.67 6.57 -27.70
N GLN E 87 33.47 5.66 -27.15
CA GLN E 87 33.87 5.83 -25.76
C GLN E 87 35.29 5.36 -25.53
N PHE E 88 35.87 5.86 -24.43
CA PHE E 88 37.27 5.70 -24.07
C PHE E 88 37.42 5.27 -22.62
N ALA E 89 38.65 4.94 -22.25
CA ALA E 89 39.06 4.76 -20.87
C ALA E 89 40.40 5.44 -20.68
N ASP E 90 40.52 6.19 -19.59
CA ASP E 90 41.65 7.07 -19.34
C ASP E 90 42.33 6.63 -18.06
N SER E 91 43.65 6.55 -18.07
CA SER E 91 44.33 6.02 -16.91
C SER E 91 44.37 7.06 -15.81
N MET E 92 44.53 6.58 -14.57
CA MET E 92 44.71 7.51 -13.48
C MET E 92 46.18 7.80 -13.23
N TYR E 93 47.06 7.24 -14.05
CA TYR E 93 48.49 7.48 -13.93
C TYR E 93 48.91 8.45 -15.02
N ASN E 94 48.41 9.68 -14.87
CA ASN E 94 48.74 10.83 -15.71
C ASN E 94 48.32 10.61 -17.17
N ALA E 95 47.11 10.26 -17.34
CA ALA E 95 46.63 10.32 -18.71
C ALA E 95 46.33 11.77 -19.07
N PRO E 96 46.52 12.16 -20.33
CA PRO E 96 46.29 13.55 -20.71
C PRO E 96 44.86 14.01 -20.58
N ALA E 97 43.90 13.09 -20.59
CA ALA E 97 42.51 13.49 -20.49
C ALA E 97 41.87 12.76 -19.33
N THR E 98 40.69 13.19 -18.97
CA THR E 98 39.98 12.74 -17.79
C THR E 98 38.52 12.54 -18.18
N PRO E 99 37.84 11.56 -17.57
CA PRO E 99 36.44 11.31 -17.93
C PRO E 99 35.51 12.49 -17.79
N TYR E 100 35.75 13.38 -16.84
CA TYR E 100 35.01 14.62 -16.90
C TYR E 100 35.56 15.50 -18.00
N PHE E 101 36.87 15.56 -18.16
CA PHE E 101 37.41 16.61 -19.02
C PHE E 101 37.33 16.29 -20.51
N ARG E 102 37.15 15.02 -20.88
CA ARG E 102 36.69 14.76 -22.23
C ARG E 102 35.24 15.17 -22.41
N SER E 103 34.42 14.99 -21.37
CA SER E 103 33.03 15.43 -21.46
C SER E 103 32.97 16.94 -21.56
N TYR E 104 33.86 17.64 -20.85
CA TYR E 104 33.87 19.09 -20.98
C TYR E 104 34.34 19.48 -22.37
N PHE E 105 35.34 18.77 -22.90
CA PHE E 105 35.83 19.01 -24.26
C PHE E 105 34.73 18.84 -25.28
N ALA E 106 34.01 17.72 -25.21
CA ALA E 106 32.93 17.43 -26.15
C ALA E 106 31.78 18.40 -25.99
N ALA E 107 31.52 18.88 -24.77
CA ALA E 107 30.43 19.82 -24.57
C ALA E 107 30.76 21.19 -25.17
N ILE E 108 31.95 21.72 -24.91
CA ILE E 108 32.29 23.04 -25.45
C ILE E 108 32.57 23.00 -26.96
N ASN E 109 33.22 21.97 -27.48
CA ASN E 109 33.79 22.07 -28.83
C ASN E 109 32.93 21.44 -29.92
N PHE E 110 31.81 20.83 -29.60
CA PHE E 110 31.08 20.06 -30.60
C PHE E 110 29.59 20.25 -30.45
N ARG E 111 28.90 20.38 -31.57
CA ARG E 111 27.46 20.58 -31.58
C ARG E 111 26.73 19.25 -31.52
N GLY E 112 25.72 19.18 -30.66
CA GLY E 112 24.80 18.05 -30.64
C GLY E 112 25.39 16.73 -30.19
N VAL E 113 26.16 16.74 -29.12
CA VAL E 113 26.72 15.51 -28.59
C VAL E 113 26.07 15.20 -27.24
N ASP E 114 26.31 13.98 -26.77
CA ASP E 114 25.76 13.48 -25.51
C ASP E 114 26.93 12.93 -24.71
N PRO E 115 27.73 13.78 -24.09
CA PRO E 115 28.86 13.28 -23.30
C PRO E 115 28.37 12.66 -22.01
N GLY E 116 28.98 11.55 -21.63
CA GLY E 116 28.59 10.90 -20.40
C GLY E 116 29.79 10.43 -19.61
N THR E 117 29.86 10.76 -18.33
CA THR E 117 31.03 10.48 -17.52
C THR E 117 30.75 9.33 -16.58
N LEU E 118 31.57 8.32 -16.63
CA LEU E 118 31.57 7.29 -15.63
C LEU E 118 32.85 7.49 -14.82
N SER E 119 33.16 6.55 -13.92
CA SER E 119 34.47 6.61 -13.29
C SER E 119 35.57 6.13 -14.21
N GLY E 120 35.27 5.21 -15.12
CA GLY E 120 36.28 4.69 -16.01
C GLY E 120 35.93 4.90 -17.46
N ARG E 121 34.66 5.17 -17.73
CA ARG E 121 34.21 5.31 -19.09
C ARG E 121 33.92 6.78 -19.35
N GLN E 122 34.05 7.17 -20.60
CA GLN E 122 33.57 8.46 -21.06
C GLN E 122 33.07 8.27 -22.48
N ILE E 123 31.78 8.51 -22.68
CA ILE E 123 31.09 8.22 -23.93
C ILE E 123 30.69 9.53 -24.59
N VAL E 124 30.77 9.58 -25.91
CA VAL E 124 30.14 10.61 -26.71
C VAL E 124 29.16 9.92 -27.64
N GLU E 125 27.89 10.29 -27.54
CA GLU E 125 26.84 9.73 -28.38
C GLU E 125 26.31 10.83 -29.28
N ALA E 126 26.31 10.59 -30.58
CA ALA E 126 25.79 11.57 -31.52
C ALA E 126 25.33 10.85 -32.77
N ARG E 127 24.93 11.63 -33.78
CA ARG E 127 24.68 11.12 -35.11
C ARG E 127 25.99 10.62 -35.71
N GLU E 128 25.87 9.83 -36.80
CA GLU E 128 27.03 9.16 -37.40
C GLU E 128 28.12 10.13 -37.83
N ARG E 129 27.78 11.12 -38.65
CA ARG E 129 28.79 12.04 -39.14
C ARG E 129 29.32 12.98 -38.08
N ASP E 130 28.65 13.09 -36.93
CA ASP E 130 29.06 13.97 -35.85
C ASP E 130 30.03 13.28 -34.90
N MET E 131 29.68 12.08 -34.44
CA MET E 131 30.57 11.33 -33.57
C MET E 131 31.84 10.91 -34.29
N GLU E 132 31.79 10.72 -35.61
CA GLU E 132 33.00 10.41 -36.36
C GLU E 132 33.99 11.57 -36.29
N GLN E 133 33.51 12.80 -36.46
CA GLN E 133 34.38 13.96 -36.32
C GLN E 133 34.86 14.14 -34.88
N CYS E 134 33.98 13.93 -33.89
CA CYS E 134 34.37 14.10 -32.50
C CYS E 134 35.43 13.08 -32.11
N ALA E 135 35.23 11.82 -32.47
CA ALA E 135 36.21 10.79 -32.22
C ALA E 135 37.48 11.02 -33.02
N LYS E 136 37.39 11.60 -34.22
CA LYS E 136 38.59 11.88 -34.99
C LYS E 136 39.44 12.93 -34.30
N VAL E 137 38.81 14.02 -33.85
CA VAL E 137 39.51 15.08 -33.15
C VAL E 137 40.08 14.57 -31.83
N GLN E 138 39.37 13.68 -31.15
CA GLN E 138 39.93 13.09 -29.92
C GLN E 138 41.15 12.22 -30.21
N MET E 139 41.09 11.42 -31.29
CA MET E 139 42.19 10.48 -31.54
C MET E 139 43.44 11.15 -32.09
N GLU E 140 43.32 12.15 -32.97
CA GLU E 140 44.54 12.58 -33.64
C GLU E 140 45.36 13.58 -32.84
N THR E 141 44.90 13.99 -31.66
CA THR E 141 45.53 15.08 -30.92
C THR E 141 46.26 14.57 -29.70
N GLU E 142 46.87 15.50 -28.96
CA GLU E 142 47.52 15.21 -27.68
C GLU E 142 46.54 14.84 -26.60
N MET E 143 45.25 15.09 -26.83
CA MET E 143 44.22 14.80 -25.85
C MET E 143 44.14 13.31 -25.55
N THR E 144 44.26 12.49 -26.58
CA THR E 144 44.35 11.05 -26.39
C THR E 144 45.82 10.64 -26.51
N ASP E 145 46.36 10.12 -25.44
CA ASP E 145 47.63 9.41 -25.54
C ASP E 145 47.31 7.98 -25.90
N PRO E 146 47.73 7.49 -27.07
CA PRO E 146 47.28 6.16 -27.50
C PRO E 146 47.80 5.02 -26.65
N ALA E 147 48.88 5.20 -25.91
CA ALA E 147 49.29 4.18 -24.95
C ALA E 147 48.42 4.21 -23.72
N LEU E 148 47.79 5.34 -23.45
CA LEU E 148 47.07 5.53 -22.19
C LEU E 148 45.56 5.54 -22.41
N ALA E 149 45.08 6.44 -23.26
CA ALA E 149 43.63 6.70 -23.39
C ALA E 149 43.06 5.89 -24.54
N GLY E 150 42.96 4.58 -24.34
CA GLY E 150 42.57 3.67 -25.42
C GLY E 150 41.08 3.39 -25.51
N MET E 151 40.60 3.23 -26.75
CA MET E 151 39.18 3.02 -27.00
C MET E 151 38.71 1.68 -26.48
N ARG E 152 37.79 1.73 -25.54
CA ARG E 152 37.06 0.54 -25.12
C ARG E 152 35.62 0.81 -25.46
N GLY E 153 34.82 -0.25 -25.57
CA GLY E 153 33.40 -0.04 -25.79
C GLY E 153 32.60 -0.84 -24.78
N ALA E 154 33.27 -1.86 -24.24
CA ALA E 154 32.79 -2.64 -23.12
C ALA E 154 34.04 -3.26 -22.51
N THR E 155 33.91 -3.71 -21.27
CA THR E 155 34.98 -4.37 -20.52
C THR E 155 36.20 -3.43 -20.45
N VAL E 156 35.98 -2.35 -19.72
CA VAL E 156 36.76 -1.12 -19.75
C VAL E 156 37.79 -1.05 -18.64
N HIS E 157 37.95 -2.12 -17.89
CA HIS E 157 38.76 -2.09 -16.68
C HIS E 157 40.21 -1.77 -17.00
N GLY E 158 40.75 -0.80 -16.26
CA GLY E 158 42.09 -0.34 -16.52
C GLY E 158 42.29 1.15 -16.30
N HIS E 159 41.26 1.88 -15.90
CA HIS E 159 41.46 3.30 -15.64
C HIS E 159 42.26 3.49 -14.36
N SER E 160 42.04 2.60 -13.39
CA SER E 160 42.71 2.64 -12.10
C SER E 160 43.69 1.51 -11.92
N VAL E 161 43.67 0.52 -12.80
CA VAL E 161 44.71 -0.50 -12.80
C VAL E 161 46.02 0.16 -13.20
N ARG E 162 47.11 -0.25 -12.54
CA ARG E 162 48.41 0.29 -12.83
C ARG E 162 48.85 -0.13 -14.22
N LEU E 163 49.70 0.68 -14.85
CA LEU E 163 50.06 0.46 -16.23
C LEU E 163 51.00 -0.73 -16.37
N GLN E 164 51.18 -1.18 -17.60
CA GLN E 164 52.19 -2.17 -17.85
C GLN E 164 53.56 -1.51 -17.87
N GLU E 165 54.61 -2.34 -17.98
CA GLU E 165 55.98 -1.83 -17.93
C GLU E 165 56.29 -0.93 -19.11
N ASP E 166 55.61 -1.14 -20.24
CA ASP E 166 55.70 -0.28 -21.40
C ASP E 166 54.57 0.74 -21.48
N GLY E 167 53.96 1.06 -20.34
CA GLY E 167 53.03 2.17 -20.24
C GLY E 167 51.72 2.01 -20.95
N VAL E 168 51.10 0.82 -20.89
CA VAL E 168 49.80 0.59 -21.49
C VAL E 168 48.91 -0.06 -20.44
N MET E 169 47.60 0.17 -20.55
CA MET E 169 46.66 -0.38 -19.58
C MET E 169 46.52 -1.89 -19.67
N PHE E 170 46.14 -2.49 -18.55
CA PHE E 170 45.83 -3.90 -18.50
C PHE E 170 44.43 -4.13 -19.03
N ASP E 171 44.33 -4.51 -20.30
CA ASP E 171 43.06 -4.70 -20.98
C ASP E 171 42.70 -6.18 -20.97
N MET E 172 41.49 -6.49 -20.51
CA MET E 172 41.05 -7.87 -20.53
C MET E 172 40.73 -8.38 -21.92
N LEU E 173 40.79 -7.53 -22.95
CA LEU E 173 40.63 -7.94 -24.36
C LEU E 173 41.45 -6.84 -25.02
N ASP E 174 42.57 -7.16 -25.67
CA ASP E 174 43.51 -6.12 -26.11
C ASP E 174 43.09 -5.56 -27.46
N ARG E 175 42.60 -4.32 -27.46
CA ARG E 175 42.43 -3.61 -28.72
C ARG E 175 43.77 -3.12 -29.25
N ARG E 176 44.63 -2.58 -28.38
CA ARG E 176 45.81 -1.85 -28.80
C ARG E 176 47.06 -2.55 -28.31
N ARG E 177 48.01 -2.73 -29.21
CA ARG E 177 49.27 -3.39 -28.89
C ARG E 177 50.43 -2.53 -29.34
N LEU E 178 51.53 -2.58 -28.59
CA LEU E 178 52.62 -1.63 -28.76
C LEU E 178 53.68 -2.09 -29.73
N GLU E 179 53.83 -3.39 -29.97
CA GLU E 179 54.97 -3.95 -30.67
C GLU E 179 55.07 -3.47 -32.11
N GLY E 180 56.28 -3.56 -32.65
CA GLY E 180 56.64 -2.85 -33.85
C GLY E 180 57.07 -1.42 -33.62
N GLY E 181 57.26 -1.03 -32.36
CA GLY E 181 57.61 0.34 -32.02
C GLY E 181 56.39 1.19 -31.76
N VAL E 182 55.71 1.60 -32.83
CA VAL E 182 54.55 2.47 -32.71
C VAL E 182 53.36 1.67 -32.21
N ILE E 183 52.41 2.36 -31.61
CA ILE E 183 51.20 1.71 -31.12
C ILE E 183 50.29 1.40 -32.31
N ILE E 184 49.71 0.21 -32.31
CA ILE E 184 48.80 -0.23 -33.37
C ILE E 184 47.59 -0.88 -32.72
N MET E 185 46.50 -0.92 -33.47
CA MET E 185 45.26 -1.45 -32.95
C MET E 185 44.39 -1.89 -34.10
N ASP E 186 43.66 -2.97 -33.89
CA ASP E 186 42.87 -3.48 -35.00
C ASP E 186 41.39 -3.51 -34.71
N LYS E 187 40.98 -3.91 -33.51
CA LYS E 187 39.58 -4.09 -33.20
C LYS E 187 38.88 -2.75 -33.10
N ASP E 188 37.56 -2.80 -33.08
CA ASP E 188 36.81 -1.59 -32.80
C ASP E 188 36.66 -1.46 -31.29
N GLN E 189 35.91 -0.46 -30.85
CA GLN E 189 35.64 -0.33 -29.43
C GLN E 189 34.80 -1.49 -28.92
N VAL E 190 33.90 -2.00 -29.74
CA VAL E 190 33.19 -3.22 -29.44
C VAL E 190 34.16 -4.39 -29.53
N ALA E 191 33.92 -5.43 -28.72
CA ALA E 191 34.82 -6.57 -28.64
C ALA E 191 34.66 -7.54 -29.81
N ILE E 192 34.91 -7.06 -31.03
CA ILE E 192 34.98 -7.91 -32.21
C ILE E 192 36.26 -7.60 -32.99
N PRO E 193 36.96 -8.59 -33.51
CA PRO E 193 38.21 -8.31 -34.22
C PRO E 193 37.97 -7.76 -35.61
N LEU E 194 39.05 -7.26 -36.20
CA LEU E 194 39.02 -6.70 -37.55
C LEU E 194 40.22 -7.20 -38.33
N ASP E 195 40.09 -7.15 -39.66
CA ASP E 195 41.17 -7.60 -40.52
C ASP E 195 42.28 -6.57 -40.61
N ARG E 196 41.93 -5.29 -40.63
CA ARG E 196 42.94 -4.27 -40.87
C ARG E 196 43.59 -3.80 -39.58
N LYS E 197 44.84 -3.33 -39.72
CA LYS E 197 45.62 -2.82 -38.60
C LYS E 197 45.74 -1.31 -38.75
N VAL E 198 45.45 -0.61 -37.67
CA VAL E 198 45.50 0.84 -37.63
C VAL E 198 46.69 1.23 -36.79
N ASN E 199 47.68 1.87 -37.40
CA ASN E 199 48.70 2.51 -36.59
C ASN E 199 48.18 3.82 -36.05
N LEU E 200 48.50 4.09 -34.78
CA LEU E 200 48.17 5.39 -34.23
C LEU E 200 49.39 6.29 -34.30
N GLY E 201 50.45 5.95 -33.59
CA GLY E 201 51.67 6.73 -33.63
C GLY E 201 52.63 6.27 -32.55
N LYS E 202 53.55 7.17 -32.22
CA LYS E 202 54.45 6.90 -31.10
C LYS E 202 53.81 7.37 -29.80
N PRO E 203 53.88 6.58 -28.73
CA PRO E 203 53.35 7.03 -27.44
C PRO E 203 54.21 8.13 -26.83
N MET E 204 53.57 8.94 -25.98
CA MET E 204 54.29 9.90 -25.18
C MET E 204 55.18 9.19 -24.16
N SER E 205 56.26 9.86 -23.77
CA SER E 205 57.14 9.35 -22.73
C SER E 205 56.49 9.62 -21.38
N SER E 206 57.03 9.02 -20.31
CA SER E 206 56.44 9.17 -18.98
C SER E 206 56.50 10.61 -18.49
N GLU E 207 57.62 11.28 -18.70
CA GLU E 207 57.74 12.69 -18.28
C GLU E 207 56.85 13.58 -19.14
N GLU E 208 56.72 13.28 -20.43
CA GLU E 208 55.80 14.04 -21.27
C GLU E 208 54.36 13.76 -20.91
N ALA E 209 54.07 12.52 -20.51
CA ALA E 209 52.72 12.18 -20.04
C ALA E 209 52.38 12.93 -18.76
N ALA E 210 53.35 13.04 -17.85
CA ALA E 210 53.12 13.80 -16.63
C ALA E 210 53.01 15.29 -16.89
N LYS E 211 53.69 15.79 -17.93
CA LYS E 211 53.54 17.19 -18.29
C LYS E 211 52.18 17.48 -18.91
N ARG E 212 51.70 16.59 -19.78
CA ARG E 212 50.47 16.84 -20.53
C ARG E 212 49.20 16.48 -19.77
N THR E 213 49.30 15.92 -18.57
CA THR E 213 48.13 15.33 -17.95
C THR E 213 47.23 16.38 -17.32
N THR E 214 46.00 15.95 -17.03
CA THR E 214 45.01 16.76 -16.34
C THR E 214 44.58 16.13 -15.02
N ILE E 215 45.44 15.33 -14.41
CA ILE E 215 45.16 14.71 -13.14
C ILE E 215 46.09 15.31 -12.10
N TYR E 216 45.50 15.83 -11.02
CA TYR E 216 46.27 16.17 -9.85
C TYR E 216 46.75 14.88 -9.20
N ARG E 217 48.06 14.70 -9.12
CA ARG E 217 48.64 13.52 -8.50
C ARG E 217 49.78 13.91 -7.59
N VAL E 218 49.80 13.33 -6.39
CA VAL E 218 50.81 13.64 -5.39
C VAL E 218 52.22 13.25 -5.86
N ASP E 219 52.31 12.38 -6.86
CA ASP E 219 53.60 12.13 -7.53
C ASP E 219 54.02 13.35 -8.33
N ASN E 220 53.13 13.87 -9.17
CA ASN E 220 53.50 14.85 -10.19
C ASN E 220 53.13 16.28 -9.82
N VAL E 221 51.84 16.58 -9.67
CA VAL E 221 51.38 17.89 -9.25
C VAL E 221 50.30 17.64 -8.21
N ALA E 222 50.66 17.81 -6.94
CA ALA E 222 49.76 17.44 -5.86
C ALA E 222 48.59 18.40 -5.79
N PHE E 223 47.41 17.86 -5.47
CA PHE E 223 46.21 18.69 -5.36
C PHE E 223 46.29 19.62 -4.16
N ARG E 224 47.01 19.20 -3.11
CA ARG E 224 47.03 19.97 -1.87
C ARG E 224 47.77 21.28 -2.04
N ASP E 225 48.78 21.31 -2.92
CA ASP E 225 49.59 22.51 -3.10
C ASP E 225 48.96 23.53 -4.02
N ASP E 226 47.93 23.19 -4.78
CA ASP E 226 47.20 24.16 -5.60
C ASP E 226 46.04 24.68 -4.77
N ALA E 227 46.31 25.72 -3.97
CA ALA E 227 45.26 26.33 -3.17
C ALA E 227 44.25 27.10 -4.00
N GLU E 228 44.60 27.44 -5.24
CA GLU E 228 43.71 28.24 -6.08
C GLU E 228 42.45 27.47 -6.44
N VAL E 229 42.55 26.17 -6.69
CA VAL E 229 41.40 25.37 -7.03
C VAL E 229 40.67 24.83 -5.79
N ILE E 230 41.37 24.61 -4.67
CA ILE E 230 40.67 24.28 -3.43
C ILE E 230 39.85 25.46 -2.96
N GLU E 231 40.33 26.68 -3.20
CA GLU E 231 39.53 27.86 -2.93
C GLU E 231 38.29 27.89 -3.81
N TRP E 232 38.39 27.43 -5.06
CA TRP E 232 37.20 27.33 -5.90
C TRP E 232 36.19 26.33 -5.35
N VAL E 233 36.68 25.17 -4.91
CA VAL E 233 35.79 24.15 -4.35
C VAL E 233 35.12 24.66 -3.09
N HIS E 234 35.89 25.32 -2.21
CA HIS E 234 35.35 25.84 -0.97
C HIS E 234 34.35 26.96 -1.21
N ARG E 235 34.62 27.82 -2.19
CA ARG E 235 33.70 28.91 -2.49
C ARG E 235 32.39 28.39 -3.06
N VAL E 236 32.46 27.46 -4.01
CA VAL E 236 31.21 26.97 -4.59
C VAL E 236 30.46 26.11 -3.56
N PHE E 237 31.16 25.44 -2.65
CA PHE E 237 30.49 24.64 -1.64
C PHE E 237 29.84 25.50 -0.57
N ASP E 238 30.53 26.57 -0.15
CA ASP E 238 29.95 27.50 0.81
C ASP E 238 28.75 28.21 0.23
N GLN E 239 28.82 28.58 -1.05
CA GLN E 239 27.66 29.18 -1.70
C GLN E 239 26.52 28.19 -1.81
N ARG E 240 26.80 26.93 -2.13
CA ARG E 240 25.75 25.92 -2.25
C ARG E 240 25.05 25.70 -0.93
N THR E 241 25.81 25.53 0.15
CA THR E 241 25.20 25.29 1.46
C THR E 241 24.46 26.51 1.98
N SER E 242 25.10 27.68 1.92
CA SER E 242 24.50 28.91 2.43
C SER E 242 23.26 29.30 1.66
N TYR E 243 23.25 29.14 0.34
CA TYR E 243 22.08 29.49 -0.43
C TYR E 243 21.05 28.38 -0.48
N GLY E 244 21.41 27.17 -0.03
CA GLY E 244 20.39 26.17 0.21
C GLY E 244 19.72 26.32 1.55
N PHE E 245 20.38 27.01 2.49
CA PHE E 245 19.69 27.44 3.69
C PHE E 245 18.78 28.62 3.39
N GLN E 246 19.38 29.74 3.00
CA GLN E 246 18.63 30.95 2.64
C GLN E 246 19.29 31.69 1.47
N PRO E 247 18.63 31.76 0.32
CA PRO E 247 19.24 32.45 -0.83
C PRO E 247 19.18 33.97 -0.73
N LYS E 248 20.09 34.55 0.03
CA LYS E 248 20.18 36.01 0.06
C LYS E 248 21.63 36.45 -0.05
N ALA F 2 -52.61 2.17 14.45
CA ALA F 2 -51.67 2.33 13.35
C ALA F 2 -51.35 0.98 12.72
N TYR F 3 -50.10 0.80 12.30
CA TYR F 3 -49.61 -0.47 11.78
C TYR F 3 -49.38 -1.40 12.96
N GLU F 4 -50.47 -1.96 13.46
CA GLU F 4 -50.41 -2.83 14.62
C GLU F 4 -49.81 -4.18 14.28
N ALA F 5 -49.83 -4.57 13.01
CA ALA F 5 -49.35 -5.87 12.59
C ALA F 5 -47.84 -5.96 12.76
N GLN F 6 -47.39 -7.15 13.11
CA GLN F 6 -45.97 -7.40 13.37
C GLN F 6 -45.82 -8.91 13.20
N TYR F 7 -44.99 -9.33 12.25
CA TYR F 7 -45.07 -10.70 11.82
C TYR F 7 -43.76 -11.13 11.13
N TYR F 8 -43.85 -12.24 10.41
CA TYR F 8 -42.78 -13.00 9.77
C TYR F 8 -43.45 -13.99 8.81
N PRO F 9 -42.82 -14.38 7.70
CA PRO F 9 -43.49 -15.31 6.78
C PRO F 9 -43.59 -16.73 7.31
N GLY F 10 -44.69 -17.39 6.96
CA GLY F 10 -44.84 -18.77 7.33
C GLY F 10 -46.25 -19.12 7.79
N ALA F 11 -46.79 -20.21 7.24
CA ALA F 11 -48.04 -20.76 7.69
C ALA F 11 -47.85 -22.00 8.55
N THR F 12 -46.62 -22.40 8.80
CA THR F 12 -46.37 -23.62 9.51
C THR F 12 -46.32 -23.35 11.01
N SER F 13 -45.90 -24.37 11.78
CA SER F 13 -45.68 -24.17 13.20
C SER F 13 -44.51 -23.24 13.45
N VAL F 14 -43.45 -23.39 12.66
CA VAL F 14 -42.21 -22.64 12.90
C VAL F 14 -42.41 -21.15 12.63
N GLY F 15 -43.22 -20.81 11.62
CA GLY F 15 -43.56 -19.42 11.42
C GLY F 15 -44.38 -18.85 12.57
N ALA F 16 -45.26 -19.67 13.15
CA ALA F 16 -46.02 -19.23 14.31
C ALA F 16 -45.13 -19.00 15.51
N ASN F 17 -44.17 -19.89 15.73
CA ASN F 17 -43.24 -19.74 16.85
C ASN F 17 -42.31 -18.56 16.65
N ARG F 18 -41.91 -18.28 15.41
CA ARG F 18 -41.06 -17.13 15.17
C ARG F 18 -41.84 -15.82 15.32
N ARG F 19 -43.11 -15.80 14.93
CA ARG F 19 -43.94 -14.63 15.22
C ARG F 19 -44.13 -14.45 16.72
N LYS F 20 -44.26 -15.56 17.46
CA LYS F 20 -44.37 -15.46 18.91
C LYS F 20 -43.08 -14.94 19.53
N HIS F 21 -41.93 -15.42 19.07
CA HIS F 21 -40.65 -15.03 19.64
C HIS F 21 -40.33 -13.57 19.34
N MET F 22 -40.63 -13.10 18.13
CA MET F 22 -40.49 -11.67 17.90
C MET F 22 -41.48 -10.87 18.73
N SER F 23 -42.75 -11.29 18.75
CA SER F 23 -43.75 -10.51 19.47
C SER F 23 -43.59 -10.62 20.98
N GLY F 24 -42.88 -11.62 21.47
CA GLY F 24 -42.79 -11.83 22.89
C GLY F 24 -44.08 -12.29 23.50
N LYS F 25 -44.97 -12.88 22.71
CA LYS F 25 -46.27 -13.34 23.20
C LYS F 25 -46.20 -14.75 23.75
N LEU F 26 -45.07 -15.09 24.34
CA LEU F 26 -44.82 -16.37 24.96
C LEU F 26 -45.71 -16.54 26.18
N GLU F 27 -45.96 -17.79 26.56
CA GLU F 27 -46.62 -18.08 27.80
C GLU F 27 -45.58 -18.58 28.80
N LYS F 28 -45.58 -17.97 29.99
CA LYS F 28 -44.52 -18.16 30.96
C LYS F 28 -44.64 -19.55 31.57
N LEU F 29 -43.51 -20.25 31.64
CA LEU F 29 -43.52 -21.65 32.02
C LEU F 29 -42.95 -21.93 33.39
N ARG F 30 -42.18 -21.02 33.98
CA ARG F 30 -41.39 -21.41 35.14
C ARG F 30 -41.07 -20.18 35.96
N GLU F 31 -40.66 -20.41 37.20
CA GLU F 31 -40.41 -19.35 38.17
C GLU F 31 -38.94 -19.34 38.56
N ILE F 32 -38.31 -18.17 38.45
CA ILE F 32 -37.07 -17.86 39.15
C ILE F 32 -37.23 -16.49 39.79
N SER F 33 -36.93 -16.43 41.09
CA SER F 33 -37.01 -15.20 41.86
C SER F 33 -35.91 -14.23 41.46
N ASP F 34 -36.16 -12.94 41.71
CA ASP F 34 -35.30 -11.87 41.22
C ASP F 34 -33.88 -11.97 41.77
N GLU F 35 -33.76 -12.26 43.07
CA GLU F 35 -32.43 -12.44 43.65
C GLU F 35 -31.76 -13.70 43.13
N ASP F 36 -32.54 -14.73 42.81
CA ASP F 36 -31.93 -15.92 42.23
C ASP F 36 -31.50 -15.67 40.80
N LEU F 37 -32.27 -14.84 40.08
CA LEU F 37 -31.87 -14.40 38.75
C LEU F 37 -30.56 -13.64 38.76
N THR F 38 -30.40 -12.68 39.67
CA THR F 38 -29.13 -11.96 39.72
C THR F 38 -28.03 -12.83 40.28
N ALA F 39 -28.39 -13.87 41.03
CA ALA F 39 -27.41 -14.83 41.51
C ALA F 39 -26.78 -15.60 40.36
N VAL F 40 -27.61 -16.07 39.43
CA VAL F 40 -27.11 -16.90 38.36
C VAL F 40 -26.50 -16.07 37.24
N LEU F 41 -26.69 -14.74 37.29
CA LEU F 41 -26.03 -13.87 36.33
C LEU F 41 -24.56 -13.64 36.64
N GLY F 42 -24.13 -13.83 37.88
CA GLY F 42 -22.72 -13.91 38.20
C GLY F 42 -21.94 -12.62 38.15
N HIS F 43 -22.62 -11.49 38.05
CA HIS F 43 -21.88 -10.23 37.95
C HIS F 43 -21.62 -9.60 39.30
N ARG F 44 -22.39 -9.95 40.32
CA ARG F 44 -22.24 -9.32 41.62
C ARG F 44 -22.73 -10.27 42.70
N ALA F 45 -22.73 -9.79 43.94
CA ALA F 45 -23.28 -10.56 45.04
C ALA F 45 -24.80 -10.56 44.95
N PRO F 46 -25.44 -11.71 45.12
CA PRO F 46 -26.91 -11.78 44.98
C PRO F 46 -27.60 -11.06 46.11
N GLY F 47 -28.66 -10.34 45.76
CA GLY F 47 -29.35 -9.54 46.75
C GLY F 47 -28.52 -8.38 47.28
N SER F 48 -27.84 -7.68 46.39
CA SER F 48 -27.08 -6.48 46.73
C SER F 48 -27.69 -5.28 46.02
N ASP F 49 -26.91 -4.22 45.95
CA ASP F 49 -27.36 -3.06 45.20
C ASP F 49 -26.58 -3.15 43.89
N TYR F 50 -27.05 -2.44 42.88
CA TYR F 50 -26.39 -2.43 41.58
C TYR F 50 -25.21 -1.47 41.62
N PRO F 51 -24.00 -1.92 41.28
CA PRO F 51 -22.85 -1.02 41.22
C PRO F 51 -23.00 0.01 40.12
N SER F 52 -22.17 1.04 40.18
CA SER F 52 -22.24 2.13 39.22
C SER F 52 -20.83 2.42 38.73
N THR F 53 -20.60 2.24 37.44
CA THR F 53 -19.31 2.55 36.84
C THR F 53 -19.14 4.03 36.59
N HIS F 54 -20.21 4.81 36.70
CA HIS F 54 -20.15 6.26 36.61
C HIS F 54 -21.35 6.80 37.37
N PRO F 55 -21.27 8.04 37.87
CA PRO F 55 -22.36 8.60 38.70
C PRO F 55 -23.67 8.72 37.94
N PRO F 56 -24.80 8.90 38.63
CA PRO F 56 -26.09 8.98 37.94
C PRO F 56 -26.21 10.17 37.01
N LEU F 57 -26.98 9.99 35.94
CA LEU F 57 -27.25 11.08 35.01
C LEU F 57 -28.23 12.10 35.57
N ALA F 58 -28.86 11.82 36.70
CA ALA F 58 -29.74 12.81 37.29
C ALA F 58 -28.98 13.96 37.93
N GLU F 59 -27.70 13.79 38.21
CA GLU F 59 -26.96 14.75 39.01
C GLU F 59 -25.62 15.20 38.44
N MET F 60 -25.13 14.62 37.34
CA MET F 60 -24.03 15.28 36.63
C MET F 60 -24.54 16.30 35.63
N GLY F 61 -25.80 16.19 35.23
CA GLY F 61 -26.34 17.05 34.20
C GLY F 61 -25.95 16.59 32.82
N GLU F 62 -26.94 16.44 31.96
CA GLU F 62 -26.77 16.01 30.58
C GLU F 62 -26.43 17.20 29.69
N PRO F 63 -25.83 16.95 28.53
CA PRO F 63 -25.73 18.01 27.53
C PRO F 63 -27.10 18.38 26.99
N ALA F 64 -27.21 19.63 26.52
CA ALA F 64 -28.46 20.12 25.97
C ALA F 64 -28.65 19.52 24.58
N CYS F 65 -29.37 18.42 24.54
CA CYS F 65 -29.70 17.72 23.31
C CYS F 65 -31.20 17.47 23.27
N SER F 66 -31.80 17.65 22.09
CA SER F 66 -33.23 17.39 21.96
C SER F 66 -33.53 15.91 22.05
N ILE F 67 -32.61 15.07 21.55
CA ILE F 67 -32.79 13.62 21.67
C ILE F 67 -32.67 13.18 23.11
N ARG F 68 -31.72 13.74 23.85
CA ARG F 68 -31.51 13.37 25.26
C ARG F 68 -32.74 13.70 26.10
N GLU F 69 -33.37 14.84 25.85
CA GLU F 69 -34.62 15.15 26.51
C GLU F 69 -35.79 14.34 25.97
N ALA F 70 -35.72 13.86 24.74
CA ALA F 70 -36.86 13.22 24.10
C ALA F 70 -37.00 11.74 24.42
N VAL F 71 -35.92 11.05 24.78
CA VAL F 71 -35.96 9.61 25.03
C VAL F 71 -35.68 9.38 26.51
N ALA F 72 -36.41 8.44 27.10
CA ALA F 72 -36.29 8.14 28.51
C ALA F 72 -34.98 7.45 28.82
N ALA F 73 -34.40 7.71 29.96
CA ALA F 73 -33.08 7.16 30.18
C ALA F 73 -33.03 5.72 30.56
N THR F 74 -34.16 5.13 30.93
CA THR F 74 -34.23 3.75 31.41
C THR F 74 -33.89 3.78 32.85
N PRO F 75 -34.44 2.86 33.62
CA PRO F 75 -34.10 3.00 35.02
C PRO F 75 -32.63 2.82 35.23
N GLY F 76 -32.02 1.88 34.53
CA GLY F 76 -30.62 1.58 34.77
C GLY F 76 -29.61 2.65 34.48
N ALA F 77 -29.76 3.32 33.35
CA ALA F 77 -28.85 4.39 33.01
C ALA F 77 -28.97 5.56 33.94
N ALA F 78 -30.19 5.90 34.33
CA ALA F 78 -30.40 7.05 35.17
C ALA F 78 -29.66 6.82 36.47
N ALA F 79 -29.64 5.60 36.95
CA ALA F 79 -28.89 5.29 38.15
C ALA F 79 -27.41 5.23 37.86
N GLY F 80 -27.08 5.05 36.61
CA GLY F 80 -25.69 4.98 36.21
C GLY F 80 -25.03 3.64 36.38
N ASP F 81 -25.77 2.56 36.18
CA ASP F 81 -25.22 1.23 36.40
C ASP F 81 -24.25 0.86 35.28
N ARG F 82 -23.37 -0.08 35.60
CA ARG F 82 -22.47 -0.62 34.62
C ARG F 82 -23.26 -1.47 33.63
N VAL F 83 -22.69 -1.67 32.45
CA VAL F 83 -23.30 -2.53 31.45
C VAL F 83 -22.85 -3.96 31.68
N ARG F 84 -23.82 -4.87 31.74
CA ARG F 84 -23.55 -6.30 31.89
C ARG F 84 -24.43 -7.04 30.90
N TYR F 85 -24.26 -8.36 30.84
CA TYR F 85 -24.78 -9.11 29.71
C TYR F 85 -25.44 -10.41 30.14
N VAL F 86 -26.10 -11.06 29.19
CA VAL F 86 -26.65 -12.39 29.35
C VAL F 86 -26.40 -13.19 28.07
N GLN F 87 -26.00 -14.45 28.24
CA GLN F 87 -25.58 -15.34 27.17
C GLN F 87 -26.48 -16.55 27.03
N PHE F 88 -26.70 -16.96 25.78
CA PHE F 88 -27.51 -18.14 25.53
C PHE F 88 -27.03 -18.84 24.29
N ALA F 89 -26.75 -20.12 24.45
CA ALA F 89 -26.46 -21.00 23.34
C ALA F 89 -27.71 -21.86 23.12
N ASP F 90 -28.29 -21.74 21.94
CA ASP F 90 -29.54 -22.39 21.60
C ASP F 90 -29.25 -23.54 20.65
N SER F 91 -29.85 -24.69 20.89
CA SER F 91 -29.47 -25.85 20.11
C SER F 91 -30.10 -25.82 18.74
N MET F 92 -29.47 -26.53 17.80
CA MET F 92 -30.06 -26.75 16.49
C MET F 92 -31.32 -27.58 16.59
N TYR F 93 -31.28 -28.64 17.39
CA TYR F 93 -32.28 -29.71 17.35
C TYR F 93 -33.54 -29.23 18.04
N ASN F 94 -34.26 -28.36 17.34
CA ASN F 94 -35.61 -27.91 17.69
C ASN F 94 -35.66 -27.22 19.04
N ALA F 95 -34.62 -26.46 19.38
CA ALA F 95 -34.70 -25.59 20.53
C ALA F 95 -35.69 -24.47 20.23
N PRO F 96 -36.43 -24.00 21.24
CA PRO F 96 -37.49 -23.02 20.99
C PRO F 96 -37.00 -21.68 20.48
N ALA F 97 -35.74 -21.34 20.63
CA ALA F 97 -35.20 -20.08 20.13
C ALA F 97 -34.00 -20.34 19.26
N THR F 98 -33.74 -19.40 18.35
CA THR F 98 -32.59 -19.36 17.49
C THR F 98 -31.90 -18.01 17.67
N PRO F 99 -30.58 -17.93 17.46
CA PRO F 99 -29.85 -16.70 17.83
C PRO F 99 -30.33 -15.43 17.18
N TYR F 100 -30.69 -15.47 15.90
CA TYR F 100 -31.22 -14.26 15.28
C TYR F 100 -32.60 -13.94 15.83
N PHE F 101 -33.40 -14.95 16.14
CA PHE F 101 -34.76 -14.66 16.58
C PHE F 101 -34.81 -14.34 18.07
N ARG F 102 -33.88 -14.88 18.85
CA ARG F 102 -33.69 -14.38 20.20
C ARG F 102 -33.20 -12.93 20.18
N SER F 103 -32.36 -12.59 19.20
CA SER F 103 -31.92 -11.20 19.05
C SER F 103 -33.07 -10.29 18.67
N TYR F 104 -33.99 -10.75 17.83
CA TYR F 104 -35.12 -9.90 17.53
C TYR F 104 -36.08 -9.82 18.70
N PHE F 105 -36.14 -10.86 19.54
CA PHE F 105 -36.89 -10.76 20.79
C PHE F 105 -36.35 -9.63 21.65
N ALA F 106 -35.03 -9.61 21.83
CA ALA F 106 -34.39 -8.53 22.57
C ALA F 106 -34.55 -7.19 21.90
N ALA F 107 -34.68 -7.16 20.57
CA ALA F 107 -34.79 -5.89 19.87
C ALA F 107 -36.17 -5.28 19.98
N ILE F 108 -37.22 -6.04 19.64
CA ILE F 108 -38.58 -5.51 19.78
C ILE F 108 -38.95 -5.28 21.25
N ASN F 109 -38.62 -6.19 22.15
CA ASN F 109 -39.27 -6.14 23.45
C ASN F 109 -38.46 -5.53 24.58
N PHE F 110 -37.29 -4.94 24.31
CA PHE F 110 -36.51 -4.39 25.41
C PHE F 110 -35.77 -3.14 24.98
N ARG F 111 -35.69 -2.17 25.87
CA ARG F 111 -35.06 -0.89 25.57
C ARG F 111 -33.62 -0.89 26.04
N GLY F 112 -32.84 0.04 25.46
CA GLY F 112 -31.46 0.23 25.86
C GLY F 112 -30.57 -0.95 25.59
N VAL F 113 -30.94 -1.77 24.65
CA VAL F 113 -30.38 -3.10 24.52
C VAL F 113 -29.39 -3.13 23.37
N ASP F 114 -28.38 -3.98 23.51
CA ASP F 114 -27.38 -4.20 22.47
C ASP F 114 -27.30 -5.70 22.20
N PRO F 115 -28.25 -6.25 21.44
CA PRO F 115 -28.19 -7.67 21.11
C PRO F 115 -27.07 -7.95 20.13
N GLY F 116 -26.55 -9.17 20.18
CA GLY F 116 -25.52 -9.59 19.26
C GLY F 116 -25.75 -11.01 18.84
N THR F 117 -25.46 -11.37 17.60
CA THR F 117 -25.72 -12.72 17.12
C THR F 117 -24.43 -13.35 16.62
N LEU F 118 -24.21 -14.59 16.99
CA LEU F 118 -23.27 -15.48 16.34
C LEU F 118 -24.04 -16.69 15.86
N SER F 119 -23.32 -17.71 15.41
CA SER F 119 -23.97 -18.99 15.24
C SER F 119 -24.26 -19.63 16.58
N GLY F 120 -23.29 -19.59 17.49
CA GLY F 120 -23.35 -20.39 18.69
C GLY F 120 -23.78 -19.70 19.96
N ARG F 121 -24.10 -18.41 19.90
CA ARG F 121 -24.38 -17.65 21.11
C ARG F 121 -25.13 -16.39 20.74
N GLN F 122 -25.54 -15.65 21.78
CA GLN F 122 -26.33 -14.45 21.57
C GLN F 122 -26.12 -13.50 22.74
N ILE F 123 -25.19 -12.55 22.59
CA ILE F 123 -25.00 -11.46 23.54
C ILE F 123 -26.28 -10.64 23.66
N VAL F 124 -26.67 -10.32 24.88
CA VAL F 124 -27.61 -9.23 25.14
C VAL F 124 -26.98 -8.34 26.19
N GLU F 125 -26.52 -7.16 25.79
CA GLU F 125 -25.82 -6.23 26.67
C GLU F 125 -26.69 -5.03 26.97
N ALA F 126 -26.81 -4.69 28.25
CA ALA F 126 -27.55 -3.50 28.67
C ALA F 126 -27.08 -3.13 30.06
N ARG F 127 -27.65 -2.05 30.59
CA ARG F 127 -27.48 -1.70 31.98
C ARG F 127 -28.12 -2.76 32.87
N GLU F 128 -27.62 -2.85 34.10
CA GLU F 128 -27.94 -3.98 34.98
C GLU F 128 -29.43 -4.05 35.31
N ARG F 129 -30.06 -2.91 35.56
CA ARG F 129 -31.50 -2.90 35.79
C ARG F 129 -32.31 -3.14 34.51
N ASP F 130 -31.69 -3.14 33.34
CA ASP F 130 -32.39 -3.47 32.10
C ASP F 130 -32.10 -4.90 31.65
N MET F 131 -30.82 -5.29 31.68
CA MET F 131 -30.43 -6.66 31.38
C MET F 131 -31.04 -7.64 32.37
N GLU F 132 -31.24 -7.20 33.62
CA GLU F 132 -31.90 -8.03 34.62
C GLU F 132 -33.31 -8.41 34.19
N GLN F 133 -34.12 -7.42 33.76
CA GLN F 133 -35.47 -7.70 33.33
C GLN F 133 -35.49 -8.52 32.05
N CYS F 134 -34.54 -8.25 31.14
CA CYS F 134 -34.50 -9.01 29.90
C CYS F 134 -34.17 -10.48 30.13
N ALA F 135 -33.19 -10.75 31.00
CA ALA F 135 -32.86 -12.14 31.30
C ALA F 135 -33.96 -12.82 32.10
N LYS F 136 -34.72 -12.04 32.89
CA LYS F 136 -35.92 -12.57 33.53
C LYS F 136 -36.93 -13.07 32.51
N VAL F 137 -37.29 -12.21 31.54
CA VAL F 137 -38.30 -12.59 30.55
C VAL F 137 -37.80 -13.71 29.64
N GLN F 138 -36.50 -13.76 29.36
CA GLN F 138 -35.95 -14.88 28.61
C GLN F 138 -36.02 -16.17 29.40
N MET F 139 -35.66 -16.15 30.68
CA MET F 139 -35.57 -17.38 31.44
C MET F 139 -36.91 -17.95 31.87
N GLU F 140 -37.91 -17.11 32.17
CA GLU F 140 -39.16 -17.67 32.66
C GLU F 140 -39.99 -18.31 31.54
N THR F 141 -39.98 -17.73 30.35
CA THR F 141 -40.96 -18.09 29.34
C THR F 141 -40.52 -19.35 28.60
N GLU F 142 -41.27 -19.71 27.56
CA GLU F 142 -40.99 -20.91 26.78
C GLU F 142 -39.87 -20.73 25.77
N MET F 143 -39.36 -19.50 25.63
CA MET F 143 -38.22 -19.26 24.75
C MET F 143 -36.99 -20.00 25.19
N THR F 144 -36.71 -20.01 26.48
CA THR F 144 -35.58 -20.73 27.01
C THR F 144 -36.09 -22.06 27.50
N ASP F 145 -35.97 -23.08 26.68
CA ASP F 145 -36.06 -24.42 27.20
C ASP F 145 -34.78 -24.68 27.97
N PRO F 146 -34.85 -24.98 29.26
CA PRO F 146 -33.63 -25.17 30.06
C PRO F 146 -32.77 -26.32 29.62
N ALA F 147 -33.34 -27.35 29.00
CA ALA F 147 -32.51 -28.43 28.49
C ALA F 147 -31.95 -28.13 27.11
N LEU F 148 -32.63 -27.28 26.33
CA LEU F 148 -32.19 -26.96 24.97
C LEU F 148 -31.54 -25.59 24.88
N ALA F 149 -31.37 -24.89 25.99
CA ALA F 149 -30.73 -23.58 25.95
C ALA F 149 -30.07 -23.34 27.29
N GLY F 150 -28.75 -23.34 27.32
CA GLY F 150 -28.00 -23.12 28.53
C GLY F 150 -27.44 -21.72 28.56
N MET F 151 -27.34 -21.14 29.75
CA MET F 151 -26.91 -19.75 29.88
C MET F 151 -25.42 -19.79 30.17
N ARG F 152 -24.63 -19.52 29.14
CA ARG F 152 -23.19 -19.83 29.09
C ARG F 152 -22.42 -18.57 28.71
N GLY F 153 -21.92 -17.83 29.69
CA GLY F 153 -21.21 -16.59 29.41
C GLY F 153 -19.93 -16.78 28.62
N ALA F 154 -19.24 -17.90 28.83
CA ALA F 154 -18.02 -18.19 28.12
C ALA F 154 -18.03 -19.66 27.71
N THR F 155 -17.33 -19.96 26.62
CA THR F 155 -17.30 -21.27 25.97
C THR F 155 -18.71 -21.77 25.69
N VAL F 156 -19.34 -21.06 24.75
CA VAL F 156 -20.74 -21.30 24.35
C VAL F 156 -20.92 -22.50 23.45
N HIS F 157 -19.86 -23.27 23.20
CA HIS F 157 -19.89 -24.37 22.24
C HIS F 157 -20.90 -25.44 22.65
N GLY F 158 -21.67 -25.90 21.67
CA GLY F 158 -22.70 -26.88 21.95
C GLY F 158 -23.97 -26.67 21.17
N HIS F 159 -24.07 -25.58 20.40
CA HIS F 159 -25.30 -25.28 19.69
C HIS F 159 -25.51 -26.23 18.52
N SER F 160 -24.46 -26.56 17.80
CA SER F 160 -24.55 -27.49 16.68
C SER F 160 -24.30 -28.92 17.11
N VAL F 161 -23.95 -29.13 18.36
CA VAL F 161 -23.73 -30.48 18.85
C VAL F 161 -25.06 -31.19 19.03
N ARG F 162 -25.05 -32.48 18.76
CA ARG F 162 -26.17 -33.37 19.02
C ARG F 162 -26.50 -33.35 20.51
N LEU F 163 -27.79 -33.44 20.81
CA LEU F 163 -28.26 -33.36 22.19
C LEU F 163 -27.77 -34.56 22.98
N GLN F 164 -27.79 -34.41 24.30
CA GLN F 164 -27.52 -35.57 25.14
C GLN F 164 -28.71 -36.51 25.11
N GLU F 165 -28.47 -37.73 25.57
CA GLU F 165 -29.47 -38.79 25.46
C GLU F 165 -30.71 -38.53 26.31
N ASP F 166 -30.63 -37.66 27.29
CA ASP F 166 -31.80 -37.23 28.05
C ASP F 166 -32.39 -35.93 27.51
N GLY F 167 -32.16 -35.65 26.23
CA GLY F 167 -32.83 -34.54 25.58
C GLY F 167 -32.29 -33.19 25.94
N VAL F 168 -31.16 -33.13 26.63
CA VAL F 168 -30.56 -31.89 27.11
C VAL F 168 -29.44 -31.51 26.17
N MET F 169 -29.37 -30.24 25.81
CA MET F 169 -28.25 -29.73 25.05
C MET F 169 -26.95 -29.92 25.83
N PHE F 170 -25.87 -30.16 25.10
CA PHE F 170 -24.59 -30.49 25.72
C PHE F 170 -24.08 -29.30 26.53
N ASP F 171 -23.83 -29.53 27.82
CA ASP F 171 -23.36 -28.48 28.73
C ASP F 171 -21.86 -28.63 28.92
N MET F 172 -21.09 -27.65 28.47
CA MET F 172 -19.65 -27.79 28.59
C MET F 172 -19.18 -27.57 30.01
N LEU F 173 -19.78 -26.62 30.73
CA LEU F 173 -19.39 -26.30 32.09
C LEU F 173 -20.50 -26.53 33.11
N ASP F 174 -21.59 -27.20 32.72
CA ASP F 174 -22.69 -27.60 33.59
C ASP F 174 -23.35 -26.39 34.25
N ARG F 175 -23.70 -25.42 33.43
CA ARG F 175 -24.44 -24.29 33.97
C ARG F 175 -25.92 -24.59 34.12
N ARG F 176 -26.35 -25.78 33.72
CA ARG F 176 -27.59 -26.42 34.16
C ARG F 176 -27.51 -27.90 33.82
N ARG F 177 -28.24 -28.71 34.58
CA ARG F 177 -28.26 -30.15 34.35
C ARG F 177 -29.53 -30.73 34.94
N LEU F 178 -29.89 -31.92 34.49
CA LEU F 178 -31.03 -32.66 35.04
C LEU F 178 -30.59 -33.40 36.30
N GLU F 179 -31.24 -33.08 37.42
CA GLU F 179 -31.11 -33.88 38.63
C GLU F 179 -32.49 -34.12 39.21
N GLY F 180 -32.79 -35.38 39.52
CA GLY F 180 -34.07 -35.73 40.07
C GLY F 180 -35.24 -35.56 39.12
N GLY F 181 -34.99 -35.63 37.81
CA GLY F 181 -36.05 -35.45 36.84
C GLY F 181 -36.40 -34.01 36.54
N VAL F 182 -35.77 -33.05 37.21
CA VAL F 182 -35.98 -31.64 36.94
C VAL F 182 -34.64 -31.02 36.61
N ILE F 183 -34.68 -29.88 35.95
CA ILE F 183 -33.48 -29.20 35.48
C ILE F 183 -32.96 -28.30 36.59
N ILE F 184 -31.64 -28.32 36.80
CA ILE F 184 -31.02 -27.79 38.01
C ILE F 184 -29.88 -26.85 37.64
N MET F 185 -29.99 -25.60 38.08
CA MET F 185 -28.98 -24.58 37.81
C MET F 185 -28.17 -24.30 39.07
N ASP F 186 -26.87 -24.51 39.01
CA ASP F 186 -26.01 -24.34 40.16
C ASP F 186 -24.85 -23.39 39.93
N LYS F 187 -24.55 -23.03 38.69
CA LYS F 187 -23.48 -22.12 38.38
C LYS F 187 -24.04 -20.84 37.78
N ASP F 188 -23.19 -19.85 37.65
CA ASP F 188 -23.55 -18.61 37.01
C ASP F 188 -23.40 -18.77 35.51
N GLN F 189 -23.64 -17.71 34.73
CA GLN F 189 -23.49 -17.88 33.30
C GLN F 189 -22.02 -18.00 32.91
N VAL F 190 -21.12 -17.40 33.71
CA VAL F 190 -19.70 -17.54 33.48
C VAL F 190 -19.11 -18.72 34.22
N ALA F 191 -19.96 -19.57 34.79
CA ALA F 191 -19.60 -20.84 35.42
C ALA F 191 -18.68 -20.66 36.64
N ILE F 192 -19.17 -19.88 37.60
CA ILE F 192 -18.69 -19.93 38.98
C ILE F 192 -19.88 -20.26 39.87
N PRO F 193 -19.76 -21.21 40.80
CA PRO F 193 -20.94 -21.84 41.37
C PRO F 193 -21.58 -20.98 42.44
N LEU F 194 -22.73 -21.43 42.90
CA LEU F 194 -23.49 -20.76 43.94
C LEU F 194 -23.67 -21.70 45.12
N ASP F 195 -23.86 -21.10 46.30
CA ASP F 195 -24.24 -21.87 47.47
C ASP F 195 -25.67 -22.37 47.38
N ARG F 196 -26.49 -21.72 46.55
CA ARG F 196 -27.88 -22.07 46.35
C ARG F 196 -28.07 -22.79 45.02
N LYS F 197 -29.17 -23.51 44.93
CA LYS F 197 -29.44 -24.39 43.81
C LYS F 197 -30.81 -24.06 43.24
N VAL F 198 -30.86 -23.77 41.95
CA VAL F 198 -32.03 -23.17 41.33
C VAL F 198 -32.92 -24.25 40.73
N ASN F 199 -34.15 -24.33 41.20
CA ASN F 199 -35.18 -25.17 40.59
C ASN F 199 -35.57 -24.53 39.28
N LEU F 200 -34.87 -24.94 38.22
CA LEU F 200 -35.05 -24.32 36.93
C LEU F 200 -36.27 -24.89 36.19
N GLY F 201 -36.84 -25.97 36.71
CA GLY F 201 -38.14 -26.44 36.24
C GLY F 201 -38.15 -27.79 35.57
N LYS F 202 -39.01 -27.96 34.57
CA LYS F 202 -39.18 -29.23 33.90
C LYS F 202 -38.89 -29.05 32.40
N PRO F 203 -37.95 -29.80 31.85
CA PRO F 203 -37.67 -29.69 30.41
C PRO F 203 -38.76 -30.31 29.56
N MET F 204 -38.95 -29.78 28.36
CA MET F 204 -39.92 -30.28 27.40
C MET F 204 -39.46 -31.64 26.86
N SER F 205 -40.43 -32.46 26.49
CA SER F 205 -40.13 -33.69 25.77
C SER F 205 -39.73 -33.36 24.34
N SER F 206 -39.12 -34.35 23.67
CA SER F 206 -38.61 -34.14 22.33
C SER F 206 -39.71 -33.81 21.34
N GLU F 207 -40.87 -34.44 21.47
CA GLU F 207 -41.96 -34.17 20.54
C GLU F 207 -42.68 -32.87 20.88
N GLU F 208 -42.41 -32.30 22.05
CA GLU F 208 -43.07 -31.05 22.44
C GLU F 208 -42.30 -29.84 21.96
N ALA F 209 -40.97 -29.91 22.02
CA ALA F 209 -40.13 -28.81 21.56
C ALA F 209 -40.31 -28.57 20.08
N ALA F 210 -40.46 -29.66 19.31
CA ALA F 210 -40.70 -29.56 17.87
C ALA F 210 -41.99 -28.84 17.56
N LYS F 211 -42.98 -28.92 18.45
CA LYS F 211 -44.22 -28.20 18.24
C LYS F 211 -44.05 -26.70 18.42
N ARG F 212 -43.01 -26.27 19.14
CA ARG F 212 -42.84 -24.85 19.44
C ARG F 212 -41.41 -24.36 19.21
N THR F 213 -40.72 -24.90 18.22
CA THR F 213 -39.38 -24.43 17.93
C THR F 213 -39.40 -23.43 16.78
N THR F 214 -38.27 -22.73 16.62
CA THR F 214 -38.16 -21.68 15.61
C THR F 214 -37.11 -22.01 14.55
N ILE F 215 -36.60 -23.22 14.51
CA ILE F 215 -35.69 -23.63 13.47
C ILE F 215 -36.48 -24.42 12.45
N TYR F 216 -35.98 -24.44 11.21
CA TYR F 216 -36.55 -25.26 10.15
C TYR F 216 -35.69 -26.50 9.99
N ARG F 217 -36.31 -27.67 10.10
CA ARG F 217 -35.59 -28.91 9.97
C ARG F 217 -36.39 -29.85 9.08
N VAL F 218 -35.70 -30.52 8.15
CA VAL F 218 -36.34 -31.37 7.15
C VAL F 218 -37.07 -32.53 7.80
N ASP F 219 -36.59 -33.02 8.95
CA ASP F 219 -37.30 -34.06 9.65
C ASP F 219 -38.37 -33.53 10.61
N ASN F 220 -38.50 -32.22 10.74
CA ASN F 220 -39.59 -31.64 11.54
C ASN F 220 -40.55 -30.81 10.69
N VAL F 221 -40.06 -29.72 10.11
CA VAL F 221 -40.86 -28.81 9.30
C VAL F 221 -39.92 -28.35 8.20
N ALA F 222 -40.15 -28.83 6.97
CA ALA F 222 -39.18 -28.62 5.91
C ALA F 222 -39.16 -27.17 5.47
N PHE F 223 -37.96 -26.65 5.24
CA PHE F 223 -37.86 -25.33 4.63
C PHE F 223 -38.35 -25.37 3.18
N ARG F 224 -38.15 -26.51 2.51
CA ARG F 224 -38.60 -26.66 1.13
C ARG F 224 -40.12 -26.60 1.03
N ASP F 225 -40.83 -27.18 2.00
CA ASP F 225 -42.27 -27.21 1.96
C ASP F 225 -42.89 -25.85 2.31
N ASP F 226 -42.12 -24.95 2.90
CA ASP F 226 -42.64 -23.63 3.22
C ASP F 226 -42.39 -22.72 2.04
N ALA F 227 -43.35 -22.69 1.11
CA ALA F 227 -43.22 -21.83 -0.06
C ALA F 227 -43.34 -20.36 0.30
N GLU F 228 -43.89 -20.05 1.46
CA GLU F 228 -44.02 -18.67 1.90
C GLU F 228 -42.67 -18.06 2.26
N VAL F 229 -41.86 -18.76 3.05
CA VAL F 229 -40.56 -18.20 3.44
C VAL F 229 -39.58 -18.26 2.29
N ILE F 230 -39.61 -19.34 1.49
CA ILE F 230 -38.85 -19.41 0.26
C ILE F 230 -39.19 -18.25 -0.65
N GLU F 231 -40.48 -17.95 -0.79
CA GLU F 231 -40.87 -16.86 -1.66
C GLU F 231 -40.47 -15.53 -1.05
N TRP F 232 -40.43 -15.43 0.27
CA TRP F 232 -39.95 -14.21 0.92
C TRP F 232 -38.47 -13.96 0.63
N VAL F 233 -37.66 -15.00 0.75
CA VAL F 233 -36.23 -14.87 0.47
C VAL F 233 -36.02 -14.52 -0.99
N HIS F 234 -36.81 -15.11 -1.88
CA HIS F 234 -36.74 -14.78 -3.30
C HIS F 234 -37.13 -13.33 -3.56
N ARG F 235 -38.17 -12.85 -2.87
CA ARG F 235 -38.61 -11.47 -3.04
C ARG F 235 -37.52 -10.48 -2.63
N VAL F 236 -36.92 -10.71 -1.45
CA VAL F 236 -35.93 -9.74 -0.99
C VAL F 236 -34.64 -9.83 -1.78
N PHE F 237 -34.27 -11.04 -2.25
CA PHE F 237 -33.08 -11.16 -3.08
C PHE F 237 -33.27 -10.49 -4.43
N ASP F 238 -34.43 -10.71 -5.06
CA ASP F 238 -34.73 -10.07 -6.33
C ASP F 238 -34.74 -8.56 -6.19
N GLN F 239 -35.32 -8.05 -5.10
CA GLN F 239 -35.35 -6.61 -4.89
C GLN F 239 -33.95 -6.06 -4.65
N ARG F 240 -33.13 -6.76 -3.88
CA ARG F 240 -31.76 -6.32 -3.63
C ARG F 240 -30.95 -6.23 -4.92
N THR F 241 -30.95 -7.30 -5.71
CA THR F 241 -30.11 -7.32 -6.91
C THR F 241 -30.67 -6.41 -7.99
N SER F 242 -31.99 -6.40 -8.18
CA SER F 242 -32.60 -5.55 -9.19
C SER F 242 -32.46 -4.08 -8.87
N TYR F 243 -32.51 -3.70 -7.59
CA TYR F 243 -32.37 -2.31 -7.25
C TYR F 243 -30.91 -1.92 -7.04
N GLY F 244 -30.02 -2.90 -7.01
CA GLY F 244 -28.60 -2.61 -7.17
C GLY F 244 -28.20 -2.36 -8.60
N PHE F 245 -28.86 -3.00 -9.55
CA PHE F 245 -28.66 -2.61 -10.95
C PHE F 245 -29.32 -1.27 -11.22
N GLN F 246 -30.64 -1.22 -11.15
CA GLN F 246 -31.38 0.03 -11.32
C GLN F 246 -32.26 0.26 -10.11
N PRO F 247 -31.96 1.22 -9.25
CA PRO F 247 -32.86 1.52 -8.12
C PRO F 247 -34.04 2.35 -8.58
N LYS F 248 -34.93 1.72 -9.33
CA LYS F 248 -36.09 2.41 -9.85
C LYS F 248 -37.36 1.60 -9.61
N ASP G 33 -8.75 -52.40 0.78
CA ASP G 33 -8.22 -53.14 1.91
C ASP G 33 -9.02 -52.82 3.17
N SER G 34 -8.45 -51.99 4.04
CA SER G 34 -9.10 -51.59 5.29
C SER G 34 -9.96 -50.37 5.01
N ILE G 35 -11.27 -50.55 5.10
CA ILE G 35 -12.20 -49.48 4.75
C ILE G 35 -12.47 -48.62 5.98
N GLN G 36 -12.86 -47.38 5.73
CA GLN G 36 -13.12 -46.42 6.78
C GLN G 36 -14.62 -46.28 6.98
N ILE G 37 -15.05 -46.57 8.20
CA ILE G 37 -16.45 -46.51 8.62
C ILE G 37 -16.57 -45.65 9.86
N GLU G 38 -17.61 -44.81 9.91
CA GLU G 38 -17.88 -43.97 11.07
C GLU G 38 -19.33 -44.14 11.50
N ILE G 39 -19.56 -44.22 12.80
CA ILE G 39 -20.88 -44.36 13.37
C ILE G 39 -21.27 -43.03 13.97
N PHE G 40 -22.41 -42.50 13.55
CA PHE G 40 -22.82 -41.14 13.89
C PHE G 40 -24.19 -41.19 14.58
N PRO G 41 -24.24 -41.34 15.90
CA PRO G 41 -25.54 -41.35 16.59
C PRO G 41 -26.24 -40.01 16.48
N SER G 42 -27.57 -40.04 16.54
CA SER G 42 -28.33 -38.80 16.41
C SER G 42 -28.31 -37.95 17.66
N ARG G 43 -27.90 -38.52 18.79
CA ARG G 43 -27.72 -37.80 20.04
C ARG G 43 -26.30 -38.05 20.52
N ILE G 44 -25.69 -37.04 21.15
CA ILE G 44 -24.35 -37.25 21.69
C ILE G 44 -24.44 -38.28 22.80
N LEU G 45 -23.47 -39.18 22.85
CA LEU G 45 -23.59 -40.31 23.75
C LEU G 45 -23.33 -39.85 25.18
N SER G 46 -24.37 -39.91 26.00
CA SER G 46 -24.15 -39.85 27.43
C SER G 46 -23.36 -41.08 27.85
N PRO G 47 -22.49 -40.94 28.85
CA PRO G 47 -21.62 -42.07 29.23
C PRO G 47 -22.35 -43.31 29.71
N GLU G 48 -23.61 -43.18 30.17
CA GLU G 48 -24.32 -44.34 30.71
C GLU G 48 -24.66 -45.36 29.63
N THR G 49 -24.66 -44.97 28.36
CA THR G 49 -24.69 -45.95 27.28
C THR G 49 -23.37 -46.07 26.54
N ALA G 50 -22.42 -45.19 26.85
CA ALA G 50 -21.11 -45.29 26.21
C ALA G 50 -20.26 -46.38 26.81
N GLN G 51 -20.61 -46.91 27.99
CA GLN G 51 -19.96 -48.14 28.42
C GLN G 51 -20.30 -49.28 27.47
N LYS G 52 -21.59 -49.45 27.19
CA LYS G 52 -22.06 -50.60 26.42
C LYS G 52 -21.71 -50.53 24.95
N LEU G 53 -21.80 -49.36 24.31
CA LEU G 53 -21.58 -49.28 22.87
C LEU G 53 -20.12 -49.53 22.53
N ILE G 54 -19.20 -48.84 23.21
CA ILE G 54 -17.78 -48.97 22.91
C ILE G 54 -17.27 -50.35 23.31
N SER G 55 -17.81 -50.92 24.39
CA SER G 55 -17.44 -52.28 24.74
C SER G 55 -17.97 -53.29 23.73
N GLU G 56 -19.16 -53.02 23.16
CA GLU G 56 -19.70 -53.87 22.10
C GLU G 56 -18.80 -53.85 20.88
N LEU G 57 -18.28 -52.70 20.53
CA LEU G 57 -17.36 -52.60 19.41
C LEU G 57 -16.00 -53.18 19.70
N TYR G 58 -15.76 -53.91 20.80
CA TYR G 58 -14.54 -54.67 20.96
C TYR G 58 -14.74 -56.17 20.80
N GLN G 59 -15.98 -56.63 20.65
CA GLN G 59 -16.19 -58.00 20.18
C GLN G 59 -16.32 -58.08 18.67
N VAL G 60 -16.34 -56.94 17.99
CA VAL G 60 -16.37 -56.93 16.54
C VAL G 60 -15.03 -57.41 16.00
N ASP G 61 -15.06 -58.44 15.15
CA ASP G 61 -13.85 -59.10 14.73
C ASP G 61 -13.07 -58.21 13.75
N GLY G 62 -11.75 -58.27 13.87
CA GLY G 62 -10.89 -57.59 12.93
C GLY G 62 -10.87 -56.08 13.03
N ILE G 63 -10.25 -55.55 14.08
CA ILE G 63 -10.23 -54.12 14.33
C ILE G 63 -8.78 -53.61 14.29
N ILE G 64 -8.58 -52.46 13.66
CA ILE G 64 -7.27 -51.82 13.64
C ILE G 64 -7.27 -50.64 14.59
N ARG G 65 -8.15 -49.68 14.32
CA ARG G 65 -8.13 -48.43 15.08
C ARG G 65 -9.56 -47.99 15.34
N VAL G 66 -9.80 -47.51 16.55
CA VAL G 66 -11.09 -46.98 16.97
C VAL G 66 -10.88 -45.51 17.29
N MET G 67 -11.57 -44.64 16.57
CA MET G 67 -11.45 -43.21 16.79
C MET G 67 -12.83 -42.69 17.17
N VAL G 68 -12.88 -41.87 18.21
CA VAL G 68 -14.12 -41.26 18.67
C VAL G 68 -13.78 -39.84 19.12
N GLN G 69 -14.62 -38.88 18.76
CA GLN G 69 -14.33 -37.54 19.24
C GLN G 69 -15.63 -36.81 19.54
N GLY G 70 -15.71 -36.24 20.73
CA GLY G 70 -16.84 -35.44 21.11
C GLY G 70 -16.36 -34.10 21.60
N PRO G 71 -17.28 -33.23 21.97
CA PRO G 71 -16.87 -31.92 22.47
C PRO G 71 -16.19 -32.02 23.83
N ARG G 72 -15.45 -30.96 24.14
CA ARG G 72 -14.55 -30.95 25.29
C ARG G 72 -15.31 -30.96 26.61
N LEU G 73 -14.75 -31.66 27.58
CA LEU G 73 -15.19 -31.54 28.96
C LEU G 73 -14.04 -31.02 29.79
N PRO G 74 -14.03 -29.73 30.13
CA PRO G 74 -12.87 -29.16 30.83
C PRO G 74 -13.01 -29.21 32.35
N GLU G 75 -11.91 -29.57 33.01
CA GLU G 75 -11.87 -29.56 34.46
C GLU G 75 -11.93 -28.16 35.04
N ARG G 76 -11.49 -27.15 34.29
CA ARG G 76 -11.45 -25.78 34.77
C ARG G 76 -11.98 -24.85 33.68
N VAL G 77 -12.71 -23.82 34.10
CA VAL G 77 -13.21 -22.82 33.18
C VAL G 77 -12.04 -21.99 32.66
N SER G 78 -11.88 -21.95 31.34
CA SER G 78 -10.72 -21.31 30.74
C SER G 78 -11.05 -20.03 29.98
N ALA G 79 -12.22 -19.43 30.21
CA ALA G 79 -12.57 -18.18 29.55
C ALA G 79 -13.56 -17.40 30.40
N GLY G 80 -13.65 -16.11 30.12
CA GLY G 80 -14.60 -15.25 30.76
C GLY G 80 -14.21 -14.91 32.18
N PRO G 81 -15.03 -14.10 32.87
CA PRO G 81 -14.72 -13.72 34.25
C PRO G 81 -14.74 -14.87 35.23
N GLY G 82 -15.25 -16.03 34.84
CA GLY G 82 -15.25 -17.17 35.71
C GLY G 82 -14.04 -18.05 35.53
N THR G 83 -12.98 -17.50 34.94
CA THR G 83 -11.79 -18.28 34.66
C THR G 83 -11.10 -18.72 35.95
N GLY G 84 -10.81 -19.99 36.06
CA GLY G 84 -10.22 -20.51 37.26
C GLY G 84 -11.25 -21.05 38.22
N GLU G 85 -12.31 -21.64 37.68
CA GLU G 85 -13.34 -22.31 38.47
C GLU G 85 -13.35 -23.78 38.09
N LYS G 86 -13.48 -24.65 39.08
CA LYS G 86 -13.28 -26.08 38.92
C LYS G 86 -14.63 -26.71 38.61
N VAL G 87 -14.68 -27.49 37.52
CA VAL G 87 -15.92 -28.10 37.06
C VAL G 87 -15.79 -29.61 37.16
N GLU G 88 -16.70 -30.23 37.91
CA GLU G 88 -16.93 -31.66 37.85
C GLU G 88 -18.08 -31.91 36.88
N HIS G 89 -17.89 -32.83 35.97
CA HIS G 89 -18.92 -32.92 34.96
C HIS G 89 -19.68 -34.23 35.10
N PRO G 90 -21.01 -34.22 34.89
CA PRO G 90 -21.76 -35.47 34.89
C PRO G 90 -21.43 -36.39 33.73
N LEU G 91 -20.82 -35.88 32.66
CA LEU G 91 -20.50 -36.69 31.50
C LEU G 91 -19.09 -37.25 31.55
N ARG G 92 -18.50 -37.34 32.74
CA ARG G 92 -17.14 -37.82 32.87
C ARG G 92 -17.12 -39.25 33.43
N LYS G 93 -15.92 -39.84 33.39
CA LYS G 93 -15.63 -41.27 33.54
C LYS G 93 -16.54 -42.08 32.63
N PRO G 94 -16.29 -42.10 31.31
CA PRO G 94 -17.30 -42.66 30.39
C PRO G 94 -17.26 -44.17 30.28
N ILE G 95 -16.07 -44.76 30.37
CA ILE G 95 -15.82 -46.11 29.87
C ILE G 95 -15.36 -47.00 31.01
N GLN G 96 -15.85 -48.24 31.01
CA GLN G 96 -15.26 -49.33 31.77
C GLN G 96 -15.25 -50.55 30.87
N ILE G 97 -14.07 -50.92 30.36
CA ILE G 97 -13.97 -52.07 29.48
C ILE G 97 -14.01 -53.37 30.27
N GLY G 98 -13.10 -53.51 31.23
CA GLY G 98 -13.09 -54.68 32.09
C GLY G 98 -11.84 -55.52 31.92
N ASP G 99 -11.46 -55.81 30.67
CA ASP G 99 -10.14 -56.38 30.42
C ASP G 99 -9.06 -55.35 30.66
N GLN G 100 -9.38 -54.08 30.38
CA GLN G 100 -8.62 -52.93 30.82
C GLN G 100 -9.60 -51.92 31.39
N VAL G 101 -9.07 -50.84 31.95
CA VAL G 101 -9.86 -49.72 32.43
C VAL G 101 -9.50 -48.50 31.61
N ILE G 102 -10.50 -47.86 31.01
CA ILE G 102 -10.29 -46.62 30.29
C ILE G 102 -10.72 -45.48 31.19
N GLU G 103 -9.79 -44.56 31.45
CA GLU G 103 -9.96 -43.59 32.51
C GLU G 103 -10.82 -42.43 32.01
N LEU G 104 -11.06 -41.47 32.92
CA LEU G 104 -12.04 -40.43 32.69
C LEU G 104 -11.59 -39.46 31.60
N LYS G 105 -12.47 -39.21 30.65
CA LYS G 105 -12.12 -38.42 29.49
C LYS G 105 -13.43 -37.86 28.94
N ILE G 106 -13.33 -36.94 27.97
CA ILE G 106 -14.46 -36.13 27.50
C ILE G 106 -15.50 -36.96 26.77
N SER G 107 -16.61 -36.32 26.41
CA SER G 107 -17.77 -37.00 25.81
C SER G 107 -17.41 -37.67 24.49
N VAL G 108 -18.24 -38.63 24.10
CA VAL G 108 -17.97 -39.47 22.93
C VAL G 108 -19.08 -39.33 21.91
N GLY G 109 -18.78 -39.67 20.68
CA GLY G 109 -19.64 -39.48 19.53
C GLY G 109 -18.79 -39.52 18.27
N ARG G 110 -19.46 -39.78 17.15
CA ARG G 110 -18.82 -39.98 15.84
C ARG G 110 -17.71 -41.03 15.92
N ILE G 111 -18.13 -42.25 16.23
CA ILE G 111 -17.19 -43.34 16.47
C ILE G 111 -16.71 -43.83 15.11
N ARG G 112 -15.48 -43.49 14.74
CA ARG G 112 -14.90 -43.89 13.47
C ARG G 112 -14.04 -45.13 13.66
N LEU G 113 -14.15 -46.06 12.72
CA LEU G 113 -13.60 -47.40 12.91
C LEU G 113 -12.70 -47.76 11.73
N GLU G 114 -11.84 -48.75 11.92
CA GLU G 114 -10.98 -49.27 10.86
C GLU G 114 -10.98 -50.79 10.94
N ILE G 115 -11.48 -51.44 9.89
CA ILE G 115 -11.70 -52.88 9.84
C ILE G 115 -11.14 -53.46 8.56
N GLU G 116 -10.49 -54.63 8.66
CA GLU G 116 -9.94 -55.27 7.46
C GLU G 116 -11.04 -55.83 6.57
N ASN G 117 -11.96 -56.59 7.15
CA ASN G 117 -12.97 -57.28 6.38
C ASN G 117 -14.13 -56.35 6.07
N ALA G 118 -14.57 -56.36 4.82
CA ALA G 118 -15.75 -55.61 4.44
C ALA G 118 -17.05 -56.35 4.75
N GLU G 119 -16.95 -57.61 5.20
CA GLU G 119 -18.14 -58.34 5.61
C GLU G 119 -18.72 -57.79 6.89
N THR G 120 -17.90 -57.15 7.72
CA THR G 120 -18.36 -56.44 8.91
C THR G 120 -18.52 -54.94 8.69
N LYS G 121 -18.58 -54.50 7.43
CA LYS G 121 -19.03 -53.13 7.16
C LYS G 121 -20.48 -52.94 7.58
N GLU G 122 -21.33 -53.93 7.29
CA GLU G 122 -22.73 -53.86 7.65
C GLU G 122 -23.05 -54.56 8.96
N LYS G 123 -22.18 -55.43 9.46
CA LYS G 123 -22.43 -56.01 10.76
C LYS G 123 -22.13 -55.02 11.88
N VAL G 124 -21.20 -54.09 11.66
CA VAL G 124 -21.06 -52.93 12.54
C VAL G 124 -22.32 -52.07 12.49
N ARG G 125 -22.90 -51.90 11.29
CA ARG G 125 -24.24 -51.30 11.20
C ARG G 125 -25.28 -52.16 11.92
N SER G 126 -25.07 -53.48 11.95
CA SER G 126 -26.01 -54.33 12.67
C SER G 126 -25.83 -54.22 14.17
N VAL G 127 -24.60 -54.39 14.68
CA VAL G 127 -24.40 -54.38 16.12
C VAL G 127 -24.52 -52.99 16.74
N CYS G 128 -24.50 -51.94 15.93
CA CYS G 128 -24.88 -50.62 16.40
C CYS G 128 -26.37 -50.56 16.74
N ASP G 129 -27.20 -51.35 16.05
CA ASP G 129 -28.64 -51.29 16.25
C ASP G 129 -29.06 -51.84 17.61
N LYS G 130 -28.35 -52.87 18.10
CA LYS G 130 -28.82 -53.55 19.30
C LYS G 130 -28.40 -52.82 20.58
N MET G 131 -27.30 -52.09 20.56
CA MET G 131 -26.81 -51.47 21.78
C MET G 131 -26.71 -49.96 21.73
N LEU G 132 -27.11 -49.35 20.62
CA LEU G 132 -27.47 -47.94 20.65
C LEU G 132 -28.99 -47.85 20.59
N PRO G 133 -29.63 -47.13 21.49
CA PRO G 133 -31.09 -47.26 21.64
C PRO G 133 -31.90 -46.34 20.75
N PHE G 134 -31.30 -45.73 19.73
CA PHE G 134 -32.04 -44.81 18.88
C PHE G 134 -31.38 -44.76 17.51
N SER G 135 -31.92 -43.92 16.64
CA SER G 135 -31.48 -43.86 15.25
C SER G 135 -30.08 -43.28 15.15
N PHE G 136 -29.28 -43.82 14.24
CA PHE G 136 -27.96 -43.29 13.96
C PHE G 136 -27.85 -43.01 12.47
N GLU G 137 -27.10 -41.97 12.16
CA GLU G 137 -26.86 -41.56 10.79
C GLU G 137 -25.53 -42.13 10.33
N PHE G 138 -25.18 -41.91 9.06
CA PHE G 138 -24.12 -42.74 8.52
C PHE G 138 -23.46 -42.04 7.33
N ARG G 139 -22.20 -42.37 7.10
CA ARG G 139 -21.39 -41.86 6.00
C ARG G 139 -20.24 -42.85 5.83
N GLU G 140 -19.46 -42.66 4.77
CA GLU G 140 -18.49 -43.69 4.39
C GLU G 140 -17.33 -43.12 3.59
N GLY G 141 -16.12 -43.59 3.91
CA GLY G 141 -15.00 -43.57 2.99
C GLY G 141 -13.64 -43.05 3.41
N HIS G 142 -13.57 -41.94 4.13
CA HIS G 142 -12.25 -41.32 4.38
C HIS G 142 -12.31 -40.56 5.70
N PHE G 143 -11.84 -41.20 6.78
CA PHE G 143 -12.03 -40.67 8.11
C PHE G 143 -10.80 -40.71 9.02
N LEU G 144 -9.83 -41.58 8.73
CA LEU G 144 -8.73 -41.82 9.66
C LEU G 144 -7.41 -41.89 8.91
N ARG G 145 -6.32 -41.65 9.64
CA ARG G 145 -4.99 -41.55 9.05
C ARG G 145 -4.48 -42.89 8.53
N ARG G 146 -3.68 -42.83 7.47
CA ARG G 146 -3.01 -43.99 6.89
C ARG G 146 -1.50 -43.90 7.02
N LYS G 147 -0.91 -42.82 6.50
CA LYS G 147 0.52 -42.58 6.44
C LYS G 147 0.83 -41.16 6.94
N PRO G 148 1.97 -40.95 7.60
CA PRO G 148 2.09 -39.83 8.55
C PRO G 148 2.11 -38.46 7.90
N THR G 149 1.61 -37.48 8.65
CA THR G 149 1.58 -36.08 8.27
C THR G 149 2.87 -35.41 8.74
N VAL G 150 2.92 -34.07 8.66
CA VAL G 150 4.18 -33.38 8.96
C VAL G 150 4.43 -33.23 10.46
N THR G 151 3.39 -33.28 11.30
CA THR G 151 3.61 -33.21 12.74
C THR G 151 4.19 -34.52 13.28
N ASP G 152 4.01 -35.61 12.56
CA ASP G 152 4.48 -36.91 13.01
C ASP G 152 5.95 -37.11 12.66
#